data_1WFU
#
_entry.id   1WFU
#
_entity_poly.entity_id   1
_entity_poly.type   'polypeptide(L)'
_entity_poly.pdbx_seq_one_letter_code
;GSSGSSGMEPHKVVPLSKPHPPVVGKVTHHSIELYWDLEQKEKRQGPQEQWLRFSIEEEDPKMHSYGVIYTGYATRHVVE
GLEPRTLYKFRLKVTSPSGEYEYSPVVSVATTRESGPSSG
;
_entity_poly.pdbx_strand_id   A
#
# COMPACT_ATOMS: atom_id res chain seq x y z
N GLY A 1 -3.28 11.56 -15.90
CA GLY A 1 -3.96 11.01 -17.06
C GLY A 1 -5.46 10.87 -16.84
N SER A 2 -6.23 10.93 -17.92
CA SER A 2 -7.68 10.82 -17.84
C SER A 2 -8.15 9.53 -18.51
N SER A 3 -7.78 8.40 -17.93
CA SER A 3 -8.16 7.09 -18.46
C SER A 3 -8.84 6.25 -17.40
N GLY A 4 -9.96 5.62 -17.76
CA GLY A 4 -10.69 4.79 -16.83
C GLY A 4 -12.05 4.37 -17.35
N SER A 5 -12.07 3.32 -18.18
CA SER A 5 -13.32 2.83 -18.75
C SER A 5 -13.37 1.31 -18.72
N SER A 6 -14.53 0.77 -18.34
CA SER A 6 -14.70 -0.68 -18.26
C SER A 6 -16.16 -1.05 -18.49
N GLY A 7 -16.39 -1.98 -19.43
CA GLY A 7 -17.74 -2.42 -19.73
C GLY A 7 -18.02 -3.83 -19.25
N MET A 8 -17.67 -4.10 -18.00
CA MET A 8 -17.88 -5.43 -17.42
C MET A 8 -18.44 -5.32 -16.00
N GLU A 9 -19.51 -6.05 -15.74
CA GLU A 9 -20.14 -6.04 -14.42
C GLU A 9 -20.28 -7.46 -13.87
N PRO A 10 -20.09 -7.60 -12.55
CA PRO A 10 -20.19 -8.90 -11.87
C PRO A 10 -21.62 -9.42 -11.82
N HIS A 11 -21.81 -10.67 -12.25
CA HIS A 11 -23.12 -11.28 -12.25
C HIS A 11 -23.51 -11.75 -10.85
N LYS A 12 -24.71 -11.38 -10.43
CA LYS A 12 -25.21 -11.76 -9.11
C LYS A 12 -24.07 -11.81 -8.09
N VAL A 13 -23.29 -10.73 -8.04
CA VAL A 13 -22.16 -10.65 -7.11
C VAL A 13 -21.67 -9.22 -6.96
N VAL A 14 -21.30 -8.85 -5.74
CA VAL A 14 -20.80 -7.50 -5.47
C VAL A 14 -19.45 -7.55 -4.75
N PRO A 15 -18.43 -6.94 -5.38
CA PRO A 15 -17.08 -6.88 -4.82
C PRO A 15 -17.00 -6.00 -3.58
N LEU A 16 -15.90 -6.11 -2.85
CA LEU A 16 -15.68 -5.31 -1.65
C LEU A 16 -15.22 -3.90 -2.00
N SER A 17 -15.40 -2.98 -1.06
CA SER A 17 -15.00 -1.59 -1.28
C SER A 17 -13.49 -1.49 -1.50
N LYS A 18 -13.06 -0.38 -2.08
CA LYS A 18 -11.65 -0.15 -2.34
C LYS A 18 -10.91 0.29 -1.08
N PRO A 19 -9.72 -0.29 -0.86
CA PRO A 19 -8.90 0.03 0.30
C PRO A 19 -8.33 1.44 0.25
N HIS A 20 -8.04 2.01 1.42
CA HIS A 20 -7.48 3.35 1.50
C HIS A 20 -5.95 3.31 1.43
N PRO A 21 -5.35 4.44 1.02
CA PRO A 21 -3.90 4.56 0.91
C PRO A 21 -3.20 4.57 2.27
N PRO A 22 -2.05 3.89 2.35
CA PRO A 22 -1.27 3.81 3.59
C PRO A 22 -0.63 5.14 3.96
N VAL A 23 -0.58 5.44 5.25
CA VAL A 23 0.00 6.68 5.74
C VAL A 23 1.50 6.52 5.96
N VAL A 24 2.23 7.64 5.87
CA VAL A 24 3.68 7.63 6.06
C VAL A 24 4.06 8.31 7.36
N GLY A 25 4.42 7.51 8.37
CA GLY A 25 4.80 8.06 9.65
C GLY A 25 6.23 8.53 9.67
N LYS A 26 7.17 7.61 9.85
CA LYS A 26 8.58 7.94 9.89
C LYS A 26 9.18 7.97 8.48
N VAL A 27 9.94 9.01 8.19
CA VAL A 27 10.57 9.16 6.88
C VAL A 27 12.09 9.25 7.00
N THR A 28 12.78 8.20 6.56
CA THR A 28 14.23 8.16 6.62
C THR A 28 14.84 8.21 5.22
N HIS A 29 16.03 8.80 5.13
CA HIS A 29 16.72 8.91 3.85
C HIS A 29 17.26 7.56 3.40
N HIS A 30 16.99 6.53 4.20
CA HIS A 30 17.46 5.18 3.88
C HIS A 30 16.30 4.19 3.90
N SER A 31 15.13 4.65 4.32
CA SER A 31 13.94 3.81 4.38
C SER A 31 12.68 4.66 4.49
N ILE A 32 11.52 4.00 4.43
CA ILE A 32 10.24 4.69 4.52
C ILE A 32 9.24 3.89 5.34
N GLU A 33 8.74 4.49 6.41
CA GLU A 33 7.78 3.83 7.28
C GLU A 33 6.36 3.97 6.73
N LEU A 34 5.57 2.90 6.84
CA LEU A 34 4.20 2.91 6.36
C LEU A 34 3.28 2.17 7.31
N TYR A 35 2.07 2.68 7.47
CA TYR A 35 1.09 2.07 8.36
C TYR A 35 -0.33 2.30 7.86
N TRP A 36 -1.03 1.22 7.55
CA TRP A 36 -2.40 1.31 7.05
C TRP A 36 -3.38 0.70 8.04
N ASP A 37 -3.16 0.97 9.33
CA ASP A 37 -4.02 0.45 10.38
C ASP A 37 -5.26 1.32 10.55
N LEU A 38 -5.67 1.98 9.47
CA LEU A 38 -6.84 2.85 9.49
C LEU A 38 -7.99 2.25 8.68
N GLU A 39 -7.80 1.00 8.24
CA GLU A 39 -8.81 0.31 7.46
C GLU A 39 -9.41 -0.85 8.25
N GLN A 40 -8.54 -1.73 8.75
CA GLN A 40 -8.99 -2.88 9.51
C GLN A 40 -9.21 -2.51 10.98
N LYS A 41 -9.62 -1.27 11.21
CA LYS A 41 -9.87 -0.79 12.56
C LYS A 41 -10.86 -1.70 13.29
N GLU A 42 -12.03 -1.89 12.69
CA GLU A 42 -13.06 -2.73 13.28
C GLU A 42 -12.43 -3.89 14.06
N LYS A 43 -12.95 -4.16 15.25
CA LYS A 43 -12.45 -5.25 16.09
C LYS A 43 -12.12 -6.47 15.25
N ARG A 44 -11.30 -7.36 15.80
CA ARG A 44 -10.91 -8.57 15.10
C ARG A 44 -11.99 -9.65 15.22
N GLN A 45 -13.24 -9.24 15.05
CA GLN A 45 -14.36 -10.16 15.16
C GLN A 45 -13.99 -11.53 14.57
N GLY A 46 -13.99 -12.55 15.42
CA GLY A 46 -13.65 -13.88 14.98
C GLY A 46 -12.18 -14.20 15.14
N PRO A 47 -11.78 -15.42 14.75
CA PRO A 47 -10.39 -15.87 14.84
C PRO A 47 -9.48 -15.16 13.86
N GLN A 48 -8.17 -15.27 14.08
CA GLN A 48 -7.20 -14.63 13.19
C GLN A 48 -7.39 -15.07 11.75
N GLU A 49 -7.90 -16.29 11.58
CA GLU A 49 -8.13 -16.83 10.24
C GLU A 49 -9.19 -16.03 9.50
N GLN A 50 -10.02 -15.31 10.26
CA GLN A 50 -11.08 -14.49 9.68
C GLN A 50 -10.59 -13.08 9.40
N TRP A 51 -9.29 -12.94 9.18
CA TRP A 51 -8.69 -11.64 8.92
C TRP A 51 -8.43 -11.46 7.42
N LEU A 52 -8.26 -10.21 7.01
CA LEU A 52 -8.00 -9.90 5.61
C LEU A 52 -6.51 -9.89 5.31
N ARG A 53 -6.15 -10.08 4.05
CA ARG A 53 -4.75 -10.08 3.63
C ARG A 53 -4.35 -8.73 3.06
N PHE A 54 -3.12 -8.30 3.38
CA PHE A 54 -2.62 -7.02 2.90
C PHE A 54 -1.32 -7.21 2.14
N SER A 55 -1.35 -6.92 0.84
CA SER A 55 -0.16 -7.06 0.00
C SER A 55 0.27 -5.71 -0.56
N ILE A 56 1.53 -5.36 -0.33
CA ILE A 56 2.07 -4.09 -0.81
C ILE A 56 2.99 -4.31 -2.01
N GLU A 57 2.88 -3.41 -2.99
CA GLU A 57 3.71 -3.51 -4.19
C GLU A 57 4.39 -2.18 -4.48
N GLU A 58 5.33 -2.19 -5.43
CA GLU A 58 6.06 -0.98 -5.81
C GLU A 58 6.35 -0.97 -7.30
N GLU A 59 6.22 0.21 -7.91
CA GLU A 59 6.47 0.35 -9.33
C GLU A 59 7.95 0.62 -9.60
N ASP A 60 8.43 0.15 -10.76
CA ASP A 60 9.82 0.34 -11.13
C ASP A 60 9.96 1.40 -12.21
N PRO A 61 10.85 2.38 -11.97
CA PRO A 61 11.09 3.48 -12.92
C PRO A 61 11.81 3.01 -14.17
N LYS A 62 12.43 1.84 -14.09
CA LYS A 62 13.15 1.28 -15.23
C LYS A 62 12.35 0.15 -15.89
N MET A 63 11.66 -0.62 -15.06
CA MET A 63 10.84 -1.73 -15.56
C MET A 63 9.38 -1.31 -15.69
N HIS A 64 9.09 -0.06 -15.38
CA HIS A 64 7.73 0.46 -15.46
C HIS A 64 6.71 -0.59 -15.06
N SER A 65 7.11 -1.46 -14.12
CA SER A 65 6.23 -2.53 -13.65
C SER A 65 6.15 -2.53 -12.13
N TYR A 66 5.14 -3.20 -11.59
CA TYR A 66 4.95 -3.27 -10.16
C TYR A 66 5.49 -4.59 -9.60
N GLY A 67 5.77 -4.60 -8.30
CA GLY A 67 6.30 -5.80 -7.67
C GLY A 67 5.97 -5.86 -6.19
N VAL A 68 5.28 -6.93 -5.79
CA VAL A 68 4.91 -7.12 -4.40
C VAL A 68 6.13 -7.11 -3.49
N ILE A 69 6.37 -5.98 -2.82
CA ILE A 69 7.50 -5.85 -1.92
C ILE A 69 7.22 -6.52 -0.58
N TYR A 70 5.95 -6.55 -0.19
CA TYR A 70 5.55 -7.16 1.06
C TYR A 70 4.22 -7.91 0.91
N THR A 71 4.06 -8.97 1.69
CA THR A 71 2.84 -9.77 1.64
C THR A 71 2.56 -10.42 2.99
N GLY A 72 1.49 -10.00 3.64
CA GLY A 72 1.13 -10.56 4.93
C GLY A 72 -0.17 -10.00 5.47
N TYR A 73 -0.36 -10.11 6.79
CA TYR A 73 -1.57 -9.60 7.42
C TYR A 73 -1.27 -8.36 8.26
N ALA A 74 0.02 -8.05 8.39
CA ALA A 74 0.44 -6.89 9.17
C ALA A 74 -0.17 -5.61 8.60
N THR A 75 -0.27 -4.58 9.45
CA THR A 75 -0.83 -3.31 9.03
C THR A 75 0.27 -2.28 8.79
N ARG A 76 1.48 -2.58 9.26
CA ARG A 76 2.62 -1.69 9.10
C ARG A 76 3.65 -2.28 8.13
N HIS A 77 4.49 -1.42 7.58
CA HIS A 77 5.51 -1.85 6.64
C HIS A 77 6.55 -0.74 6.40
N VAL A 78 7.81 -1.14 6.29
CA VAL A 78 8.89 -0.18 6.06
C VAL A 78 9.76 -0.61 4.90
N VAL A 79 9.68 0.13 3.80
CA VAL A 79 10.48 -0.17 2.61
C VAL A 79 11.96 0.00 2.88
N GLU A 80 12.67 -1.11 3.03
CA GLU A 80 14.11 -1.08 3.28
C GLU A 80 14.90 -0.89 1.99
N GLY A 81 16.10 -0.34 2.10
CA GLY A 81 16.93 -0.10 0.94
C GLY A 81 16.40 0.99 0.05
N LEU A 82 16.65 2.24 0.43
CA LEU A 82 16.19 3.39 -0.34
C LEU A 82 17.30 4.43 -0.49
N GLU A 83 17.05 5.44 -1.32
CA GLU A 83 18.03 6.50 -1.54
C GLU A 83 17.49 7.84 -1.07
N PRO A 84 18.40 8.76 -0.70
CA PRO A 84 18.04 10.09 -0.22
C PRO A 84 17.46 10.97 -1.33
N ARG A 85 16.40 11.69 -1.01
CA ARG A 85 15.75 12.57 -1.97
C ARG A 85 15.21 11.77 -3.16
N THR A 86 14.67 10.59 -2.87
CA THR A 86 14.12 9.73 -3.91
C THR A 86 12.65 9.41 -3.65
N LEU A 87 11.84 9.46 -4.70
CA LEU A 87 10.41 9.18 -4.57
C LEU A 87 10.14 7.69 -4.79
N TYR A 88 9.12 7.19 -4.11
CA TYR A 88 8.74 5.78 -4.23
C TYR A 88 7.23 5.61 -4.20
N LYS A 89 6.72 4.81 -5.13
CA LYS A 89 5.28 4.57 -5.21
C LYS A 89 4.93 3.18 -4.68
N PHE A 90 3.88 3.10 -3.88
CA PHE A 90 3.44 1.84 -3.30
C PHE A 90 1.92 1.71 -3.35
N ARG A 91 1.45 0.51 -3.68
CA ARG A 91 0.02 0.25 -3.77
C ARG A 91 -0.42 -0.79 -2.73
N LEU A 92 -1.47 -0.48 -2.00
CA LEU A 92 -1.99 -1.38 -0.98
C LEU A 92 -3.12 -2.24 -1.53
N LYS A 93 -2.96 -3.56 -1.43
CA LYS A 93 -3.97 -4.49 -1.92
C LYS A 93 -4.61 -5.25 -0.76
N VAL A 94 -5.90 -5.53 -0.89
CA VAL A 94 -6.63 -6.26 0.15
C VAL A 94 -7.55 -7.31 -0.47
N THR A 95 -7.75 -8.41 0.26
CA THR A 95 -8.61 -9.49 -0.22
C THR A 95 -9.52 -10.00 0.90
N SER A 96 -10.83 -9.83 0.72
CA SER A 96 -11.79 -10.27 1.71
C SER A 96 -11.61 -11.75 2.03
N PRO A 97 -12.12 -12.18 3.20
CA PRO A 97 -12.03 -13.57 3.64
C PRO A 97 -12.91 -14.50 2.81
N SER A 98 -13.57 -13.94 1.81
CA SER A 98 -14.45 -14.71 0.94
C SER A 98 -13.82 -14.95 -0.42
N GLY A 99 -13.03 -13.99 -0.87
CA GLY A 99 -12.36 -14.11 -2.16
C GLY A 99 -12.17 -12.76 -2.84
N GLU A 100 -13.13 -11.87 -2.66
CA GLU A 100 -13.07 -10.54 -3.26
C GLU A 100 -11.78 -9.83 -2.88
N TYR A 101 -11.34 -8.91 -3.72
CA TYR A 101 -10.11 -8.16 -3.47
C TYR A 101 -10.11 -6.84 -4.24
N GLU A 102 -9.50 -5.81 -3.65
CA GLU A 102 -9.43 -4.51 -4.29
C GLU A 102 -8.01 -3.97 -4.27
N TYR A 103 -7.84 -2.74 -4.73
CA TYR A 103 -6.52 -2.11 -4.76
C TYR A 103 -6.60 -0.66 -4.29
N SER A 104 -5.54 -0.20 -3.62
CA SER A 104 -5.49 1.17 -3.12
C SER A 104 -4.82 2.10 -4.12
N PRO A 105 -5.11 3.40 -4.01
CA PRO A 105 -4.54 4.41 -4.90
C PRO A 105 -3.05 4.63 -4.67
N VAL A 106 -2.26 4.44 -5.72
CA VAL A 106 -0.81 4.61 -5.62
C VAL A 106 -0.46 5.77 -4.71
N VAL A 107 0.55 5.57 -3.86
CA VAL A 107 0.99 6.61 -2.93
C VAL A 107 2.48 6.89 -3.09
N SER A 108 2.81 7.99 -3.76
CA SER A 108 4.19 8.37 -3.99
C SER A 108 4.73 9.18 -2.81
N VAL A 109 5.87 8.76 -2.27
CA VAL A 109 6.49 9.44 -1.15
C VAL A 109 8.00 9.58 -1.35
N ALA A 110 8.52 10.76 -1.02
CA ALA A 110 9.95 11.02 -1.16
C ALA A 110 10.66 11.00 0.19
N THR A 111 11.73 10.21 0.28
CA THR A 111 12.49 10.09 1.51
C THR A 111 13.17 11.41 1.87
N THR A 112 13.90 11.42 2.98
CA THR A 112 14.59 12.61 3.44
C THR A 112 16.03 12.64 2.92
N ARG A 113 16.69 13.79 3.09
CA ARG A 113 18.06 13.94 2.64
C ARG A 113 19.04 13.30 3.63
N GLU A 114 20.17 12.83 3.12
CA GLU A 114 21.18 12.19 3.95
C GLU A 114 21.65 13.14 5.06
N SER A 115 21.44 12.71 6.31
CA SER A 115 21.84 13.53 7.45
C SER A 115 23.15 13.02 8.04
N GLY A 116 23.16 11.76 8.46
CA GLY A 116 24.37 11.20 9.04
C GLY A 116 24.15 9.77 9.53
N PRO A 117 25.22 9.15 10.03
CA PRO A 117 25.18 7.78 10.54
C PRO A 117 24.37 7.66 11.83
N SER A 118 24.15 6.43 12.28
CA SER A 118 23.40 6.19 13.51
C SER A 118 24.33 6.01 14.71
N SER A 119 25.35 5.18 14.53
CA SER A 119 26.31 4.93 15.60
C SER A 119 27.25 6.12 15.79
N GLY A 120 27.31 6.62 17.02
CA GLY A 120 28.17 7.75 17.31
C GLY A 120 28.47 7.88 18.79
N GLY A 1 -9.98 18.53 -19.67
CA GLY A 1 -11.22 17.80 -19.47
C GLY A 1 -10.99 16.38 -19.01
N SER A 2 -11.32 15.42 -19.87
CA SER A 2 -11.16 14.00 -19.55
C SER A 2 -11.46 13.74 -18.08
N SER A 3 -12.52 14.37 -17.59
CA SER A 3 -12.93 14.21 -16.19
C SER A 3 -13.40 12.78 -15.92
N GLY A 4 -14.33 12.31 -16.75
CA GLY A 4 -14.85 10.97 -16.59
C GLY A 4 -16.13 10.93 -15.79
N SER A 5 -16.85 9.82 -15.86
CA SER A 5 -18.11 9.66 -15.14
C SER A 5 -18.58 8.21 -15.17
N SER A 6 -18.73 7.61 -13.99
CA SER A 6 -19.17 6.24 -13.89
C SER A 6 -20.03 6.03 -12.64
N GLY A 7 -21.23 5.49 -12.84
CA GLY A 7 -22.12 5.25 -11.73
C GLY A 7 -23.03 4.05 -11.96
N MET A 8 -22.43 2.90 -12.25
CA MET A 8 -23.19 1.68 -12.49
C MET A 8 -22.51 0.48 -11.85
N GLU A 9 -23.28 -0.57 -11.60
CA GLU A 9 -22.75 -1.79 -10.99
C GLU A 9 -21.75 -2.47 -11.93
N PRO A 10 -20.74 -3.12 -11.34
CA PRO A 10 -19.70 -3.83 -12.10
C PRO A 10 -20.24 -5.09 -12.77
N HIS A 11 -20.95 -5.91 -11.99
CA HIS A 11 -21.52 -7.15 -12.52
C HIS A 11 -22.52 -7.74 -11.53
N LYS A 12 -23.03 -8.92 -11.86
CA LYS A 12 -24.00 -9.60 -11.00
C LYS A 12 -23.73 -9.30 -9.52
N VAL A 13 -22.45 -9.30 -9.15
CA VAL A 13 -22.06 -9.02 -7.78
C VAL A 13 -21.01 -7.92 -7.71
N VAL A 14 -21.01 -7.17 -6.62
CA VAL A 14 -20.06 -6.09 -6.43
C VAL A 14 -18.98 -6.47 -5.42
N PRO A 15 -17.71 -6.20 -5.78
CA PRO A 15 -16.56 -6.50 -4.93
C PRO A 15 -16.51 -5.60 -3.69
N LEU A 16 -15.67 -5.97 -2.73
CA LEU A 16 -15.52 -5.21 -1.50
C LEU A 16 -15.20 -3.74 -1.82
N SER A 17 -15.11 -2.93 -0.77
CA SER A 17 -14.82 -1.51 -0.93
C SER A 17 -13.32 -1.29 -1.14
N LYS A 18 -12.98 -0.42 -2.08
CA LYS A 18 -11.60 -0.11 -2.39
C LYS A 18 -10.85 0.32 -1.13
N PRO A 19 -9.65 -0.24 -0.92
CA PRO A 19 -8.81 0.07 0.24
C PRO A 19 -8.24 1.48 0.18
N HIS A 20 -7.99 2.06 1.35
CA HIS A 20 -7.44 3.42 1.42
C HIS A 20 -5.92 3.39 1.32
N PRO A 21 -5.33 4.53 0.94
CA PRO A 21 -3.87 4.66 0.80
C PRO A 21 -3.16 4.64 2.14
N PRO A 22 -2.02 3.93 2.19
CA PRO A 22 -1.21 3.81 3.41
C PRO A 22 -0.53 5.12 3.79
N VAL A 23 -0.51 5.41 5.09
CA VAL A 23 0.11 6.63 5.58
C VAL A 23 1.63 6.47 5.69
N VAL A 24 2.34 7.59 5.73
CA VAL A 24 3.79 7.58 5.85
C VAL A 24 4.25 8.25 7.14
N GLY A 25 4.50 7.44 8.16
CA GLY A 25 4.95 7.96 9.44
C GLY A 25 6.37 8.48 9.39
N LYS A 26 7.33 7.58 9.63
CA LYS A 26 8.74 7.94 9.61
C LYS A 26 9.29 7.92 8.19
N VAL A 27 9.93 9.02 7.79
CA VAL A 27 10.51 9.12 6.45
C VAL A 27 12.01 9.38 6.52
N THR A 28 12.79 8.35 6.22
CA THR A 28 14.25 8.47 6.24
C THR A 28 14.83 8.42 4.82
N HIS A 29 16.13 8.64 4.73
CA HIS A 29 16.81 8.62 3.43
C HIS A 29 17.30 7.22 3.09
N HIS A 30 16.89 6.24 3.91
CA HIS A 30 17.28 4.85 3.70
C HIS A 30 16.06 3.96 3.56
N SER A 31 14.96 4.35 4.19
CA SER A 31 13.73 3.57 4.15
C SER A 31 12.52 4.47 4.42
N ILE A 32 11.34 3.95 4.10
CA ILE A 32 10.10 4.70 4.31
C ILE A 32 9.11 3.89 5.14
N GLU A 33 8.61 4.51 6.20
CA GLU A 33 7.64 3.85 7.08
C GLU A 33 6.23 3.97 6.51
N LEU A 34 5.46 2.89 6.63
CA LEU A 34 4.09 2.87 6.13
C LEU A 34 3.17 2.11 7.09
N TYR A 35 2.03 2.71 7.42
CA TYR A 35 1.07 2.09 8.32
C TYR A 35 -0.36 2.39 7.89
N TRP A 36 -1.11 1.34 7.58
CA TRP A 36 -2.49 1.49 7.14
C TRP A 36 -3.44 0.82 8.13
N ASP A 37 -3.06 0.81 9.40
CA ASP A 37 -3.89 0.20 10.44
C ASP A 37 -5.05 1.11 10.81
N LEU A 38 -5.67 1.71 9.79
CA LEU A 38 -6.81 2.60 10.01
C LEU A 38 -8.06 2.06 9.33
N GLU A 39 -7.89 1.07 8.47
CA GLU A 39 -9.00 0.47 7.75
C GLU A 39 -9.53 -0.75 8.52
N GLN A 40 -8.62 -1.62 8.94
CA GLN A 40 -9.01 -2.82 9.67
C GLN A 40 -9.23 -2.50 11.15
N LYS A 41 -9.81 -1.34 11.42
CA LYS A 41 -10.09 -0.93 12.80
C LYS A 41 -11.46 -1.42 13.25
N GLU A 42 -11.60 -2.73 13.39
CA GLU A 42 -12.86 -3.32 13.82
C GLU A 42 -12.62 -4.64 14.55
N LYS A 43 -13.46 -4.91 15.54
CA LYS A 43 -13.35 -6.14 16.32
C LYS A 43 -12.86 -7.30 15.46
N ARG A 44 -11.87 -8.03 15.95
CA ARG A 44 -11.32 -9.16 15.22
C ARG A 44 -12.21 -10.39 15.37
N GLN A 45 -13.51 -10.21 15.13
CA GLN A 45 -14.46 -11.30 15.24
C GLN A 45 -13.91 -12.57 14.59
N GLY A 46 -14.49 -13.71 14.96
CA GLY A 46 -14.05 -14.97 14.40
C GLY A 46 -12.59 -15.25 14.67
N PRO A 47 -12.11 -16.43 14.26
CA PRO A 47 -10.71 -16.84 14.45
C PRO A 47 -9.76 -16.04 13.56
N GLN A 48 -8.46 -16.21 13.81
CA GLN A 48 -7.45 -15.50 13.03
C GLN A 48 -7.67 -15.70 11.54
N GLU A 49 -8.06 -16.91 11.16
CA GLU A 49 -8.30 -17.23 9.76
C GLU A 49 -9.33 -16.28 9.15
N GLN A 50 -10.17 -15.69 10.00
CA GLN A 50 -11.19 -14.75 9.55
C GLN A 50 -10.63 -13.35 9.44
N TRP A 51 -9.32 -13.25 9.21
CA TRP A 51 -8.66 -11.96 9.08
C TRP A 51 -8.42 -11.62 7.62
N LEU A 52 -8.26 -10.33 7.34
CA LEU A 52 -8.01 -9.87 5.98
C LEU A 52 -6.53 -9.90 5.64
N ARG A 53 -6.22 -9.89 4.35
CA ARG A 53 -4.83 -9.92 3.90
C ARG A 53 -4.40 -8.55 3.37
N PHE A 54 -3.12 -8.24 3.53
CA PHE A 54 -2.57 -6.96 3.08
C PHE A 54 -1.26 -7.16 2.34
N SER A 55 -1.26 -6.83 1.05
CA SER A 55 -0.06 -6.98 0.24
C SER A 55 0.34 -5.64 -0.39
N ILE A 56 1.55 -5.21 -0.13
CA ILE A 56 2.06 -3.94 -0.66
C ILE A 56 2.94 -4.18 -1.88
N GLU A 57 2.95 -3.23 -2.79
CA GLU A 57 3.76 -3.33 -4.01
C GLU A 57 4.43 -1.99 -4.33
N GLU A 58 5.41 -2.03 -5.23
CA GLU A 58 6.12 -0.82 -5.62
C GLU A 58 6.39 -0.82 -7.13
N GLU A 59 6.28 0.35 -7.75
CA GLU A 59 6.51 0.48 -9.18
C GLU A 59 7.97 0.81 -9.47
N ASP A 60 8.40 0.52 -10.68
CA ASP A 60 9.79 0.78 -11.09
C ASP A 60 9.84 1.89 -12.15
N PRO A 61 10.68 2.90 -11.90
CA PRO A 61 10.85 4.03 -12.82
C PRO A 61 11.55 3.63 -14.11
N LYS A 62 12.36 2.58 -14.04
CA LYS A 62 13.10 2.09 -15.20
C LYS A 62 12.37 0.91 -15.84
N MET A 63 11.89 -0.01 -15.01
CA MET A 63 11.19 -1.19 -15.49
C MET A 63 9.75 -0.84 -15.84
N HIS A 64 9.14 0.06 -15.08
CA HIS A 64 7.77 0.48 -15.32
C HIS A 64 6.79 -0.62 -14.91
N SER A 65 7.22 -1.48 -14.00
CA SER A 65 6.38 -2.58 -13.53
C SER A 65 6.29 -2.59 -12.01
N TYR A 66 5.25 -3.23 -11.49
CA TYR A 66 5.04 -3.31 -10.05
C TYR A 66 5.51 -4.64 -9.50
N GLY A 67 5.83 -4.68 -8.22
CA GLY A 67 6.30 -5.90 -7.59
C GLY A 67 5.90 -5.98 -6.13
N VAL A 68 5.45 -7.17 -5.71
CA VAL A 68 5.03 -7.38 -4.33
C VAL A 68 6.21 -7.27 -3.38
N ILE A 69 6.37 -6.10 -2.78
CA ILE A 69 7.47 -5.86 -1.84
C ILE A 69 7.18 -6.48 -0.48
N TYR A 70 5.90 -6.50 -0.11
CA TYR A 70 5.48 -7.08 1.16
C TYR A 70 4.15 -7.81 1.03
N THR A 71 4.01 -8.91 1.75
CA THR A 71 2.79 -9.72 1.71
C THR A 71 2.57 -10.45 3.02
N GLY A 72 1.43 -10.19 3.66
CA GLY A 72 1.12 -10.84 4.92
C GLY A 72 -0.21 -10.37 5.50
N TYR A 73 -0.32 -10.42 6.82
CA TYR A 73 -1.54 -10.00 7.49
C TYR A 73 -1.28 -8.83 8.44
N ALA A 74 -0.24 -8.06 8.13
CA ALA A 74 0.13 -6.91 8.95
C ALA A 74 -0.45 -5.63 8.37
N THR A 75 -0.20 -4.51 9.05
CA THR A 75 -0.69 -3.21 8.60
C THR A 75 0.46 -2.24 8.35
N ARG A 76 1.55 -2.42 9.08
CA ARG A 76 2.72 -1.56 8.93
C ARG A 76 3.76 -2.21 8.01
N HIS A 77 4.62 -1.38 7.44
CA HIS A 77 5.66 -1.87 6.54
C HIS A 77 6.65 -0.76 6.20
N VAL A 78 7.85 -0.85 6.75
CA VAL A 78 8.88 0.15 6.50
C VAL A 78 9.76 -0.24 5.31
N VAL A 79 9.37 0.22 4.12
CA VAL A 79 10.11 -0.08 2.90
C VAL A 79 11.61 0.15 3.10
N GLU A 80 12.36 -0.94 3.21
CA GLU A 80 13.80 -0.85 3.40
C GLU A 80 14.52 -0.71 2.07
N GLY A 81 15.82 -0.42 2.12
CA GLY A 81 16.60 -0.27 0.91
C GLY A 81 16.07 0.83 0.02
N LEU A 82 16.40 2.07 0.35
CA LEU A 82 15.95 3.22 -0.43
C LEU A 82 17.08 4.23 -0.60
N GLU A 83 16.92 5.13 -1.57
CA GLU A 83 17.93 6.15 -1.84
C GLU A 83 17.43 7.52 -1.38
N PRO A 84 18.39 8.41 -1.05
CA PRO A 84 18.08 9.77 -0.61
C PRO A 84 17.51 10.64 -1.72
N ARG A 85 16.49 11.43 -1.39
CA ARG A 85 15.85 12.31 -2.35
C ARG A 85 15.33 11.51 -3.54
N THR A 86 14.65 10.41 -3.26
CA THR A 86 14.11 9.57 -4.31
C THR A 86 12.63 9.25 -4.06
N LEU A 87 11.82 9.34 -5.11
CA LEU A 87 10.39 9.07 -5.00
C LEU A 87 10.11 7.58 -5.14
N TYR A 88 9.16 7.08 -4.34
CA TYR A 88 8.80 5.67 -4.38
C TYR A 88 7.29 5.49 -4.29
N LYS A 89 6.68 4.99 -5.37
CA LYS A 89 5.25 4.77 -5.41
C LYS A 89 4.89 3.36 -4.94
N PHE A 90 3.90 3.28 -4.07
CA PHE A 90 3.47 1.98 -3.54
C PHE A 90 1.94 1.85 -3.61
N ARG A 91 1.47 0.62 -3.78
CA ARG A 91 0.04 0.35 -3.86
C ARG A 91 -0.39 -0.68 -2.83
N LEU A 92 -1.40 -0.33 -2.04
CA LEU A 92 -1.90 -1.23 -1.00
C LEU A 92 -3.03 -2.10 -1.55
N LYS A 93 -2.92 -3.41 -1.30
CA LYS A 93 -3.93 -4.35 -1.76
C LYS A 93 -4.61 -5.05 -0.58
N VAL A 94 -5.87 -5.41 -0.75
CA VAL A 94 -6.62 -6.09 0.30
C VAL A 94 -7.53 -7.16 -0.29
N THR A 95 -7.71 -8.25 0.46
CA THR A 95 -8.55 -9.35 0.03
C THR A 95 -9.32 -9.95 1.19
N SER A 96 -10.65 -9.89 1.10
CA SER A 96 -11.51 -10.41 2.16
C SER A 96 -11.30 -11.92 2.32
N PRO A 97 -11.70 -12.44 3.49
CA PRO A 97 -11.57 -13.88 3.80
C PRO A 97 -12.52 -14.74 2.98
N SER A 98 -13.26 -14.10 2.08
CA SER A 98 -14.22 -14.80 1.23
C SER A 98 -13.67 -14.97 -0.19
N GLY A 99 -12.91 -13.97 -0.64
CA GLY A 99 -12.34 -14.04 -1.97
C GLY A 99 -12.20 -12.66 -2.60
N GLU A 100 -13.16 -11.78 -2.34
CA GLU A 100 -13.13 -10.44 -2.88
C GLU A 100 -11.82 -9.73 -2.56
N TYR A 101 -11.41 -8.82 -3.42
CA TYR A 101 -10.17 -8.08 -3.22
C TYR A 101 -10.19 -6.77 -4.01
N GLU A 102 -9.40 -5.80 -3.55
CA GLU A 102 -9.33 -4.50 -4.20
C GLU A 102 -7.92 -3.93 -4.11
N TYR A 103 -7.73 -2.74 -4.68
CA TYR A 103 -6.43 -2.09 -4.67
C TYR A 103 -6.55 -0.64 -4.21
N SER A 104 -5.47 -0.12 -3.62
CA SER A 104 -5.46 1.26 -3.14
C SER A 104 -4.79 2.18 -4.15
N PRO A 105 -5.07 3.49 -4.03
CA PRO A 105 -4.50 4.51 -4.92
C PRO A 105 -3.02 4.71 -4.69
N VAL A 106 -2.22 4.47 -5.73
CA VAL A 106 -0.77 4.63 -5.64
C VAL A 106 -0.41 5.85 -4.80
N VAL A 107 0.61 5.69 -3.95
CA VAL A 107 1.06 6.78 -3.09
C VAL A 107 2.56 7.01 -3.23
N SER A 108 2.93 8.04 -3.97
CA SER A 108 4.33 8.38 -4.19
C SER A 108 4.88 9.20 -3.03
N VAL A 109 5.98 8.73 -2.45
CA VAL A 109 6.60 9.42 -1.33
C VAL A 109 8.11 9.55 -1.55
N ALA A 110 8.61 10.79 -1.45
CA ALA A 110 10.03 11.04 -1.62
C ALA A 110 10.77 10.99 -0.29
N THR A 111 11.81 10.17 -0.24
CA THR A 111 12.61 10.02 0.98
C THR A 111 13.32 11.31 1.33
N THR A 112 14.05 11.30 2.44
CA THR A 112 14.79 12.48 2.89
C THR A 112 16.22 12.46 2.41
N ARG A 113 16.96 13.53 2.68
CA ARG A 113 18.35 13.63 2.27
C ARG A 113 19.27 12.95 3.27
N GLU A 114 20.37 12.39 2.78
CA GLU A 114 21.33 11.71 3.64
C GLU A 114 22.45 12.65 4.06
N SER A 115 22.84 13.54 3.15
CA SER A 115 23.90 14.50 3.43
C SER A 115 23.42 15.93 3.23
N GLY A 116 23.05 16.25 1.99
CA GLY A 116 22.56 17.59 1.70
C GLY A 116 23.64 18.50 1.16
N PRO A 117 23.28 19.75 0.84
CA PRO A 117 24.22 20.74 0.30
C PRO A 117 25.24 21.20 1.35
N SER A 118 26.48 20.77 1.18
CA SER A 118 27.55 21.14 2.11
C SER A 118 27.65 22.65 2.24
N SER A 119 26.97 23.20 3.25
CA SER A 119 26.99 24.63 3.49
C SER A 119 28.42 25.16 3.59
N GLY A 120 28.71 26.23 2.87
CA GLY A 120 30.05 26.81 2.90
C GLY A 120 30.81 26.56 1.61
N GLY A 1 -1.01 15.22 -14.06
CA GLY A 1 -1.90 14.36 -14.81
C GLY A 1 -3.15 14.00 -14.05
N SER A 2 -3.91 13.03 -14.57
CA SER A 2 -5.14 12.60 -13.93
C SER A 2 -5.49 11.17 -14.34
N SER A 3 -5.93 10.38 -13.37
CA SER A 3 -6.30 8.99 -13.63
C SER A 3 -7.74 8.72 -13.20
N GLY A 4 -8.26 7.56 -13.60
CA GLY A 4 -9.63 7.21 -13.25
C GLY A 4 -9.89 5.71 -13.39
N SER A 5 -11.08 5.29 -12.98
CA SER A 5 -11.45 3.89 -13.06
C SER A 5 -12.28 3.61 -14.31
N SER A 6 -12.54 2.33 -14.57
CA SER A 6 -13.33 1.93 -15.74
C SER A 6 -14.18 0.71 -15.42
N GLY A 7 -15.14 0.43 -16.29
CA GLY A 7 -16.02 -0.71 -16.09
C GLY A 7 -17.49 -0.34 -16.21
N MET A 8 -18.34 -1.35 -16.38
CA MET A 8 -19.77 -1.12 -16.50
C MET A 8 -20.51 -1.59 -15.26
N GLU A 9 -20.45 -2.90 -15.00
CA GLU A 9 -21.11 -3.47 -13.83
C GLU A 9 -20.44 -4.80 -13.43
N PRO A 10 -20.32 -5.01 -12.11
CA PRO A 10 -19.71 -6.23 -11.56
C PRO A 10 -20.57 -7.47 -11.79
N HIS A 11 -19.97 -8.63 -11.66
CA HIS A 11 -20.67 -9.90 -11.86
C HIS A 11 -21.84 -10.02 -10.88
N LYS A 12 -22.61 -11.10 -11.01
CA LYS A 12 -23.75 -11.33 -10.15
C LYS A 12 -23.49 -10.81 -8.73
N VAL A 13 -22.36 -11.24 -8.16
CA VAL A 13 -21.98 -10.82 -6.81
C VAL A 13 -21.19 -9.51 -6.84
N VAL A 14 -21.48 -8.64 -5.88
CA VAL A 14 -20.79 -7.36 -5.79
C VAL A 14 -19.54 -7.46 -4.92
N PRO A 15 -18.37 -7.22 -5.54
CA PRO A 15 -17.08 -7.27 -4.83
C PRO A 15 -16.91 -6.13 -3.85
N LEU A 16 -15.92 -6.24 -2.97
CA LEU A 16 -15.65 -5.21 -1.98
C LEU A 16 -15.18 -3.92 -2.64
N SER A 17 -15.13 -2.84 -1.87
CA SER A 17 -14.71 -1.55 -2.39
C SER A 17 -13.19 -1.43 -2.39
N LYS A 18 -12.66 -0.58 -3.27
CA LYS A 18 -11.22 -0.39 -3.37
C LYS A 18 -10.65 0.14 -2.06
N PRO A 19 -9.49 -0.40 -1.66
CA PRO A 19 -8.82 0.00 -0.43
C PRO A 19 -8.23 1.41 -0.51
N HIS A 20 -8.16 2.09 0.63
CA HIS A 20 -7.63 3.44 0.67
C HIS A 20 -6.10 3.42 0.71
N PRO A 21 -5.48 4.55 0.32
CA PRO A 21 -4.02 4.68 0.30
C PRO A 21 -3.43 4.72 1.71
N PRO A 22 -2.32 4.00 1.91
CA PRO A 22 -1.62 3.95 3.20
C PRO A 22 -0.95 5.27 3.55
N VAL A 23 -0.93 5.59 4.85
CA VAL A 23 -0.31 6.82 5.32
C VAL A 23 1.20 6.65 5.49
N VAL A 24 1.93 7.76 5.42
CA VAL A 24 3.38 7.73 5.57
C VAL A 24 3.81 8.42 6.87
N GLY A 25 4.29 7.62 7.82
CA GLY A 25 4.73 8.17 9.09
C GLY A 25 6.15 8.67 9.04
N LYS A 26 7.09 7.84 9.49
CA LYS A 26 8.50 8.20 9.50
C LYS A 26 9.09 8.13 8.09
N VAL A 27 9.72 9.23 7.66
CA VAL A 27 10.32 9.29 6.34
C VAL A 27 11.84 9.42 6.44
N THR A 28 12.54 8.30 6.30
CA THR A 28 13.99 8.28 6.37
C THR A 28 14.61 8.15 4.98
N HIS A 29 15.82 8.68 4.82
CA HIS A 29 16.52 8.61 3.54
C HIS A 29 17.05 7.20 3.29
N HIS A 30 16.73 6.29 4.19
CA HIS A 30 17.17 4.90 4.07
C HIS A 30 15.99 3.94 4.09
N SER A 31 14.80 4.50 4.30
CA SER A 31 13.57 3.69 4.35
C SER A 31 12.34 4.58 4.48
N ILE A 32 11.17 3.98 4.29
CA ILE A 32 9.92 4.72 4.38
C ILE A 32 8.91 3.97 5.26
N GLU A 33 8.37 4.66 6.26
CA GLU A 33 7.39 4.06 7.15
C GLU A 33 5.99 4.20 6.59
N LEU A 34 5.20 3.13 6.73
CA LEU A 34 3.82 3.13 6.25
C LEU A 34 2.90 2.43 7.23
N TYR A 35 1.68 2.94 7.36
CA TYR A 35 0.70 2.37 8.27
C TYR A 35 -0.72 2.65 7.78
N TRP A 36 -1.51 1.59 7.64
CA TRP A 36 -2.90 1.73 7.20
C TRP A 36 -3.85 1.07 8.18
N ASP A 37 -3.39 0.87 9.41
CA ASP A 37 -4.21 0.26 10.45
C ASP A 37 -5.52 1.02 10.63
N LEU A 38 -5.49 2.32 10.33
CA LEU A 38 -6.67 3.15 10.45
C LEU A 38 -7.93 2.42 9.98
N GLU A 39 -7.84 1.82 8.80
CA GLU A 39 -8.96 1.07 8.23
C GLU A 39 -9.36 -0.08 9.15
N GLN A 40 -8.40 -0.91 9.51
CA GLN A 40 -8.65 -2.06 10.38
C GLN A 40 -8.81 -1.60 11.83
N LYS A 41 -9.65 -0.60 12.05
CA LYS A 41 -9.89 -0.07 13.38
C LYS A 41 -11.07 -0.79 14.04
N GLU A 42 -11.26 -2.05 13.69
CA GLU A 42 -12.35 -2.85 14.25
C GLU A 42 -11.81 -4.08 14.97
N LYS A 43 -12.51 -4.50 16.02
CA LYS A 43 -12.11 -5.67 16.79
C LYS A 43 -12.13 -6.92 15.92
N ARG A 44 -11.16 -7.81 16.15
CA ARG A 44 -11.06 -9.05 15.39
C ARG A 44 -11.76 -10.18 16.12
N GLN A 45 -13.09 -10.18 16.08
CA GLN A 45 -13.88 -11.21 16.74
C GLN A 45 -13.42 -12.61 16.32
N GLY A 46 -13.71 -12.98 15.07
CA GLY A 46 -13.31 -14.28 14.57
C GLY A 46 -11.82 -14.53 14.73
N PRO A 47 -11.40 -15.77 14.43
CA PRO A 47 -9.98 -16.17 14.54
C PRO A 47 -9.12 -15.51 13.47
N GLN A 48 -7.81 -15.71 13.56
CA GLN A 48 -6.87 -15.14 12.61
C GLN A 48 -7.26 -15.49 11.18
N GLU A 49 -7.72 -16.72 10.98
CA GLU A 49 -8.13 -17.19 9.67
C GLU A 49 -9.24 -16.31 9.10
N GLN A 50 -9.96 -15.62 9.98
CA GLN A 50 -11.04 -14.74 9.57
C GLN A 50 -10.55 -13.31 9.39
N TRP A 51 -9.24 -13.15 9.26
CA TRP A 51 -8.63 -11.83 9.10
C TRP A 51 -8.42 -11.53 7.61
N LEU A 52 -8.19 -10.25 7.31
CA LEU A 52 -7.98 -9.81 5.93
C LEU A 52 -6.49 -9.75 5.61
N ARG A 53 -6.16 -9.95 4.34
CA ARG A 53 -4.77 -9.92 3.90
C ARG A 53 -4.42 -8.55 3.30
N PHE A 54 -3.18 -8.12 3.50
CA PHE A 54 -2.73 -6.84 2.97
C PHE A 54 -1.40 -6.99 2.24
N SER A 55 -1.39 -6.64 0.96
CA SER A 55 -0.18 -6.74 0.14
C SER A 55 0.26 -5.36 -0.34
N ILE A 56 1.55 -5.11 -0.28
CA ILE A 56 2.11 -3.83 -0.71
C ILE A 56 3.01 -4.01 -1.93
N GLU A 57 2.75 -3.23 -2.97
CA GLU A 57 3.55 -3.30 -4.19
C GLU A 57 4.38 -2.03 -4.38
N GLU A 58 5.24 -2.04 -5.38
CA GLU A 58 6.10 -0.90 -5.66
C GLU A 58 6.40 -0.79 -7.17
N GLU A 59 6.22 0.40 -7.71
CA GLU A 59 6.47 0.63 -9.13
C GLU A 59 7.94 0.92 -9.38
N ASP A 60 8.41 0.56 -10.59
CA ASP A 60 9.80 0.77 -10.95
C ASP A 60 9.93 1.90 -11.96
N PRO A 61 10.89 2.82 -11.72
CA PRO A 61 11.13 3.97 -12.59
C PRO A 61 11.74 3.56 -13.93
N LYS A 62 12.28 2.35 -13.98
CA LYS A 62 12.90 1.84 -15.20
C LYS A 62 12.02 0.78 -15.85
N MET A 63 11.23 0.09 -15.03
CA MET A 63 10.33 -0.95 -15.52
C MET A 63 8.88 -0.48 -15.50
N HIS A 64 8.67 0.73 -14.99
CA HIS A 64 7.34 1.30 -14.91
C HIS A 64 6.31 0.24 -14.53
N SER A 65 6.77 -0.79 -13.83
CA SER A 65 5.90 -1.88 -13.41
C SER A 65 5.90 -2.03 -11.88
N TYR A 66 4.81 -2.57 -11.36
CA TYR A 66 4.68 -2.76 -9.92
C TYR A 66 5.11 -4.17 -9.51
N GLY A 67 5.46 -4.33 -8.24
CA GLY A 67 5.89 -5.63 -7.74
C GLY A 67 5.61 -5.80 -6.26
N VAL A 68 5.09 -6.97 -5.89
CA VAL A 68 4.79 -7.25 -4.49
C VAL A 68 6.04 -7.22 -3.64
N ILE A 69 6.13 -6.21 -2.77
CA ILE A 69 7.29 -6.06 -1.89
C ILE A 69 7.02 -6.69 -0.52
N TYR A 70 5.76 -6.63 -0.09
CA TYR A 70 5.38 -7.19 1.20
C TYR A 70 4.04 -7.90 1.11
N THR A 71 3.89 -8.99 1.85
CA THR A 71 2.65 -9.76 1.85
C THR A 71 2.43 -10.45 3.20
N GLY A 72 1.37 -10.03 3.89
CA GLY A 72 1.06 -10.62 5.19
C GLY A 72 -0.28 -10.17 5.72
N TYR A 73 -0.41 -10.14 7.04
CA TYR A 73 -1.65 -9.74 7.68
C TYR A 73 -1.43 -8.56 8.63
N ALA A 74 -0.38 -7.78 8.36
CA ALA A 74 -0.05 -6.63 9.19
C ALA A 74 -0.61 -5.35 8.59
N THR A 75 -0.47 -4.26 9.32
CA THR A 75 -0.97 -2.95 8.86
C THR A 75 0.18 -2.00 8.59
N ARG A 76 1.26 -2.14 9.34
CA ARG A 76 2.43 -1.27 9.18
C ARG A 76 3.44 -1.92 8.24
N HIS A 77 4.26 -1.09 7.60
CA HIS A 77 5.27 -1.57 6.68
C HIS A 77 6.34 -0.50 6.43
N VAL A 78 7.58 -0.81 6.81
CA VAL A 78 8.68 0.13 6.62
C VAL A 78 9.60 -0.33 5.51
N VAL A 79 9.42 0.25 4.33
CA VAL A 79 10.24 -0.09 3.16
C VAL A 79 11.70 0.27 3.41
N GLU A 80 12.55 -0.75 3.46
CA GLU A 80 13.98 -0.55 3.68
C GLU A 80 14.74 -0.51 2.35
N GLY A 81 16.06 -0.41 2.43
CA GLY A 81 16.88 -0.36 1.23
C GLY A 81 16.45 0.73 0.28
N LEU A 82 16.33 1.95 0.78
CA LEU A 82 15.93 3.08 -0.04
C LEU A 82 17.06 4.10 -0.17
N GLU A 83 16.96 4.97 -1.17
CA GLU A 83 17.97 5.99 -1.41
C GLU A 83 17.47 7.36 -0.97
N PRO A 84 18.41 8.27 -0.67
CA PRO A 84 18.10 9.62 -0.23
C PRO A 84 17.51 10.47 -1.36
N ARG A 85 16.49 11.26 -1.03
CA ARG A 85 15.85 12.11 -2.02
C ARG A 85 15.41 11.30 -3.25
N THR A 86 14.70 10.21 -3.01
CA THR A 86 14.23 9.35 -4.08
C THR A 86 12.76 9.01 -3.91
N LEU A 87 11.99 9.19 -4.97
CA LEU A 87 10.56 8.90 -4.94
C LEU A 87 10.31 7.40 -4.97
N TYR A 88 9.29 6.97 -4.22
CA TYR A 88 8.94 5.55 -4.16
C TYR A 88 7.42 5.37 -4.10
N LYS A 89 6.87 4.76 -5.15
CA LYS A 89 5.44 4.53 -5.23
C LYS A 89 5.08 3.17 -4.62
N PHE A 90 3.92 3.09 -3.99
CA PHE A 90 3.46 1.86 -3.37
C PHE A 90 1.94 1.74 -3.45
N ARG A 91 1.46 0.51 -3.48
CA ARG A 91 0.02 0.25 -3.55
C ARG A 91 -0.45 -0.62 -2.39
N LEU A 92 -1.67 -0.38 -1.93
CA LEU A 92 -2.23 -1.15 -0.83
C LEU A 92 -3.33 -2.09 -1.30
N LYS A 93 -3.06 -3.39 -1.27
CA LYS A 93 -4.04 -4.39 -1.70
C LYS A 93 -4.70 -5.06 -0.50
N VAL A 94 -5.99 -5.37 -0.64
CA VAL A 94 -6.73 -6.02 0.43
C VAL A 94 -7.65 -7.09 -0.12
N THR A 95 -7.71 -8.23 0.58
CA THR A 95 -8.55 -9.35 0.17
C THR A 95 -9.49 -9.77 1.28
N SER A 96 -10.78 -9.51 1.10
CA SER A 96 -11.78 -9.87 2.10
C SER A 96 -11.69 -11.35 2.46
N PRO A 97 -12.22 -11.71 3.63
CA PRO A 97 -12.21 -13.09 4.12
C PRO A 97 -13.15 -13.99 3.32
N SER A 98 -13.76 -13.42 2.29
CA SER A 98 -14.69 -14.18 1.45
C SER A 98 -14.02 -14.60 0.15
N GLY A 99 -13.10 -13.77 -0.34
CA GLY A 99 -12.40 -14.08 -1.57
C GLY A 99 -12.16 -12.84 -2.42
N GLU A 100 -13.00 -11.82 -2.23
CA GLU A 100 -12.87 -10.58 -3.00
C GLU A 100 -11.61 -9.82 -2.59
N TYR A 101 -11.11 -9.00 -3.51
CA TYR A 101 -9.91 -8.21 -3.24
C TYR A 101 -9.84 -7.00 -4.17
N GLU A 102 -9.07 -5.99 -3.75
CA GLU A 102 -8.91 -4.78 -4.56
C GLU A 102 -7.57 -4.13 -4.30
N TYR A 103 -7.27 -3.06 -5.03
CA TYR A 103 -6.01 -2.35 -4.89
C TYR A 103 -6.25 -0.86 -4.62
N SER A 104 -5.33 -0.25 -3.89
CA SER A 104 -5.43 1.17 -3.56
C SER A 104 -4.68 2.03 -4.58
N PRO A 105 -4.95 3.34 -4.56
CA PRO A 105 -4.30 4.29 -5.47
C PRO A 105 -2.83 4.49 -5.15
N VAL A 106 -1.98 4.16 -6.11
CA VAL A 106 -0.53 4.31 -5.93
C VAL A 106 -0.20 5.53 -5.08
N VAL A 107 0.77 5.37 -4.18
CA VAL A 107 1.18 6.46 -3.31
C VAL A 107 2.68 6.75 -3.44
N SER A 108 3.01 7.80 -4.17
CA SER A 108 4.41 8.18 -4.38
C SER A 108 4.92 9.04 -3.21
N VAL A 109 6.02 8.61 -2.61
CA VAL A 109 6.61 9.33 -1.49
C VAL A 109 8.12 9.45 -1.65
N ALA A 110 8.63 10.67 -1.52
CA ALA A 110 10.06 10.92 -1.64
C ALA A 110 10.73 10.96 -0.28
N THR A 111 11.73 10.09 -0.09
CA THR A 111 12.46 10.02 1.17
C THR A 111 13.21 11.32 1.44
N THR A 112 13.91 11.37 2.57
CA THR A 112 14.68 12.55 2.94
C THR A 112 16.13 12.42 2.52
N ARG A 113 16.92 13.45 2.81
CA ARG A 113 18.33 13.45 2.46
C ARG A 113 19.16 12.79 3.55
N GLU A 114 20.32 12.26 3.17
CA GLU A 114 21.20 11.59 4.11
C GLU A 114 22.19 12.58 4.72
N SER A 115 21.72 13.80 4.97
CA SER A 115 22.55 14.84 5.55
C SER A 115 23.49 14.26 6.61
N GLY A 116 24.75 14.08 6.24
CA GLY A 116 25.72 13.54 7.18
C GLY A 116 26.45 14.61 7.96
N PRO A 117 27.05 14.23 9.10
CA PRO A 117 27.78 15.16 9.96
C PRO A 117 29.08 15.63 9.32
N SER A 118 29.43 15.05 8.19
CA SER A 118 30.65 15.41 7.48
C SER A 118 30.87 16.93 7.52
N SER A 119 29.88 17.67 7.06
CA SER A 119 29.97 19.14 7.04
C SER A 119 29.98 19.70 8.46
N GLY A 120 30.62 20.85 8.64
CA GLY A 120 30.69 21.47 9.94
C GLY A 120 31.03 22.94 9.87
N GLY A 1 -28.05 8.36 3.58
CA GLY A 1 -26.66 8.63 3.25
C GLY A 1 -26.43 8.73 1.75
N SER A 2 -26.64 7.62 1.05
CA SER A 2 -26.45 7.59 -0.40
C SER A 2 -27.44 8.51 -1.09
N SER A 3 -27.04 9.02 -2.27
CA SER A 3 -27.89 9.92 -3.03
C SER A 3 -27.49 9.91 -4.51
N GLY A 4 -28.46 9.62 -5.37
CA GLY A 4 -28.20 9.58 -6.79
C GLY A 4 -28.95 8.46 -7.49
N SER A 5 -29.79 8.83 -8.46
CA SER A 5 -30.57 7.85 -9.21
C SER A 5 -29.68 6.73 -9.75
N SER A 6 -30.16 5.50 -9.66
CA SER A 6 -29.42 4.35 -10.14
C SER A 6 -28.78 4.64 -11.50
N GLY A 7 -27.46 4.44 -11.59
CA GLY A 7 -26.77 4.68 -12.83
C GLY A 7 -25.84 3.54 -13.20
N MET A 8 -24.62 3.57 -12.68
CA MET A 8 -23.64 2.53 -12.98
C MET A 8 -23.59 1.50 -11.85
N GLU A 9 -23.53 0.23 -12.22
CA GLU A 9 -23.48 -0.85 -11.24
C GLU A 9 -22.75 -2.07 -11.80
N PRO A 10 -21.98 -2.74 -10.94
CA PRO A 10 -21.22 -3.93 -11.34
C PRO A 10 -22.12 -5.13 -11.61
N HIS A 11 -21.51 -6.27 -11.92
CA HIS A 11 -22.25 -7.50 -12.21
C HIS A 11 -23.06 -7.93 -10.99
N LYS A 12 -23.88 -8.95 -11.18
CA LYS A 12 -24.72 -9.48 -10.09
C LYS A 12 -24.02 -9.32 -8.75
N VAL A 13 -22.83 -9.92 -8.64
CA VAL A 13 -22.05 -9.85 -7.40
C VAL A 13 -21.33 -8.52 -7.29
N VAL A 14 -21.38 -7.93 -6.10
CA VAL A 14 -20.73 -6.64 -5.84
C VAL A 14 -19.49 -6.83 -4.98
N PRO A 15 -18.33 -6.39 -5.50
CA PRO A 15 -17.06 -6.50 -4.79
C PRO A 15 -16.98 -5.54 -3.59
N LEU A 16 -15.99 -5.76 -2.74
CA LEU A 16 -15.81 -4.91 -1.56
C LEU A 16 -15.32 -3.53 -1.95
N SER A 17 -15.33 -2.60 -0.99
CA SER A 17 -14.89 -1.24 -1.24
C SER A 17 -13.36 -1.16 -1.32
N LYS A 18 -12.87 -0.43 -2.31
CA LYS A 18 -11.43 -0.28 -2.50
C LYS A 18 -10.76 0.20 -1.23
N PRO A 19 -9.57 -0.34 -0.95
CA PRO A 19 -8.79 0.03 0.25
C PRO A 19 -8.24 1.45 0.16
N HIS A 20 -7.96 2.03 1.33
CA HIS A 20 -7.41 3.39 1.39
C HIS A 20 -5.90 3.37 1.34
N PRO A 21 -5.31 4.50 0.91
CA PRO A 21 -3.85 4.63 0.81
C PRO A 21 -3.17 4.68 2.17
N PRO A 22 -2.02 4.00 2.28
CA PRO A 22 -1.24 3.93 3.52
C PRO A 22 -0.60 5.28 3.87
N VAL A 23 -0.47 5.54 5.17
CA VAL A 23 0.14 6.79 5.64
C VAL A 23 1.64 6.64 5.82
N VAL A 24 2.35 7.76 5.76
CA VAL A 24 3.80 7.76 5.92
C VAL A 24 4.22 8.47 7.21
N GLY A 25 4.45 7.68 8.26
CA GLY A 25 4.85 8.26 9.53
C GLY A 25 6.30 8.71 9.54
N LYS A 26 7.21 7.78 9.77
CA LYS A 26 8.64 8.08 9.80
C LYS A 26 9.23 8.03 8.39
N VAL A 27 9.91 9.11 8.00
CA VAL A 27 10.54 9.19 6.69
C VAL A 27 12.05 9.30 6.80
N THR A 28 12.75 8.23 6.45
CA THR A 28 14.20 8.21 6.51
C THR A 28 14.81 8.13 5.12
N HIS A 29 16.01 8.67 4.98
CA HIS A 29 16.71 8.66 3.69
C HIS A 29 17.23 7.27 3.36
N HIS A 30 16.92 6.30 4.22
CA HIS A 30 17.35 4.93 4.03
C HIS A 30 16.16 3.98 3.97
N SER A 31 14.98 4.52 4.25
CA SER A 31 13.75 3.71 4.24
C SER A 31 12.52 4.61 4.38
N ILE A 32 11.34 3.99 4.34
CA ILE A 32 10.09 4.73 4.45
C ILE A 32 9.08 3.96 5.31
N GLU A 33 8.63 4.59 6.39
CA GLU A 33 7.66 3.96 7.28
C GLU A 33 6.24 4.11 6.74
N LEU A 34 5.48 3.02 6.80
CA LEU A 34 4.11 3.03 6.31
C LEU A 34 3.18 2.26 7.26
N TYR A 35 1.96 2.74 7.40
CA TYR A 35 0.98 2.10 8.27
C TYR A 35 -0.45 2.33 7.77
N TRP A 36 -1.15 1.24 7.50
CA TRP A 36 -2.53 1.32 7.01
C TRP A 36 -3.49 0.70 8.00
N ASP A 37 -3.06 0.59 9.26
CA ASP A 37 -3.90 0.01 10.31
C ASP A 37 -5.25 0.71 10.37
N LEU A 38 -5.32 1.91 9.81
CA LEU A 38 -6.56 2.68 9.81
C LEU A 38 -7.73 1.83 9.33
N GLU A 39 -7.63 1.31 8.11
CA GLU A 39 -8.67 0.47 7.55
C GLU A 39 -9.15 -0.56 8.57
N GLN A 40 -8.30 -0.86 9.54
CA GLN A 40 -8.64 -1.84 10.57
C GLN A 40 -9.06 -1.14 11.86
N LYS A 41 -10.10 -0.30 11.76
CA LYS A 41 -10.62 0.42 12.91
C LYS A 41 -11.24 -0.53 13.92
N GLU A 42 -12.26 -1.27 13.48
CA GLU A 42 -12.96 -2.22 14.34
C GLU A 42 -11.97 -3.23 14.92
N LYS A 43 -12.34 -3.81 16.07
CA LYS A 43 -11.49 -4.79 16.73
C LYS A 43 -11.46 -6.10 15.94
N ARG A 44 -10.32 -6.78 15.97
CA ARG A 44 -10.15 -8.04 15.25
C ARG A 44 -11.29 -8.99 15.57
N GLN A 45 -12.26 -9.07 14.67
CA GLN A 45 -13.42 -9.95 14.85
C GLN A 45 -13.10 -11.36 14.39
N GLY A 46 -13.77 -12.35 14.98
CA GLY A 46 -13.55 -13.73 14.62
C GLY A 46 -12.10 -14.14 14.77
N PRO A 47 -11.78 -15.38 14.35
CA PRO A 47 -10.43 -15.91 14.43
C PRO A 47 -9.48 -15.24 13.45
N GLN A 48 -8.18 -15.47 13.63
CA GLN A 48 -7.17 -14.88 12.76
C GLN A 48 -7.49 -15.16 11.29
N GLU A 49 -7.92 -16.39 11.01
CA GLU A 49 -8.25 -16.79 9.65
C GLU A 49 -9.15 -15.75 8.99
N GLN A 50 -9.97 -15.08 9.78
CA GLN A 50 -10.88 -14.07 9.27
C GLN A 50 -10.12 -12.81 8.87
N TRP A 51 -9.02 -12.54 9.58
CA TRP A 51 -8.20 -11.37 9.30
C TRP A 51 -8.11 -11.11 7.80
N LEU A 52 -7.82 -9.86 7.43
CA LEU A 52 -7.70 -9.49 6.03
C LEU A 52 -6.24 -9.53 5.58
N ARG A 53 -6.02 -9.98 4.34
CA ARG A 53 -4.68 -10.05 3.79
C ARG A 53 -4.25 -8.71 3.18
N PHE A 54 -3.05 -8.27 3.52
CA PHE A 54 -2.53 -7.01 3.02
C PHE A 54 -1.24 -7.23 2.22
N SER A 55 -1.30 -6.98 0.92
CA SER A 55 -0.15 -7.15 0.05
C SER A 55 0.28 -5.81 -0.56
N ILE A 56 1.48 -5.36 -0.20
CA ILE A 56 1.99 -4.10 -0.72
C ILE A 56 2.86 -4.33 -1.96
N GLU A 57 2.83 -3.37 -2.87
CA GLU A 57 3.61 -3.47 -4.11
C GLU A 57 4.36 -2.17 -4.38
N GLU A 58 5.24 -2.20 -5.38
CA GLU A 58 6.01 -1.01 -5.74
C GLU A 58 6.23 -0.95 -7.25
N GLU A 59 6.13 0.26 -7.80
CA GLU A 59 6.31 0.46 -9.23
C GLU A 59 7.75 0.83 -9.55
N ASP A 60 8.17 0.56 -10.79
CA ASP A 60 9.53 0.86 -11.22
C ASP A 60 9.53 1.98 -12.26
N PRO A 61 10.38 3.00 -12.03
CA PRO A 61 10.49 4.15 -12.92
C PRO A 61 11.14 3.78 -14.26
N LYS A 62 11.85 2.66 -14.26
CA LYS A 62 12.53 2.19 -15.48
C LYS A 62 11.78 1.03 -16.10
N MET A 63 11.24 0.15 -15.26
CA MET A 63 10.49 -1.01 -15.73
C MET A 63 9.00 -0.70 -15.81
N HIS A 64 8.62 0.48 -15.31
CA HIS A 64 7.21 0.89 -15.34
C HIS A 64 6.31 -0.26 -14.93
N SER A 65 6.83 -1.16 -14.11
CA SER A 65 6.06 -2.32 -13.65
C SER A 65 5.94 -2.33 -12.13
N TYR A 66 4.96 -3.05 -11.62
CA TYR A 66 4.73 -3.14 -10.18
C TYR A 66 5.24 -4.46 -9.63
N GLY A 67 5.61 -4.47 -8.36
CA GLY A 67 6.12 -5.67 -7.73
C GLY A 67 5.78 -5.75 -6.26
N VAL A 68 5.46 -6.95 -5.79
CA VAL A 68 5.10 -7.16 -4.39
C VAL A 68 6.34 -7.10 -3.50
N ILE A 69 6.40 -6.08 -2.64
CA ILE A 69 7.53 -5.90 -1.74
C ILE A 69 7.26 -6.56 -0.39
N TYR A 70 5.98 -6.59 0.01
CA TYR A 70 5.59 -7.19 1.27
C TYR A 70 4.26 -7.92 1.13
N THR A 71 4.12 -9.02 1.87
CA THR A 71 2.89 -9.82 1.83
C THR A 71 2.66 -10.53 3.15
N GLY A 72 1.56 -10.18 3.82
CA GLY A 72 1.24 -10.80 5.09
C GLY A 72 -0.09 -10.33 5.64
N TYR A 73 -0.19 -10.30 6.97
CA TYR A 73 -1.43 -9.86 7.62
C TYR A 73 -1.16 -8.70 8.57
N ALA A 74 -0.08 -7.99 8.33
CA ALA A 74 0.29 -6.85 9.17
C ALA A 74 -0.30 -5.55 8.62
N THR A 75 -0.02 -4.45 9.30
CA THR A 75 -0.53 -3.15 8.89
C THR A 75 0.60 -2.20 8.52
N ARG A 76 1.66 -2.23 9.33
CA ARG A 76 2.82 -1.37 9.10
C ARG A 76 3.79 -2.02 8.11
N HIS A 77 4.65 -1.20 7.51
CA HIS A 77 5.63 -1.70 6.55
C HIS A 77 6.67 -0.63 6.24
N VAL A 78 7.89 -0.85 6.72
CA VAL A 78 8.98 0.10 6.50
C VAL A 78 9.84 -0.33 5.32
N VAL A 79 9.63 0.32 4.18
CA VAL A 79 10.38 0.01 2.97
C VAL A 79 11.86 0.30 3.16
N GLU A 80 12.65 -0.76 3.36
CA GLU A 80 14.09 -0.61 3.55
C GLU A 80 14.82 -0.58 2.21
N GLY A 81 16.12 -0.29 2.26
CA GLY A 81 16.92 -0.23 1.05
C GLY A 81 16.43 0.83 0.09
N LEU A 82 16.50 2.09 0.50
CA LEU A 82 16.07 3.20 -0.34
C LEU A 82 17.18 4.23 -0.50
N GLU A 83 17.03 5.09 -1.50
CA GLU A 83 18.01 6.13 -1.76
C GLU A 83 17.54 7.49 -1.25
N PRO A 84 18.50 8.34 -0.86
CA PRO A 84 18.20 9.68 -0.34
C PRO A 84 17.67 10.62 -1.42
N ARG A 85 16.63 11.37 -1.09
CA ARG A 85 16.03 12.30 -2.03
C ARG A 85 15.46 11.56 -3.24
N THR A 86 14.84 10.42 -2.99
CA THR A 86 14.26 9.62 -4.06
C THR A 86 12.79 9.34 -3.80
N LEU A 87 11.99 9.30 -4.87
CA LEU A 87 10.56 9.04 -4.76
C LEU A 87 10.26 7.57 -4.93
N TYR A 88 9.23 7.10 -4.25
CA TYR A 88 8.83 5.69 -4.34
C TYR A 88 7.31 5.56 -4.32
N LYS A 89 6.80 4.66 -5.17
CA LYS A 89 5.36 4.43 -5.25
C LYS A 89 5.00 3.08 -4.64
N PHE A 90 3.89 3.06 -3.90
CA PHE A 90 3.42 1.84 -3.25
C PHE A 90 1.90 1.78 -3.25
N ARG A 91 1.36 0.61 -3.59
CA ARG A 91 -0.08 0.41 -3.62
C ARG A 91 -0.52 -0.62 -2.59
N LEU A 92 -1.59 -0.33 -1.87
CA LEU A 92 -2.12 -1.22 -0.85
C LEU A 92 -3.21 -2.12 -1.42
N LYS A 93 -3.08 -3.43 -1.20
CA LYS A 93 -4.06 -4.39 -1.68
C LYS A 93 -4.71 -5.14 -0.53
N VAL A 94 -5.94 -5.61 -0.75
CA VAL A 94 -6.67 -6.34 0.28
C VAL A 94 -7.53 -7.44 -0.34
N THR A 95 -7.69 -8.54 0.39
CA THR A 95 -8.49 -9.66 -0.09
C THR A 95 -9.37 -10.22 1.01
N SER A 96 -10.68 -10.02 0.88
CA SER A 96 -11.63 -10.51 1.87
C SER A 96 -11.45 -12.00 2.12
N PRO A 97 -11.88 -12.46 3.30
CA PRO A 97 -11.78 -13.87 3.69
C PRO A 97 -12.72 -14.76 2.89
N SER A 98 -13.43 -14.15 1.94
CA SER A 98 -14.37 -14.90 1.11
C SER A 98 -13.84 -15.05 -0.32
N GLY A 99 -13.02 -14.09 -0.74
CA GLY A 99 -12.45 -14.14 -2.08
C GLY A 99 -12.32 -12.76 -2.70
N GLU A 100 -13.26 -11.87 -2.37
CA GLU A 100 -13.24 -10.51 -2.90
C GLU A 100 -11.91 -9.83 -2.61
N TYR A 101 -11.50 -8.93 -3.50
CA TYR A 101 -10.25 -8.21 -3.34
C TYR A 101 -10.27 -6.91 -4.14
N GLU A 102 -9.55 -5.91 -3.65
CA GLU A 102 -9.48 -4.61 -4.32
C GLU A 102 -8.06 -4.05 -4.27
N TYR A 103 -7.90 -2.83 -4.77
CA TYR A 103 -6.59 -2.18 -4.79
C TYR A 103 -6.70 -0.73 -4.36
N SER A 104 -5.65 -0.23 -3.71
CA SER A 104 -5.63 1.15 -3.24
C SER A 104 -4.87 2.04 -4.21
N PRO A 105 -5.13 3.36 -4.13
CA PRO A 105 -4.48 4.34 -4.99
C PRO A 105 -3.00 4.52 -4.66
N VAL A 106 -2.14 4.24 -5.63
CA VAL A 106 -0.70 4.37 -5.44
C VAL A 106 -0.36 5.64 -4.68
N VAL A 107 0.61 5.55 -3.77
CA VAL A 107 1.03 6.70 -2.99
C VAL A 107 2.54 6.95 -3.13
N SER A 108 2.88 7.95 -3.94
CA SER A 108 4.28 8.29 -4.18
C SER A 108 4.83 9.16 -3.05
N VAL A 109 5.98 8.78 -2.52
CA VAL A 109 6.61 9.53 -1.44
C VAL A 109 8.12 9.63 -1.64
N ALA A 110 8.69 10.77 -1.26
CA ALA A 110 10.13 10.98 -1.39
C ALA A 110 10.81 10.97 -0.03
N THR A 111 11.87 10.16 0.09
CA THR A 111 12.60 10.06 1.34
C THR A 111 13.35 11.35 1.65
N THR A 112 14.05 11.37 2.78
CA THR A 112 14.81 12.55 3.19
C THR A 112 16.24 12.49 2.69
N ARG A 113 17.02 13.52 2.99
CA ARG A 113 18.41 13.59 2.55
C ARG A 113 19.32 12.91 3.58
N GLU A 114 20.31 12.18 3.10
CA GLU A 114 21.25 11.50 3.98
C GLU A 114 22.35 12.44 4.44
N SER A 115 22.69 12.37 5.73
CA SER A 115 23.73 13.22 6.30
C SER A 115 25.10 12.87 5.72
N GLY A 116 25.38 11.58 5.63
CA GLY A 116 26.66 11.13 5.09
C GLY A 116 27.21 9.94 5.84
N PRO A 117 27.67 8.93 5.09
CA PRO A 117 28.24 7.70 5.66
C PRO A 117 29.59 7.94 6.33
N SER A 118 30.04 6.97 7.12
CA SER A 118 31.31 7.08 7.81
C SER A 118 32.41 6.35 7.05
N SER A 119 33.66 6.62 7.42
CA SER A 119 34.80 5.99 6.78
C SER A 119 34.79 4.48 7.01
N GLY A 120 34.71 3.72 5.92
CA GLY A 120 34.70 2.27 6.02
C GLY A 120 34.14 1.61 4.78
N GLY A 1 -37.75 -5.83 -14.01
CA GLY A 1 -37.18 -4.64 -14.63
C GLY A 1 -36.01 -4.98 -15.55
N SER A 2 -35.83 -4.16 -16.58
CA SER A 2 -34.75 -4.38 -17.53
C SER A 2 -33.93 -3.11 -17.72
N SER A 3 -34.61 -2.01 -18.04
CA SER A 3 -33.94 -0.73 -18.26
C SER A 3 -32.82 -0.54 -17.26
N GLY A 4 -31.77 0.16 -17.69
CA GLY A 4 -30.63 0.41 -16.81
C GLY A 4 -29.54 1.21 -17.50
N SER A 5 -28.43 1.41 -16.80
CA SER A 5 -27.31 2.18 -17.34
C SER A 5 -26.10 1.27 -17.56
N SER A 6 -25.29 1.60 -18.56
CA SER A 6 -24.10 0.81 -18.87
C SER A 6 -22.94 1.19 -17.94
N GLY A 7 -21.83 0.47 -18.07
CA GLY A 7 -20.68 0.75 -17.24
C GLY A 7 -20.06 -0.51 -16.68
N MET A 8 -18.88 -0.37 -16.07
CA MET A 8 -18.18 -1.51 -15.49
C MET A 8 -18.96 -2.08 -14.31
N GLU A 9 -19.59 -3.23 -14.53
CA GLU A 9 -20.38 -3.88 -13.49
C GLU A 9 -20.11 -5.39 -13.47
N PRO A 10 -19.99 -5.94 -12.25
CA PRO A 10 -19.73 -7.37 -12.06
C PRO A 10 -20.93 -8.24 -12.46
N HIS A 11 -20.83 -9.54 -12.17
CA HIS A 11 -21.90 -10.46 -12.49
C HIS A 11 -21.89 -11.66 -11.54
N LYS A 12 -23.07 -12.18 -11.23
CA LYS A 12 -23.18 -13.34 -10.34
C LYS A 12 -22.20 -13.23 -9.18
N VAL A 13 -21.82 -12.00 -8.86
CA VAL A 13 -20.88 -11.76 -7.76
C VAL A 13 -20.68 -10.27 -7.53
N VAL A 14 -20.49 -9.89 -6.26
CA VAL A 14 -20.29 -8.50 -5.90
C VAL A 14 -18.94 -8.29 -5.23
N PRO A 15 -18.12 -7.40 -5.81
CA PRO A 15 -16.79 -7.10 -5.28
C PRO A 15 -16.85 -6.33 -3.96
N LEU A 16 -15.71 -6.24 -3.29
CA LEU A 16 -15.63 -5.53 -2.01
C LEU A 16 -15.23 -4.07 -2.22
N SER A 17 -15.34 -3.28 -1.16
CA SER A 17 -15.00 -1.86 -1.23
C SER A 17 -13.50 -1.68 -1.45
N LYS A 18 -13.12 -0.57 -2.08
CA LYS A 18 -11.73 -0.28 -2.36
C LYS A 18 -11.01 0.23 -1.11
N PRO A 19 -9.81 -0.32 -0.86
CA PRO A 19 -9.00 0.06 0.31
C PRO A 19 -8.45 1.48 0.19
N HIS A 20 -8.12 2.07 1.34
CA HIS A 20 -7.59 3.43 1.37
C HIS A 20 -6.06 3.42 1.35
N PRO A 21 -5.46 4.54 0.93
CA PRO A 21 -4.01 4.68 0.85
C PRO A 21 -3.36 4.74 2.23
N PRO A 22 -2.20 4.07 2.36
CA PRO A 22 -1.45 4.02 3.62
C PRO A 22 -0.82 5.36 3.97
N VAL A 23 -0.72 5.64 5.26
CA VAL A 23 -0.15 6.90 5.73
C VAL A 23 1.36 6.76 5.94
N VAL A 24 2.08 7.86 5.74
CA VAL A 24 3.53 7.87 5.91
C VAL A 24 3.94 8.63 7.16
N GLY A 25 4.12 7.91 8.25
CA GLY A 25 4.52 8.53 9.51
C GLY A 25 5.94 9.05 9.47
N LYS A 26 6.89 8.16 9.71
CA LYS A 26 8.30 8.52 9.71
C LYS A 26 8.87 8.52 8.30
N VAL A 27 9.65 9.53 7.98
CA VAL A 27 10.26 9.64 6.65
C VAL A 27 11.76 9.87 6.74
N THR A 28 12.53 8.82 6.50
CA THR A 28 13.99 8.90 6.56
C THR A 28 14.61 8.79 5.17
N HIS A 29 15.91 9.03 5.08
CA HIS A 29 16.62 8.96 3.82
C HIS A 29 17.13 7.55 3.56
N HIS A 30 16.73 6.61 4.41
CA HIS A 30 17.15 5.22 4.28
C HIS A 30 15.95 4.31 4.10
N SER A 31 14.82 4.71 4.68
CA SER A 31 13.59 3.92 4.59
C SER A 31 12.36 4.81 4.73
N ILE A 32 11.18 4.22 4.53
CA ILE A 32 9.93 4.95 4.62
C ILE A 32 8.91 4.21 5.47
N GLU A 33 8.36 4.89 6.48
CA GLU A 33 7.37 4.28 7.36
C GLU A 33 5.98 4.35 6.74
N LEU A 34 5.22 3.27 6.89
CA LEU A 34 3.86 3.22 6.36
C LEU A 34 2.94 2.42 7.28
N TYR A 35 1.70 2.88 7.40
CA TYR A 35 0.73 2.22 8.25
C TYR A 35 -0.69 2.45 7.74
N TRP A 36 -1.39 1.35 7.46
CA TRP A 36 -2.76 1.43 6.95
C TRP A 36 -3.75 0.91 7.99
N ASP A 37 -3.26 0.69 9.21
CA ASP A 37 -4.11 0.18 10.28
C ASP A 37 -5.49 0.85 10.24
N LEU A 38 -5.55 2.04 9.67
CA LEU A 38 -6.80 2.78 9.57
C LEU A 38 -7.95 1.85 9.17
N GLU A 39 -7.78 1.15 8.06
CA GLU A 39 -8.79 0.22 7.57
C GLU A 39 -9.00 -0.92 8.55
N GLN A 40 -8.01 -1.17 9.40
CA GLN A 40 -8.09 -2.23 10.40
C GLN A 40 -8.67 -1.71 11.70
N LYS A 41 -9.97 -1.44 11.69
CA LYS A 41 -10.65 -0.94 12.88
C LYS A 41 -11.54 -2.01 13.50
N GLU A 42 -12.59 -2.40 12.78
CA GLU A 42 -13.51 -3.42 13.26
C GLU A 42 -12.77 -4.53 14.00
N LYS A 43 -13.20 -4.80 15.22
CA LYS A 43 -12.57 -5.84 16.04
C LYS A 43 -12.38 -7.12 15.25
N ARG A 44 -11.31 -7.85 15.54
CA ARG A 44 -11.02 -9.10 14.85
C ARG A 44 -12.17 -10.08 14.99
N GLN A 45 -12.87 -10.34 13.88
CA GLN A 45 -14.00 -11.26 13.88
C GLN A 45 -13.52 -12.70 13.72
N GLY A 46 -13.54 -13.44 14.82
CA GLY A 46 -13.11 -14.83 14.80
C GLY A 46 -11.60 -14.97 14.88
N PRO A 47 -11.10 -16.16 14.53
CA PRO A 47 -9.67 -16.45 14.56
C PRO A 47 -8.90 -15.69 13.48
N GLN A 48 -7.58 -15.61 13.64
CA GLN A 48 -6.73 -14.92 12.67
C GLN A 48 -7.11 -15.29 11.25
N GLU A 49 -7.31 -16.58 11.01
CA GLU A 49 -7.68 -17.07 9.68
C GLU A 49 -8.77 -16.21 9.08
N GLN A 50 -9.69 -15.74 9.92
CA GLN A 50 -10.79 -14.90 9.47
C GLN A 50 -10.37 -13.44 9.39
N TRP A 51 -9.10 -13.21 9.09
CA TRP A 51 -8.58 -11.85 8.99
C TRP A 51 -8.35 -11.46 7.53
N LEU A 52 -8.18 -10.16 7.29
CA LEU A 52 -7.96 -9.67 5.94
C LEU A 52 -6.48 -9.73 5.56
N ARG A 53 -6.19 -9.73 4.27
CA ARG A 53 -4.81 -9.78 3.79
C ARG A 53 -4.40 -8.44 3.20
N PHE A 54 -3.11 -8.11 3.36
CA PHE A 54 -2.59 -6.85 2.86
C PHE A 54 -1.29 -7.08 2.08
N SER A 55 -1.35 -6.88 0.77
CA SER A 55 -0.19 -7.07 -0.10
C SER A 55 0.28 -5.73 -0.68
N ILE A 56 1.46 -5.29 -0.25
CA ILE A 56 2.02 -4.04 -0.73
C ILE A 56 2.90 -4.27 -1.94
N GLU A 57 2.85 -3.35 -2.89
CA GLU A 57 3.65 -3.44 -4.11
C GLU A 57 4.38 -2.14 -4.39
N GLU A 58 5.34 -2.18 -5.31
CA GLU A 58 6.11 -0.99 -5.67
C GLU A 58 6.33 -0.92 -7.18
N GLU A 59 6.24 0.29 -7.73
CA GLU A 59 6.42 0.49 -9.16
C GLU A 59 7.91 0.62 -9.51
N ASP A 60 8.23 0.40 -10.77
CA ASP A 60 9.61 0.48 -11.23
C ASP A 60 9.79 1.66 -12.19
N PRO A 61 10.73 2.55 -11.85
CA PRO A 61 11.02 3.73 -12.66
C PRO A 61 11.70 3.38 -13.99
N LYS A 62 12.29 2.19 -14.05
CA LYS A 62 12.97 1.73 -15.25
C LYS A 62 12.22 0.55 -15.88
N MET A 63 11.79 -0.39 -15.05
CA MET A 63 11.05 -1.55 -15.54
C MET A 63 9.58 -1.20 -15.76
N HIS A 64 9.13 -0.11 -15.17
CA HIS A 64 7.75 0.33 -15.31
C HIS A 64 6.79 -0.79 -14.95
N SER A 65 7.15 -1.58 -13.95
CA SER A 65 6.33 -2.69 -13.50
C SER A 65 6.18 -2.69 -11.98
N TYR A 66 5.10 -3.29 -11.49
CA TYR A 66 4.84 -3.35 -10.05
C TYR A 66 5.33 -4.69 -9.48
N GLY A 67 5.70 -4.66 -8.20
CA GLY A 67 6.19 -5.86 -7.55
C GLY A 67 5.79 -5.93 -6.09
N VAL A 68 5.31 -7.09 -5.65
CA VAL A 68 4.90 -7.28 -4.28
C VAL A 68 6.09 -7.24 -3.33
N ILE A 69 6.32 -6.08 -2.72
CA ILE A 69 7.43 -5.92 -1.79
C ILE A 69 7.13 -6.58 -0.46
N TYR A 70 5.88 -6.52 -0.04
CA TYR A 70 5.46 -7.12 1.23
C TYR A 70 4.06 -7.73 1.11
N THR A 71 3.85 -8.84 1.80
CA THR A 71 2.57 -9.53 1.77
C THR A 71 2.32 -10.29 3.06
N GLY A 72 1.32 -9.86 3.82
CA GLY A 72 1.00 -10.52 5.08
C GLY A 72 -0.33 -10.06 5.65
N TYR A 73 -0.44 -10.07 6.97
CA TYR A 73 -1.66 -9.66 7.65
C TYR A 73 -1.39 -8.54 8.64
N ALA A 74 -0.34 -7.77 8.39
CA ALA A 74 0.03 -6.65 9.25
C ALA A 74 -0.59 -5.35 8.77
N THR A 75 -0.23 -4.25 9.43
CA THR A 75 -0.75 -2.94 9.06
C THR A 75 0.38 -1.98 8.70
N ARG A 76 1.47 -2.04 9.45
CA ARG A 76 2.62 -1.18 9.21
C ARG A 76 3.61 -1.86 8.25
N HIS A 77 4.45 -1.05 7.62
CA HIS A 77 5.45 -1.57 6.68
C HIS A 77 6.49 -0.50 6.36
N VAL A 78 7.69 -0.69 6.89
CA VAL A 78 8.78 0.25 6.65
C VAL A 78 9.70 -0.22 5.53
N VAL A 79 9.51 0.35 4.34
CA VAL A 79 10.31 -0.02 3.18
C VAL A 79 11.79 0.26 3.43
N GLU A 80 12.58 -0.80 3.58
CA GLU A 80 14.01 -0.66 3.82
C GLU A 80 14.79 -0.62 2.51
N GLY A 81 16.09 -0.39 2.60
CA GLY A 81 16.92 -0.33 1.40
C GLY A 81 16.47 0.75 0.44
N LEU A 82 16.44 1.99 0.92
CA LEU A 82 16.02 3.12 0.09
C LEU A 82 17.13 4.16 0.00
N GLU A 83 17.07 4.98 -1.04
CA GLU A 83 18.08 6.02 -1.25
C GLU A 83 17.51 7.40 -0.91
N PRO A 84 18.40 8.35 -0.62
CA PRO A 84 18.01 9.73 -0.27
C PRO A 84 17.45 10.49 -1.47
N ARG A 85 16.47 11.35 -1.21
CA ARG A 85 15.85 12.13 -2.27
C ARG A 85 15.39 11.24 -3.42
N THR A 86 14.72 10.14 -3.06
CA THR A 86 14.22 9.20 -4.07
C THR A 86 12.73 8.93 -3.87
N LEU A 87 11.99 8.97 -4.96
CA LEU A 87 10.55 8.74 -4.92
C LEU A 87 10.23 7.24 -4.98
N TYR A 88 9.23 6.83 -4.22
CA TYR A 88 8.83 5.42 -4.18
C TYR A 88 7.32 5.29 -4.08
N LYS A 89 6.71 4.73 -5.14
CA LYS A 89 5.27 4.54 -5.18
C LYS A 89 4.88 3.18 -4.60
N PHE A 90 3.85 3.18 -3.76
CA PHE A 90 3.38 1.94 -3.14
C PHE A 90 1.87 1.83 -3.23
N ARG A 91 1.38 0.64 -3.55
CA ARG A 91 -0.05 0.40 -3.68
C ARG A 91 -0.52 -0.64 -2.65
N LEU A 92 -1.57 -0.30 -1.92
CA LEU A 92 -2.12 -1.20 -0.91
C LEU A 92 -3.21 -2.08 -1.50
N LYS A 93 -3.09 -3.38 -1.30
CA LYS A 93 -4.08 -4.33 -1.80
C LYS A 93 -4.75 -5.09 -0.66
N VAL A 94 -6.03 -5.39 -0.82
CA VAL A 94 -6.78 -6.11 0.20
C VAL A 94 -7.64 -7.20 -0.43
N THR A 95 -7.81 -8.30 0.31
CA THR A 95 -8.61 -9.42 -0.18
C THR A 95 -9.48 -10.00 0.94
N SER A 96 -10.79 -9.87 0.79
CA SER A 96 -11.72 -10.38 1.79
C SER A 96 -11.52 -11.88 2.02
N PRO A 97 -11.99 -12.38 3.16
CA PRO A 97 -11.87 -13.79 3.54
C PRO A 97 -12.75 -14.69 2.67
N SER A 98 -13.45 -14.09 1.72
CA SER A 98 -14.33 -14.83 0.83
C SER A 98 -13.70 -15.00 -0.55
N GLY A 99 -12.96 -13.97 -0.98
CA GLY A 99 -12.32 -14.03 -2.28
C GLY A 99 -12.16 -12.66 -2.90
N GLU A 100 -13.13 -11.78 -2.67
CA GLU A 100 -13.09 -10.44 -3.21
C GLU A 100 -11.79 -9.73 -2.84
N TYR A 101 -11.34 -8.83 -3.71
CA TYR A 101 -10.11 -8.09 -3.48
C TYR A 101 -10.09 -6.80 -4.29
N GLU A 102 -9.57 -5.74 -3.68
CA GLU A 102 -9.49 -4.44 -4.34
C GLU A 102 -8.07 -3.88 -4.29
N TYR A 103 -7.90 -2.66 -4.78
CA TYR A 103 -6.59 -2.02 -4.79
C TYR A 103 -6.70 -0.55 -4.36
N SER A 104 -5.68 -0.08 -3.66
CA SER A 104 -5.65 1.30 -3.19
C SER A 104 -4.91 2.19 -4.18
N PRO A 105 -5.14 3.51 -4.07
CA PRO A 105 -4.51 4.51 -4.95
C PRO A 105 -3.02 4.64 -4.67
N VAL A 106 -2.21 4.38 -5.69
CA VAL A 106 -0.75 4.49 -5.56
C VAL A 106 -0.37 5.71 -4.75
N VAL A 107 0.62 5.54 -3.86
CA VAL A 107 1.08 6.63 -3.01
C VAL A 107 2.59 6.85 -3.18
N SER A 108 2.94 7.88 -3.93
CA SER A 108 4.34 8.20 -4.18
C SER A 108 4.91 9.07 -3.06
N VAL A 109 6.06 8.66 -2.52
CA VAL A 109 6.69 9.40 -1.45
C VAL A 109 8.20 9.47 -1.66
N ALA A 110 8.76 10.67 -1.53
CA ALA A 110 10.19 10.87 -1.70
C ALA A 110 10.90 10.97 -0.35
N THR A 111 11.90 10.11 -0.16
CA THR A 111 12.65 10.10 1.09
C THR A 111 13.38 11.43 1.31
N THR A 112 14.09 11.52 2.43
CA THR A 112 14.84 12.73 2.76
C THR A 112 16.30 12.61 2.34
N ARG A 113 17.08 13.65 2.64
CA ARG A 113 18.50 13.66 2.28
C ARG A 113 19.32 12.85 3.30
N GLU A 114 20.53 12.49 2.90
CA GLU A 114 21.40 11.72 3.77
C GLU A 114 22.64 12.53 4.16
N SER A 115 23.16 13.29 3.20
CA SER A 115 24.35 14.11 3.43
C SER A 115 23.97 15.44 4.06
N GLY A 116 23.05 16.16 3.42
CA GLY A 116 22.62 17.45 3.93
C GLY A 116 23.73 18.47 3.94
N PRO A 117 23.51 19.59 4.65
CA PRO A 117 24.49 20.67 4.75
C PRO A 117 25.70 20.28 5.59
N SER A 118 25.71 19.03 6.04
CA SER A 118 26.81 18.53 6.86
C SER A 118 27.69 17.56 6.06
N SER A 119 28.98 17.59 6.32
CA SER A 119 29.93 16.72 5.63
C SER A 119 30.60 15.76 6.60
N GLY A 120 30.91 14.56 6.13
CA GLY A 120 31.56 13.57 6.98
C GLY A 120 32.09 12.39 6.19
N GLY A 1 -20.95 11.60 -17.10
CA GLY A 1 -21.26 10.30 -17.66
C GLY A 1 -20.14 9.75 -18.51
N SER A 2 -20.27 9.91 -19.83
CA SER A 2 -19.26 9.42 -20.77
C SER A 2 -18.20 10.49 -21.03
N SER A 3 -17.20 10.54 -20.16
CA SER A 3 -16.12 11.52 -20.29
C SER A 3 -15.03 11.27 -19.25
N GLY A 4 -13.79 11.21 -19.71
CA GLY A 4 -12.67 10.99 -18.81
C GLY A 4 -12.29 9.52 -18.73
N SER A 5 -13.29 8.66 -18.59
CA SER A 5 -13.06 7.22 -18.49
C SER A 5 -14.33 6.44 -18.84
N SER A 6 -14.17 5.13 -19.00
CA SER A 6 -15.30 4.26 -19.33
C SER A 6 -15.92 3.66 -18.08
N GLY A 7 -17.21 3.34 -18.15
CA GLY A 7 -17.90 2.76 -17.02
C GLY A 7 -18.49 1.39 -17.34
N MET A 8 -18.56 0.53 -16.33
CA MET A 8 -19.11 -0.81 -16.51
C MET A 8 -19.55 -1.39 -15.18
N GLU A 9 -20.26 -2.52 -15.23
CA GLU A 9 -20.76 -3.18 -14.03
C GLU A 9 -19.99 -4.48 -13.77
N PRO A 10 -19.62 -4.70 -12.50
CA PRO A 10 -18.88 -5.90 -12.10
C PRO A 10 -19.74 -7.16 -12.17
N HIS A 11 -19.14 -8.30 -11.83
CA HIS A 11 -19.85 -9.57 -11.86
C HIS A 11 -21.18 -9.46 -11.10
N LYS A 12 -21.99 -10.51 -11.20
CA LYS A 12 -23.29 -10.54 -10.54
C LYS A 12 -23.21 -9.86 -9.18
N VAL A 13 -22.19 -10.21 -8.40
CA VAL A 13 -22.00 -9.62 -7.08
C VAL A 13 -21.05 -8.44 -7.13
N VAL A 14 -21.31 -7.43 -6.31
CA VAL A 14 -20.48 -6.23 -6.27
C VAL A 14 -19.29 -6.44 -5.34
N PRO A 15 -18.10 -6.03 -5.80
CA PRO A 15 -16.86 -6.17 -5.02
C PRO A 15 -16.82 -5.22 -3.83
N LEU A 16 -15.88 -5.45 -2.92
CA LEU A 16 -15.73 -4.61 -1.73
C LEU A 16 -15.27 -3.22 -2.11
N SER A 17 -15.24 -2.32 -1.12
CA SER A 17 -14.81 -0.95 -1.35
C SER A 17 -13.29 -0.85 -1.40
N LYS A 18 -12.77 -0.22 -2.45
CA LYS A 18 -11.33 -0.06 -2.62
C LYS A 18 -10.68 0.36 -1.32
N PRO A 19 -9.50 -0.23 -1.03
CA PRO A 19 -8.75 0.06 0.19
C PRO A 19 -8.14 1.47 0.18
N HIS A 20 -7.92 2.02 1.36
CA HIS A 20 -7.36 3.36 1.49
C HIS A 20 -5.84 3.31 1.41
N PRO A 21 -5.22 4.45 1.05
CA PRO A 21 -3.76 4.55 0.94
C PRO A 21 -3.08 4.50 2.29
N PRO A 22 -1.93 3.81 2.35
CA PRO A 22 -1.14 3.66 3.59
C PRO A 22 -0.49 4.97 4.01
N VAL A 23 -0.47 5.23 5.31
CA VAL A 23 0.14 6.46 5.83
C VAL A 23 1.65 6.29 6.00
N VAL A 24 2.38 7.40 5.94
CA VAL A 24 3.83 7.37 6.09
C VAL A 24 4.26 8.11 7.36
N GLY A 25 4.49 7.34 8.42
CA GLY A 25 4.92 7.94 9.67
C GLY A 25 6.34 8.45 9.63
N LYS A 26 7.30 7.56 9.85
CA LYS A 26 8.71 7.93 9.83
C LYS A 26 9.26 7.91 8.40
N VAL A 27 9.93 8.99 8.01
CA VAL A 27 10.51 9.08 6.67
C VAL A 27 12.03 9.24 6.74
N THR A 28 12.74 8.17 6.40
CA THR A 28 14.20 8.19 6.43
C THR A 28 14.77 8.21 5.01
N HIS A 29 16.03 8.62 4.90
CA HIS A 29 16.69 8.69 3.60
C HIS A 29 17.21 7.32 3.18
N HIS A 30 16.88 6.31 3.96
CA HIS A 30 17.31 4.94 3.68
C HIS A 30 16.11 4.00 3.60
N SER A 31 14.98 4.45 4.14
CA SER A 31 13.76 3.64 4.14
C SER A 31 12.54 4.52 4.36
N ILE A 32 11.35 3.92 4.22
CA ILE A 32 10.10 4.64 4.40
C ILE A 32 9.14 3.86 5.29
N GLU A 33 8.65 4.51 6.34
CA GLU A 33 7.73 3.87 7.26
C GLU A 33 6.31 3.87 6.70
N LEU A 34 5.59 2.78 6.91
CA LEU A 34 4.22 2.66 6.42
C LEU A 34 3.34 1.92 7.44
N TYR A 35 2.11 2.39 7.59
CA TYR A 35 1.17 1.78 8.53
C TYR A 35 -0.27 2.01 8.07
N TRP A 36 -0.99 0.91 7.86
CA TRP A 36 -2.38 0.98 7.42
C TRP A 36 -3.28 0.19 8.37
N ASP A 37 -3.00 0.28 9.65
CA ASP A 37 -3.79 -0.42 10.66
C ASP A 37 -5.07 0.33 10.97
N LEU A 38 -5.46 1.23 10.06
CA LEU A 38 -6.67 2.02 10.24
C LEU A 38 -7.88 1.32 9.63
N GLU A 39 -7.68 0.73 8.46
CA GLU A 39 -8.76 0.02 7.78
C GLU A 39 -9.35 -1.07 8.67
N GLN A 40 -8.53 -2.08 8.99
CA GLN A 40 -8.98 -3.17 9.84
C GLN A 40 -8.99 -2.76 11.30
N LYS A 41 -9.58 -1.60 11.58
CA LYS A 41 -9.66 -1.09 12.94
C LYS A 41 -11.11 -1.00 13.40
N GLU A 42 -11.88 -2.05 13.11
CA GLU A 42 -13.28 -2.10 13.50
C GLU A 42 -13.51 -3.14 14.59
N LYS A 43 -12.87 -4.29 14.45
CA LYS A 43 -13.00 -5.37 15.43
C LYS A 43 -12.06 -6.52 15.09
N ARG A 44 -11.20 -6.87 16.04
CA ARG A 44 -10.24 -7.96 15.84
C ARG A 44 -10.57 -9.14 16.74
N GLN A 45 -11.13 -8.84 17.92
CA GLN A 45 -11.48 -9.88 18.87
C GLN A 45 -12.09 -11.09 18.16
N GLY A 46 -11.30 -12.16 18.07
CA GLY A 46 -11.76 -13.37 17.41
C GLY A 46 -10.62 -14.18 16.81
N PRO A 47 -10.97 -15.10 15.90
CA PRO A 47 -9.98 -15.96 15.24
C PRO A 47 -9.10 -15.19 14.27
N GLN A 48 -8.08 -15.85 13.74
CA GLN A 48 -7.16 -15.23 12.80
C GLN A 48 -7.68 -15.35 11.37
N GLU A 49 -8.18 -16.53 11.02
CA GLU A 49 -8.71 -16.77 9.69
C GLU A 49 -9.74 -15.71 9.31
N GLN A 50 -10.26 -15.01 10.31
CA GLN A 50 -11.25 -13.97 10.08
C GLN A 50 -10.58 -12.61 9.86
N TRP A 51 -9.32 -12.64 9.42
CA TRP A 51 -8.57 -11.42 9.17
C TRP A 51 -8.42 -11.16 7.67
N LEU A 52 -8.09 -9.93 7.32
CA LEU A 52 -7.93 -9.55 5.92
C LEU A 52 -6.45 -9.54 5.53
N ARG A 53 -6.17 -9.93 4.29
CA ARG A 53 -4.80 -9.98 3.80
C ARG A 53 -4.38 -8.62 3.25
N PHE A 54 -3.08 -8.34 3.32
CA PHE A 54 -2.55 -7.07 2.84
C PHE A 54 -1.26 -7.29 2.04
N SER A 55 -1.29 -6.92 0.76
CA SER A 55 -0.13 -7.08 -0.11
C SER A 55 0.31 -5.73 -0.67
N ILE A 56 1.51 -5.31 -0.29
CA ILE A 56 2.05 -4.04 -0.75
C ILE A 56 3.01 -4.25 -1.92
N GLU A 57 2.98 -3.32 -2.86
CA GLU A 57 3.85 -3.40 -4.04
C GLU A 57 4.54 -2.06 -4.30
N GLU A 58 5.47 -2.05 -5.24
CA GLU A 58 6.21 -0.84 -5.59
C GLU A 58 6.52 -0.80 -7.08
N GLU A 59 6.47 0.39 -7.65
CA GLU A 59 6.75 0.57 -9.08
C GLU A 59 8.22 0.89 -9.31
N ASP A 60 8.70 0.60 -10.51
CA ASP A 60 10.09 0.88 -10.86
C ASP A 60 10.19 1.96 -11.92
N PRO A 61 11.01 2.99 -11.63
CA PRO A 61 11.21 4.12 -12.54
C PRO A 61 11.98 3.72 -13.81
N LYS A 62 12.67 2.59 -13.73
CA LYS A 62 13.45 2.09 -14.86
C LYS A 62 12.74 0.92 -15.54
N MET A 63 12.07 0.09 -14.74
CA MET A 63 11.36 -1.07 -15.27
C MET A 63 9.88 -0.74 -15.46
N HIS A 64 9.48 0.47 -15.07
CA HIS A 64 8.10 0.90 -15.19
C HIS A 64 7.14 -0.24 -14.85
N SER A 65 7.61 -1.16 -14.02
CA SER A 65 6.79 -2.32 -13.63
C SER A 65 6.62 -2.36 -12.11
N TYR A 66 5.66 -3.15 -11.65
CA TYR A 66 5.39 -3.28 -10.23
C TYR A 66 5.90 -4.63 -9.70
N GLY A 67 5.90 -4.78 -8.38
CA GLY A 67 6.35 -6.01 -7.77
C GLY A 67 6.01 -6.10 -6.30
N VAL A 68 5.44 -7.23 -5.89
CA VAL A 68 5.06 -7.44 -4.50
C VAL A 68 6.28 -7.35 -3.59
N ILE A 69 6.40 -6.23 -2.87
CA ILE A 69 7.52 -6.03 -1.96
C ILE A 69 7.22 -6.65 -0.59
N TYR A 70 5.95 -6.67 -0.22
CA TYR A 70 5.53 -7.23 1.06
C TYR A 70 4.20 -7.95 0.94
N THR A 71 4.07 -9.06 1.67
CA THR A 71 2.84 -9.84 1.63
C THR A 71 2.64 -10.60 2.95
N GLY A 72 1.45 -10.46 3.52
CA GLY A 72 1.15 -11.15 4.77
C GLY A 72 -0.17 -10.71 5.36
N TYR A 73 -0.26 -10.75 6.68
CA TYR A 73 -1.49 -10.36 7.38
C TYR A 73 -1.22 -9.21 8.35
N ALA A 74 -0.15 -8.47 8.09
CA ALA A 74 0.21 -7.33 8.94
C ALA A 74 -0.37 -6.04 8.41
N THR A 75 -0.35 -4.99 9.23
CA THR A 75 -0.88 -3.69 8.84
C THR A 75 0.24 -2.67 8.65
N ARG A 76 1.37 -2.93 9.31
CA ARG A 76 2.53 -2.03 9.21
C ARG A 76 3.55 -2.57 8.21
N HIS A 77 4.41 -1.68 7.72
CA HIS A 77 5.44 -2.06 6.77
C HIS A 77 6.49 -0.97 6.63
N VAL A 78 7.66 -1.34 6.13
CA VAL A 78 8.76 -0.39 5.96
C VAL A 78 9.62 -0.76 4.75
N VAL A 79 9.65 0.14 3.76
CA VAL A 79 10.43 -0.08 2.56
C VAL A 79 11.89 0.26 2.77
N GLU A 80 12.73 -0.76 2.84
CA GLU A 80 14.17 -0.56 3.05
C GLU A 80 14.89 -0.40 1.71
N GLY A 81 16.21 -0.19 1.79
CA GLY A 81 16.99 -0.02 0.57
C GLY A 81 16.42 1.03 -0.36
N LEU A 82 16.57 2.30 0.04
CA LEU A 82 16.06 3.41 -0.77
C LEU A 82 17.13 4.47 -0.96
N GLU A 83 16.87 5.42 -1.86
CA GLU A 83 17.81 6.49 -2.14
C GLU A 83 17.32 7.80 -1.55
N PRO A 84 18.27 8.68 -1.17
CA PRO A 84 17.96 9.99 -0.58
C PRO A 84 17.36 10.95 -1.60
N ARG A 85 16.35 11.70 -1.17
CA ARG A 85 15.69 12.65 -2.05
C ARG A 85 15.10 11.96 -3.27
N THR A 86 14.55 10.76 -3.06
CA THR A 86 13.95 9.99 -4.15
C THR A 86 12.50 9.66 -3.85
N LEU A 87 11.67 9.66 -4.89
CA LEU A 87 10.26 9.35 -4.73
C LEU A 87 9.99 7.87 -4.99
N TYR A 88 9.00 7.32 -4.28
CA TYR A 88 8.65 5.92 -4.42
C TYR A 88 7.13 5.73 -4.40
N LYS A 89 6.64 4.87 -5.28
CA LYS A 89 5.21 4.60 -5.37
C LYS A 89 4.88 3.21 -4.83
N PHE A 90 3.82 3.12 -4.04
CA PHE A 90 3.40 1.85 -3.47
C PHE A 90 1.88 1.71 -3.49
N ARG A 91 1.40 0.50 -3.72
CA ARG A 91 -0.04 0.24 -3.76
C ARG A 91 -0.42 -0.82 -2.74
N LEU A 92 -1.46 -0.54 -1.95
CA LEU A 92 -1.94 -1.46 -0.93
C LEU A 92 -3.11 -2.28 -1.44
N LYS A 93 -3.04 -3.59 -1.26
CA LYS A 93 -4.10 -4.49 -1.70
C LYS A 93 -4.73 -5.22 -0.51
N VAL A 94 -6.03 -5.45 -0.59
CA VAL A 94 -6.75 -6.15 0.47
C VAL A 94 -7.68 -7.21 -0.08
N THR A 95 -7.70 -8.37 0.57
CA THR A 95 -8.55 -9.47 0.14
C THR A 95 -9.53 -9.88 1.24
N SER A 96 -10.80 -9.57 1.03
CA SER A 96 -11.84 -9.90 2.00
C SER A 96 -11.80 -11.38 2.35
N PRO A 97 -12.31 -11.72 3.54
CA PRO A 97 -12.34 -13.10 4.03
C PRO A 97 -13.33 -13.97 3.25
N SER A 98 -13.93 -13.38 2.22
CA SER A 98 -14.91 -14.10 1.40
C SER A 98 -14.29 -14.50 0.07
N GLY A 99 -13.31 -13.73 -0.40
CA GLY A 99 -12.66 -14.03 -1.65
C GLY A 99 -12.42 -12.79 -2.48
N GLU A 100 -13.20 -11.74 -2.22
CA GLU A 100 -13.06 -10.48 -2.95
C GLU A 100 -11.80 -9.74 -2.54
N TYR A 101 -11.35 -8.82 -3.39
CA TYR A 101 -10.16 -8.03 -3.12
C TYR A 101 -10.19 -6.71 -3.87
N GLU A 102 -9.25 -5.83 -3.54
CA GLU A 102 -9.17 -4.53 -4.19
C GLU A 102 -7.77 -3.93 -4.02
N TYR A 103 -7.51 -2.85 -4.75
CA TYR A 103 -6.22 -2.17 -4.69
C TYR A 103 -6.37 -0.74 -4.22
N SER A 104 -5.33 -0.21 -3.57
CA SER A 104 -5.35 1.15 -3.07
C SER A 104 -4.76 2.12 -4.09
N PRO A 105 -5.07 3.42 -3.94
CA PRO A 105 -4.57 4.46 -4.84
C PRO A 105 -3.08 4.71 -4.67
N VAL A 106 -2.33 4.52 -5.75
CA VAL A 106 -0.89 4.72 -5.72
C VAL A 106 -0.51 5.89 -4.82
N VAL A 107 0.44 5.66 -3.92
CA VAL A 107 0.89 6.70 -3.00
C VAL A 107 2.38 6.98 -3.17
N SER A 108 2.69 8.09 -3.84
CA SER A 108 4.08 8.46 -4.07
C SER A 108 4.63 9.28 -2.89
N VAL A 109 5.78 8.86 -2.39
CA VAL A 109 6.42 9.54 -1.27
C VAL A 109 7.91 9.68 -1.48
N ALA A 110 8.46 10.83 -1.11
CA ALA A 110 9.88 11.09 -1.26
C ALA A 110 10.60 10.99 0.08
N THR A 111 11.70 10.24 0.11
CA THR A 111 12.47 10.06 1.33
C THR A 111 13.13 11.37 1.76
N THR A 112 13.95 11.31 2.80
CA THR A 112 14.64 12.48 3.31
C THR A 112 16.08 12.54 2.80
N ARG A 113 16.74 13.67 3.04
CA ARG A 113 18.12 13.85 2.59
C ARG A 113 19.09 13.09 3.51
N GLU A 114 20.21 12.66 2.94
CA GLU A 114 21.21 11.93 3.70
C GLU A 114 21.69 12.73 4.90
N SER A 115 21.84 14.04 4.71
CA SER A 115 22.28 14.93 5.78
C SER A 115 23.68 14.54 6.26
N GLY A 116 24.56 14.25 5.31
CA GLY A 116 25.92 13.86 5.64
C GLY A 116 26.92 14.35 4.62
N PRO A 117 27.02 15.68 4.46
CA PRO A 117 27.95 16.29 3.51
C PRO A 117 29.41 16.15 3.94
N SER A 118 30.31 16.69 3.13
CA SER A 118 31.74 16.61 3.43
C SER A 118 32.50 17.78 2.79
N SER A 119 33.12 18.59 3.62
CA SER A 119 33.87 19.75 3.13
C SER A 119 34.58 19.42 1.81
N GLY A 120 34.27 20.20 0.78
CA GLY A 120 34.88 19.98 -0.52
C GLY A 120 34.73 18.55 -0.99
N GLY A 1 -13.06 18.48 -21.30
CA GLY A 1 -13.51 17.32 -22.04
C GLY A 1 -14.63 16.57 -21.35
N SER A 2 -15.61 16.12 -22.13
CA SER A 2 -16.75 15.39 -21.59
C SER A 2 -16.41 13.91 -21.43
N SER A 3 -15.73 13.59 -20.33
CA SER A 3 -15.34 12.21 -20.06
C SER A 3 -16.57 11.34 -19.80
N GLY A 4 -16.78 10.35 -20.67
CA GLY A 4 -17.92 9.46 -20.52
C GLY A 4 -17.53 8.11 -19.96
N SER A 5 -17.31 8.06 -18.65
CA SER A 5 -16.93 6.81 -17.98
C SER A 5 -18.14 5.91 -17.79
N SER A 6 -18.05 4.69 -18.30
CA SER A 6 -19.14 3.72 -18.19
C SER A 6 -19.34 3.30 -16.73
N GLY A 7 -20.30 3.95 -16.07
CA GLY A 7 -20.58 3.64 -14.68
C GLY A 7 -21.76 2.70 -14.53
N MET A 8 -21.47 1.41 -14.40
CA MET A 8 -22.52 0.40 -14.24
C MET A 8 -22.30 -0.42 -12.97
N GLU A 9 -23.30 -0.41 -12.09
CA GLU A 9 -23.22 -1.15 -10.84
C GLU A 9 -22.82 -2.60 -11.09
N PRO A 10 -22.10 -3.20 -10.13
CA PRO A 10 -21.64 -4.59 -10.23
C PRO A 10 -22.79 -5.58 -10.12
N HIS A 11 -22.47 -6.87 -10.17
CA HIS A 11 -23.47 -7.92 -10.07
C HIS A 11 -24.39 -7.69 -8.88
N LYS A 12 -25.44 -8.49 -8.78
CA LYS A 12 -26.40 -8.37 -7.69
C LYS A 12 -25.70 -8.00 -6.38
N VAL A 13 -24.59 -8.69 -6.10
CA VAL A 13 -23.83 -8.43 -4.88
C VAL A 13 -22.69 -7.44 -5.16
N VAL A 14 -22.49 -6.50 -4.23
CA VAL A 14 -21.44 -5.51 -4.37
C VAL A 14 -20.20 -5.92 -3.59
N PRO A 15 -19.05 -5.99 -4.31
CA PRO A 15 -17.77 -6.38 -3.72
C PRO A 15 -17.23 -5.30 -2.79
N LEU A 16 -16.22 -5.67 -2.00
CA LEU A 16 -15.60 -4.73 -1.06
C LEU A 16 -15.10 -3.48 -1.78
N SER A 17 -15.35 -2.32 -1.20
CA SER A 17 -14.92 -1.06 -1.79
C SER A 17 -13.40 -0.98 -1.85
N LYS A 18 -12.89 -0.11 -2.73
CA LYS A 18 -11.45 0.06 -2.89
C LYS A 18 -10.81 0.52 -1.58
N PRO A 19 -9.66 -0.09 -1.25
CA PRO A 19 -8.93 0.24 -0.03
C PRO A 19 -8.29 1.63 -0.08
N HIS A 20 -8.20 2.28 1.08
CA HIS A 20 -7.62 3.62 1.16
C HIS A 20 -6.10 3.54 1.15
N PRO A 21 -5.44 4.64 0.75
CA PRO A 21 -3.99 4.73 0.68
C PRO A 21 -3.35 4.74 2.07
N PRO A 22 -2.20 4.06 2.21
CA PRO A 22 -1.48 3.98 3.47
C PRO A 22 -0.83 5.31 3.85
N VAL A 23 -0.69 5.54 5.16
CA VAL A 23 -0.09 6.77 5.65
C VAL A 23 1.42 6.61 5.84
N VAL A 24 2.13 7.72 5.76
CA VAL A 24 3.58 7.72 5.91
C VAL A 24 4.00 8.35 7.24
N GLY A 25 4.20 7.51 8.25
CA GLY A 25 4.60 8.01 9.56
C GLY A 25 6.02 8.52 9.57
N LYS A 26 6.97 7.61 9.79
CA LYS A 26 8.38 7.97 9.84
C LYS A 26 8.97 8.04 8.43
N VAL A 27 9.72 9.10 8.16
CA VAL A 27 10.35 9.29 6.85
C VAL A 27 11.86 9.40 6.98
N THR A 28 12.57 8.39 6.48
CA THR A 28 14.03 8.38 6.54
C THR A 28 14.64 8.34 5.14
N HIS A 29 15.88 8.79 5.03
CA HIS A 29 16.57 8.80 3.74
C HIS A 29 17.13 7.42 3.41
N HIS A 30 16.78 6.44 4.23
CA HIS A 30 17.25 5.07 4.01
C HIS A 30 16.07 4.10 3.94
N SER A 31 14.93 4.51 4.48
CA SER A 31 13.74 3.68 4.48
C SER A 31 12.48 4.54 4.54
N ILE A 32 11.32 3.88 4.50
CA ILE A 32 10.05 4.59 4.56
C ILE A 32 9.03 3.81 5.38
N GLU A 33 8.51 4.44 6.42
CA GLU A 33 7.51 3.81 7.28
C GLU A 33 6.11 3.91 6.68
N LEU A 34 5.35 2.84 6.82
CA LEU A 34 3.99 2.81 6.29
C LEU A 34 3.05 2.08 7.23
N TYR A 35 1.87 2.66 7.46
CA TYR A 35 0.88 2.07 8.35
C TYR A 35 -0.53 2.32 7.83
N TRP A 36 -1.28 1.23 7.65
CA TRP A 36 -2.65 1.33 7.16
C TRP A 36 -3.64 0.71 8.16
N ASP A 37 -3.21 0.62 9.41
CA ASP A 37 -4.05 0.05 10.46
C ASP A 37 -5.42 0.71 10.48
N LEU A 38 -5.49 1.93 9.95
CA LEU A 38 -6.75 2.67 9.90
C LEU A 38 -7.91 1.76 9.49
N GLU A 39 -7.92 1.37 8.22
CA GLU A 39 -8.97 0.50 7.71
C GLU A 39 -9.30 -0.60 8.71
N GLN A 40 -8.32 -0.99 9.51
CA GLN A 40 -8.52 -2.03 10.50
C GLN A 40 -9.17 -1.46 11.76
N LYS A 41 -10.19 -0.63 11.56
CA LYS A 41 -10.91 -0.02 12.67
C LYS A 41 -11.57 -1.08 13.55
N GLU A 42 -12.38 -1.93 12.92
CA GLU A 42 -13.06 -3.00 13.65
C GLU A 42 -12.08 -3.89 14.39
N LYS A 43 -12.52 -4.48 15.49
CA LYS A 43 -11.67 -5.36 16.27
C LYS A 43 -11.70 -6.79 15.73
N ARG A 44 -10.60 -7.51 15.91
CA ARG A 44 -10.52 -8.89 15.44
C ARG A 44 -11.54 -9.77 16.13
N GLN A 45 -12.80 -9.64 15.73
CA GLN A 45 -13.87 -10.44 16.33
C GLN A 45 -13.79 -11.88 15.88
N GLY A 46 -13.59 -12.10 14.58
CA GLY A 46 -13.49 -13.44 14.06
C GLY A 46 -12.15 -14.10 14.37
N PRO A 47 -11.96 -15.34 13.89
CA PRO A 47 -10.72 -16.09 14.10
C PRO A 47 -9.55 -15.50 13.32
N GLN A 48 -8.34 -15.85 13.75
CA GLN A 48 -7.13 -15.36 13.09
C GLN A 48 -7.26 -15.47 11.57
N GLU A 49 -7.72 -16.63 11.11
CA GLU A 49 -7.88 -16.85 9.68
C GLU A 49 -8.75 -15.77 9.04
N GLN A 50 -9.83 -15.42 9.73
CA GLN A 50 -10.74 -14.39 9.24
C GLN A 50 -9.99 -13.12 8.87
N TRP A 51 -8.94 -12.82 9.62
CA TRP A 51 -8.14 -11.63 9.38
C TRP A 51 -8.05 -11.33 7.88
N LEU A 52 -7.89 -10.06 7.55
CA LEU A 52 -7.79 -9.64 6.16
C LEU A 52 -6.34 -9.62 5.69
N ARG A 53 -6.15 -9.75 4.38
CA ARG A 53 -4.80 -9.75 3.80
C ARG A 53 -4.45 -8.37 3.27
N PHE A 54 -3.15 -8.02 3.34
CA PHE A 54 -2.69 -6.73 2.86
C PHE A 54 -1.37 -6.88 2.11
N SER A 55 -1.41 -6.65 0.80
CA SER A 55 -0.22 -6.76 -0.05
C SER A 55 0.28 -5.38 -0.45
N ILE A 56 1.60 -5.19 -0.37
CA ILE A 56 2.21 -3.92 -0.74
C ILE A 56 3.19 -4.10 -1.90
N GLU A 57 2.91 -3.41 -3.00
CA GLU A 57 3.77 -3.49 -4.18
C GLU A 57 4.49 -2.17 -4.42
N GLU A 58 5.41 -2.16 -5.36
CA GLU A 58 6.18 -0.96 -5.69
C GLU A 58 6.43 -0.87 -7.18
N GLU A 59 6.23 0.33 -7.74
CA GLU A 59 6.43 0.56 -9.17
C GLU A 59 7.89 0.88 -9.46
N ASP A 60 8.26 0.81 -10.73
CA ASP A 60 9.63 1.11 -11.15
C ASP A 60 9.65 2.15 -12.27
N PRO A 61 10.51 3.16 -12.11
CA PRO A 61 10.65 4.24 -13.09
C PRO A 61 11.28 3.77 -14.39
N LYS A 62 12.03 2.66 -14.32
CA LYS A 62 12.69 2.11 -15.49
C LYS A 62 11.91 0.91 -16.03
N MET A 63 11.50 0.02 -15.13
CA MET A 63 10.74 -1.16 -15.53
C MET A 63 9.28 -0.82 -15.76
N HIS A 64 8.82 0.26 -15.13
CA HIS A 64 7.42 0.69 -15.28
C HIS A 64 6.47 -0.43 -14.88
N SER A 65 6.84 -1.19 -13.86
CA SER A 65 6.01 -2.30 -13.39
C SER A 65 5.98 -2.34 -11.87
N TYR A 66 4.95 -2.98 -11.32
CA TYR A 66 4.80 -3.08 -9.88
C TYR A 66 5.38 -4.40 -9.37
N GLY A 67 5.73 -4.43 -8.09
CA GLY A 67 6.28 -5.64 -7.50
C GLY A 67 5.95 -5.77 -6.02
N VAL A 68 5.37 -6.91 -5.66
CA VAL A 68 5.00 -7.16 -4.26
C VAL A 68 6.22 -7.15 -3.36
N ILE A 69 6.48 -6.01 -2.73
CA ILE A 69 7.62 -5.88 -1.83
C ILE A 69 7.34 -6.51 -0.48
N TYR A 70 6.06 -6.53 -0.09
CA TYR A 70 5.66 -7.12 1.18
C TYR A 70 4.32 -7.82 1.06
N THR A 71 4.17 -8.94 1.76
CA THR A 71 2.93 -9.71 1.73
C THR A 71 2.71 -10.45 3.03
N GLY A 72 1.67 -10.06 3.76
CA GLY A 72 1.36 -10.70 5.03
C GLY A 72 0.01 -10.30 5.57
N TYR A 73 -0.13 -10.28 6.89
CA TYR A 73 -1.38 -9.92 7.54
C TYR A 73 -1.17 -8.79 8.53
N ALA A 74 -0.14 -8.00 8.31
CA ALA A 74 0.18 -6.88 9.20
C ALA A 74 -0.34 -5.57 8.63
N THR A 75 -0.24 -4.49 9.41
CA THR A 75 -0.70 -3.19 8.98
C THR A 75 0.47 -2.25 8.71
N ARG A 76 1.51 -2.35 9.54
CA ARG A 76 2.70 -1.51 9.38
C ARG A 76 3.70 -2.17 8.43
N HIS A 77 4.52 -1.34 7.80
CA HIS A 77 5.53 -1.83 6.87
C HIS A 77 6.57 -0.75 6.57
N VAL A 78 7.84 -1.05 6.88
CA VAL A 78 8.92 -0.10 6.64
C VAL A 78 9.78 -0.55 5.47
N VAL A 79 9.61 0.10 4.32
CA VAL A 79 10.38 -0.22 3.13
C VAL A 79 11.87 0.01 3.35
N GLU A 80 12.62 -1.08 3.46
CA GLU A 80 14.06 -0.99 3.67
C GLU A 80 14.81 -0.90 2.35
N GLY A 81 16.06 -0.49 2.41
CA GLY A 81 16.87 -0.36 1.21
C GLY A 81 16.34 0.70 0.27
N LEU A 82 16.42 1.96 0.70
CA LEU A 82 15.94 3.07 -0.12
C LEU A 82 17.04 4.12 -0.29
N GLU A 83 16.90 4.95 -1.32
CA GLU A 83 17.87 6.00 -1.59
C GLU A 83 17.35 7.36 -1.11
N PRO A 84 18.28 8.26 -0.77
CA PRO A 84 17.95 9.60 -0.29
C PRO A 84 17.38 10.48 -1.40
N ARG A 85 16.35 11.26 -1.07
CA ARG A 85 15.71 12.14 -2.03
C ARG A 85 15.24 11.36 -3.25
N THR A 86 14.54 10.25 -3.01
CA THR A 86 14.03 9.41 -4.08
C THR A 86 12.56 9.09 -3.88
N LEU A 87 11.79 9.13 -4.95
CA LEU A 87 10.36 8.84 -4.88
C LEU A 87 10.10 7.34 -4.95
N TYR A 88 9.11 6.87 -4.20
CA TYR A 88 8.76 5.46 -4.17
C TYR A 88 7.25 5.27 -4.10
N LYS A 89 6.68 4.71 -5.16
CA LYS A 89 5.24 4.47 -5.21
C LYS A 89 4.90 3.10 -4.63
N PHE A 90 3.81 3.05 -3.87
CA PHE A 90 3.37 1.80 -3.25
C PHE A 90 1.85 1.68 -3.29
N ARG A 91 1.36 0.53 -3.73
CA ARG A 91 -0.08 0.29 -3.81
C ARG A 91 -0.52 -0.72 -2.76
N LEU A 92 -1.54 -0.35 -2.00
CA LEU A 92 -2.07 -1.22 -0.95
C LEU A 92 -3.19 -2.10 -1.48
N LYS A 93 -3.10 -3.40 -1.22
CA LYS A 93 -4.11 -4.34 -1.67
C LYS A 93 -4.82 -4.98 -0.48
N VAL A 94 -6.07 -5.43 -0.71
CA VAL A 94 -6.85 -6.06 0.34
C VAL A 94 -7.74 -7.15 -0.23
N THR A 95 -7.84 -8.26 0.49
CA THR A 95 -8.67 -9.38 0.06
C THR A 95 -9.52 -9.92 1.20
N SER A 96 -10.84 -9.81 1.06
CA SER A 96 -11.76 -10.28 2.08
C SER A 96 -11.60 -11.77 2.32
N PRO A 97 -12.05 -12.24 3.50
CA PRO A 97 -11.97 -13.65 3.87
C PRO A 97 -12.91 -14.53 3.06
N SER A 98 -13.62 -13.91 2.12
CA SER A 98 -14.56 -14.63 1.26
C SER A 98 -14.00 -14.79 -0.14
N GLY A 99 -13.25 -13.78 -0.60
CA GLY A 99 -12.68 -13.83 -1.93
C GLY A 99 -12.52 -12.44 -2.53
N GLU A 100 -13.46 -11.56 -2.23
CA GLU A 100 -13.42 -10.19 -2.75
C GLU A 100 -12.06 -9.55 -2.50
N TYR A 101 -11.62 -8.71 -3.44
CA TYR A 101 -10.34 -8.03 -3.31
C TYR A 101 -10.30 -6.77 -4.18
N GLU A 102 -9.55 -5.77 -3.72
CA GLU A 102 -9.43 -4.52 -4.46
C GLU A 102 -8.01 -3.97 -4.37
N TYR A 103 -7.79 -2.79 -4.94
CA TYR A 103 -6.49 -2.15 -4.92
C TYR A 103 -6.59 -0.69 -4.52
N SER A 104 -5.58 -0.20 -3.81
CA SER A 104 -5.56 1.19 -3.36
C SER A 104 -4.84 2.07 -4.36
N PRO A 105 -5.08 3.39 -4.26
CA PRO A 105 -4.46 4.38 -5.15
C PRO A 105 -2.97 4.53 -4.89
N VAL A 106 -2.15 4.20 -5.90
CA VAL A 106 -0.70 4.31 -5.77
C VAL A 106 -0.31 5.58 -5.02
N VAL A 107 0.54 5.41 -4.02
CA VAL A 107 1.00 6.54 -3.21
C VAL A 107 2.50 6.76 -3.38
N SER A 108 2.87 7.81 -4.10
CA SER A 108 4.28 8.13 -4.33
C SER A 108 4.83 9.01 -3.22
N VAL A 109 5.82 8.51 -2.50
CA VAL A 109 6.44 9.26 -1.41
C VAL A 109 7.95 9.34 -1.58
N ALA A 110 8.50 10.53 -1.41
CA ALA A 110 9.93 10.74 -1.55
C ALA A 110 10.62 10.78 -0.18
N THR A 111 11.68 10.00 -0.03
CA THR A 111 12.41 9.95 1.23
C THR A 111 13.07 11.30 1.55
N THR A 112 13.86 11.34 2.62
CA THR A 112 14.54 12.56 3.02
C THR A 112 16.00 12.53 2.61
N ARG A 113 16.69 13.64 2.80
CA ARG A 113 18.10 13.75 2.45
C ARG A 113 18.97 13.05 3.48
N GLU A 114 20.08 12.47 3.03
CA GLU A 114 20.99 11.76 3.92
C GLU A 114 22.11 12.68 4.39
N SER A 115 22.59 13.53 3.48
CA SER A 115 23.68 14.45 3.80
C SER A 115 23.53 14.99 5.22
N GLY A 116 22.29 15.31 5.61
CA GLY A 116 22.04 15.82 6.94
C GLY A 116 23.16 16.71 7.44
N PRO A 117 23.42 16.66 8.75
CA PRO A 117 24.46 17.47 9.39
C PRO A 117 25.87 17.00 8.99
N SER A 118 26.88 17.74 9.43
CA SER A 118 28.26 17.41 9.12
C SER A 118 29.15 17.56 10.36
N SER A 119 30.26 16.83 10.38
CA SER A 119 31.18 16.88 11.50
C SER A 119 32.63 16.94 11.01
N GLY A 120 33.49 17.55 11.83
CA GLY A 120 34.89 17.67 11.46
C GLY A 120 35.08 17.90 9.97
N GLY A 1 -18.54 17.66 -24.02
CA GLY A 1 -19.40 16.70 -23.34
C GLY A 1 -18.72 15.34 -23.18
N SER A 2 -17.54 15.34 -22.57
CA SER A 2 -16.79 14.10 -22.37
C SER A 2 -16.94 13.60 -20.94
N SER A 3 -18.17 13.67 -20.42
CA SER A 3 -18.45 13.23 -19.05
C SER A 3 -17.65 11.98 -18.72
N GLY A 4 -17.67 11.01 -19.63
CA GLY A 4 -16.95 9.77 -19.41
C GLY A 4 -17.52 8.97 -18.25
N SER A 5 -17.80 7.70 -18.51
CA SER A 5 -18.36 6.82 -17.48
C SER A 5 -18.37 5.37 -17.95
N SER A 6 -17.64 4.51 -17.25
CA SER A 6 -17.56 3.10 -17.60
C SER A 6 -17.40 2.23 -16.35
N GLY A 7 -18.07 1.09 -16.33
CA GLY A 7 -17.99 0.19 -15.20
C GLY A 7 -18.92 -0.99 -15.33
N MET A 8 -18.56 -2.10 -14.68
CA MET A 8 -19.38 -3.31 -14.72
C MET A 8 -20.03 -3.57 -13.37
N GLU A 9 -21.32 -3.89 -13.39
CA GLU A 9 -22.06 -4.16 -12.16
C GLU A 9 -22.21 -5.67 -11.94
N PRO A 10 -22.20 -6.08 -10.67
CA PRO A 10 -22.33 -7.50 -10.30
C PRO A 10 -23.73 -8.03 -10.56
N HIS A 11 -23.91 -9.34 -10.43
CA HIS A 11 -25.21 -9.97 -10.63
C HIS A 11 -25.91 -10.24 -9.31
N LYS A 12 -25.21 -10.92 -8.40
CA LYS A 12 -25.77 -11.24 -7.10
C LYS A 12 -24.75 -10.97 -5.98
N VAL A 13 -23.47 -11.18 -6.30
CA VAL A 13 -22.41 -10.95 -5.34
C VAL A 13 -22.12 -9.46 -5.17
N VAL A 14 -21.63 -9.10 -3.99
CA VAL A 14 -21.32 -7.69 -3.70
C VAL A 14 -19.84 -7.52 -3.39
N PRO A 15 -19.14 -6.76 -4.25
CA PRO A 15 -17.70 -6.50 -4.09
C PRO A 15 -17.41 -5.59 -2.89
N LEU A 16 -16.14 -5.53 -2.51
CA LEU A 16 -15.73 -4.69 -1.38
C LEU A 16 -15.24 -3.33 -1.86
N SER A 17 -15.36 -2.33 -1.00
CA SER A 17 -14.92 -0.98 -1.33
C SER A 17 -13.41 -0.91 -1.44
N LYS A 18 -12.93 -0.15 -2.43
CA LYS A 18 -11.49 0.01 -2.64
C LYS A 18 -10.80 0.49 -1.37
N PRO A 19 -9.64 -0.12 -1.06
CA PRO A 19 -8.86 0.23 0.13
C PRO A 19 -8.23 1.62 0.01
N HIS A 20 -8.10 2.29 1.16
CA HIS A 20 -7.51 3.63 1.19
C HIS A 20 -5.99 3.55 1.15
N PRO A 21 -5.35 4.64 0.72
CA PRO A 21 -3.88 4.73 0.64
C PRO A 21 -3.22 4.75 2.02
N PRO A 22 -2.07 4.08 2.12
CA PRO A 22 -1.31 4.02 3.37
C PRO A 22 -0.68 5.36 3.75
N VAL A 23 -0.70 5.68 5.04
CA VAL A 23 -0.13 6.93 5.52
C VAL A 23 1.38 6.80 5.73
N VAL A 24 2.08 7.93 5.60
CA VAL A 24 3.53 7.95 5.78
C VAL A 24 3.92 8.72 7.03
N GLY A 25 4.28 7.98 8.09
CA GLY A 25 4.67 8.61 9.33
C GLY A 25 6.11 9.04 9.33
N LYS A 26 7.02 8.09 9.58
CA LYS A 26 8.44 8.38 9.61
C LYS A 26 9.05 8.26 8.21
N VAL A 27 9.82 9.26 7.82
CA VAL A 27 10.47 9.27 6.52
C VAL A 27 11.98 9.42 6.64
N THR A 28 12.71 8.38 6.29
CA THR A 28 14.16 8.39 6.36
C THR A 28 14.79 8.27 4.99
N HIS A 29 16.01 8.78 4.84
CA HIS A 29 16.72 8.72 3.57
C HIS A 29 17.23 7.31 3.30
N HIS A 30 16.89 6.38 4.18
CA HIS A 30 17.31 4.99 4.04
C HIS A 30 16.12 4.05 4.00
N SER A 31 14.98 4.54 4.48
CA SER A 31 13.76 3.75 4.50
C SER A 31 12.53 4.64 4.63
N ILE A 32 11.35 4.05 4.40
CA ILE A 32 10.10 4.79 4.49
C ILE A 32 9.09 4.07 5.37
N GLU A 33 8.49 4.80 6.30
CA GLU A 33 7.49 4.23 7.20
C GLU A 33 6.10 4.31 6.60
N LEU A 34 5.35 3.22 6.71
CA LEU A 34 3.98 3.17 6.18
C LEU A 34 3.06 2.40 7.12
N TYR A 35 1.87 2.94 7.34
CA TYR A 35 0.89 2.30 8.23
C TYR A 35 -0.53 2.51 7.70
N TRP A 36 -1.26 1.41 7.56
CA TRP A 36 -2.62 1.46 7.07
C TRP A 36 -3.59 0.81 8.06
N ASP A 37 -3.37 1.06 9.34
CA ASP A 37 -4.22 0.50 10.38
C ASP A 37 -5.49 1.32 10.55
N LEU A 38 -5.83 2.09 9.52
CA LEU A 38 -7.04 2.92 9.55
C LEU A 38 -8.22 2.19 8.92
N GLU A 39 -7.93 1.07 8.27
CA GLU A 39 -8.98 0.27 7.63
C GLU A 39 -9.52 -0.78 8.60
N GLN A 40 -8.68 -1.72 8.98
CA GLN A 40 -9.07 -2.78 9.89
C GLN A 40 -9.13 -2.28 11.34
N LYS A 41 -9.73 -1.09 11.52
CA LYS A 41 -9.84 -0.49 12.83
C LYS A 41 -10.65 -1.39 13.77
N GLU A 42 -11.87 -1.72 13.35
CA GLU A 42 -12.74 -2.58 14.15
C GLU A 42 -12.03 -3.86 14.56
N LYS A 43 -12.22 -4.27 15.81
CA LYS A 43 -11.59 -5.48 16.32
C LYS A 43 -12.04 -6.70 15.52
N ARG A 44 -11.37 -7.83 15.73
CA ARG A 44 -11.70 -9.06 15.03
C ARG A 44 -12.86 -9.77 15.71
N GLN A 45 -13.69 -10.45 14.91
CA GLN A 45 -14.84 -11.17 15.42
C GLN A 45 -14.55 -12.67 15.52
N GLY A 46 -13.96 -13.23 14.47
CA GLY A 46 -13.64 -14.63 14.47
C GLY A 46 -12.16 -14.90 14.65
N PRO A 47 -11.71 -16.09 14.21
CA PRO A 47 -10.31 -16.48 14.32
C PRO A 47 -9.40 -15.68 13.38
N GLN A 48 -8.10 -15.76 13.62
CA GLN A 48 -7.13 -15.04 12.79
C GLN A 48 -7.28 -15.43 11.32
N GLU A 49 -7.56 -16.71 11.08
CA GLU A 49 -7.71 -17.21 9.72
C GLU A 49 -8.67 -16.33 8.92
N GLN A 50 -9.62 -15.71 9.62
CA GLN A 50 -10.59 -14.84 8.99
C GLN A 50 -9.97 -13.51 8.59
N TRP A 51 -9.10 -12.98 9.46
CA TRP A 51 -8.43 -11.73 9.20
C TRP A 51 -8.15 -11.55 7.72
N LEU A 52 -8.25 -10.31 7.24
CA LEU A 52 -8.00 -10.01 5.83
C LEU A 52 -6.50 -9.99 5.53
N ARG A 53 -6.17 -10.03 4.25
CA ARG A 53 -4.77 -10.03 3.83
C ARG A 53 -4.40 -8.68 3.20
N PHE A 54 -3.22 -8.19 3.53
CA PHE A 54 -2.74 -6.92 3.00
C PHE A 54 -1.42 -7.09 2.27
N SER A 55 -1.40 -6.74 0.98
CA SER A 55 -0.20 -6.87 0.17
C SER A 55 0.21 -5.51 -0.40
N ILE A 56 1.48 -5.17 -0.24
CA ILE A 56 2.01 -3.91 -0.73
C ILE A 56 2.91 -4.12 -1.95
N GLU A 57 2.69 -3.32 -2.98
CA GLU A 57 3.48 -3.42 -4.20
C GLU A 57 4.18 -2.10 -4.51
N GLU A 58 5.30 -2.18 -5.22
CA GLU A 58 6.07 -0.99 -5.57
C GLU A 58 6.24 -0.89 -7.08
N GLU A 59 6.02 0.31 -7.62
CA GLU A 59 6.14 0.54 -9.05
C GLU A 59 7.60 0.80 -9.43
N ASP A 60 7.95 0.50 -10.67
CA ASP A 60 9.31 0.71 -11.16
C ASP A 60 9.34 1.79 -12.24
N PRO A 61 10.21 2.80 -12.05
CA PRO A 61 10.35 3.90 -12.99
C PRO A 61 11.00 3.46 -14.31
N LYS A 62 11.79 2.39 -14.25
CA LYS A 62 12.46 1.87 -15.43
C LYS A 62 11.71 0.67 -16.00
N MET A 63 11.07 -0.09 -15.12
CA MET A 63 10.31 -1.26 -15.54
C MET A 63 8.81 -0.96 -15.59
N HIS A 64 8.46 0.31 -15.35
CA HIS A 64 7.07 0.73 -15.37
C HIS A 64 6.15 -0.40 -14.95
N SER A 65 6.60 -1.19 -13.96
CA SER A 65 5.81 -2.30 -13.46
C SER A 65 5.82 -2.33 -11.93
N TYR A 66 4.88 -3.08 -11.35
CA TYR A 66 4.76 -3.18 -9.91
C TYR A 66 5.37 -4.47 -9.40
N GLY A 67 5.56 -4.56 -8.09
CA GLY A 67 6.14 -5.77 -7.51
C GLY A 67 5.81 -5.90 -6.03
N VAL A 68 5.26 -7.04 -5.65
CA VAL A 68 4.90 -7.30 -4.26
C VAL A 68 6.13 -7.19 -3.35
N ILE A 69 6.25 -6.06 -2.66
CA ILE A 69 7.37 -5.84 -1.75
C ILE A 69 7.10 -6.44 -0.38
N TYR A 70 5.84 -6.41 0.03
CA TYR A 70 5.44 -6.96 1.32
C TYR A 70 4.12 -7.72 1.22
N THR A 71 4.00 -8.80 2.00
CA THR A 71 2.79 -9.61 1.99
C THR A 71 2.58 -10.29 3.33
N GLY A 72 1.54 -9.89 4.05
CA GLY A 72 1.25 -10.47 5.34
C GLY A 72 -0.08 -10.01 5.90
N TYR A 73 -0.24 -10.10 7.21
CA TYR A 73 -1.48 -9.70 7.87
C TYR A 73 -1.24 -8.50 8.79
N ALA A 74 -0.17 -7.77 8.52
CA ALA A 74 0.17 -6.59 9.32
C ALA A 74 -0.42 -5.32 8.70
N THR A 75 -0.36 -4.23 9.46
CA THR A 75 -0.89 -2.95 8.99
C THR A 75 0.23 -1.97 8.70
N ARG A 76 1.40 -2.22 9.29
CA ARG A 76 2.56 -1.35 9.09
C ARG A 76 3.57 -2.00 8.15
N HIS A 77 4.40 -1.17 7.52
CA HIS A 77 5.41 -1.67 6.61
C HIS A 77 6.47 -0.61 6.34
N VAL A 78 7.69 -0.85 6.81
CA VAL A 78 8.78 0.10 6.62
C VAL A 78 9.71 -0.35 5.49
N VAL A 79 9.51 0.23 4.31
CA VAL A 79 10.32 -0.11 3.15
C VAL A 79 11.79 0.16 3.41
N GLU A 80 12.57 -0.91 3.58
CA GLU A 80 14.00 -0.79 3.84
C GLU A 80 14.79 -0.76 2.53
N GLY A 81 16.05 -0.38 2.63
CA GLY A 81 16.90 -0.31 1.44
C GLY A 81 16.42 0.72 0.44
N LEU A 82 16.53 1.99 0.81
CA LEU A 82 16.10 3.09 -0.06
C LEU A 82 17.21 4.12 -0.22
N GLU A 83 17.11 4.94 -1.27
CA GLU A 83 18.10 5.97 -1.53
C GLU A 83 17.56 7.34 -1.15
N PRO A 84 18.48 8.27 -0.82
CA PRO A 84 18.12 9.63 -0.43
C PRO A 84 17.58 10.44 -1.60
N ARG A 85 16.55 11.25 -1.32
CA ARG A 85 15.94 12.08 -2.35
C ARG A 85 15.45 11.23 -3.53
N THR A 86 14.77 10.14 -3.20
CA THR A 86 14.25 9.24 -4.22
C THR A 86 12.77 8.95 -4.00
N LEU A 87 11.99 9.02 -5.09
CA LEU A 87 10.56 8.77 -5.01
C LEU A 87 10.26 7.27 -5.05
N TYR A 88 9.26 6.85 -4.28
CA TYR A 88 8.88 5.44 -4.23
C TYR A 88 7.37 5.30 -4.17
N LYS A 89 6.79 4.72 -5.22
CA LYS A 89 5.35 4.50 -5.29
C LYS A 89 4.97 3.17 -4.65
N PHE A 90 3.87 3.18 -3.89
CA PHE A 90 3.39 1.98 -3.23
C PHE A 90 1.87 1.87 -3.33
N ARG A 91 1.39 0.65 -3.52
CA ARG A 91 -0.05 0.40 -3.63
C ARG A 91 -0.52 -0.61 -2.60
N LEU A 92 -1.58 -0.27 -1.89
CA LEU A 92 -2.13 -1.15 -0.86
C LEU A 92 -3.22 -2.05 -1.44
N LYS A 93 -3.09 -3.35 -1.20
CA LYS A 93 -4.07 -4.32 -1.70
C LYS A 93 -4.74 -5.05 -0.54
N VAL A 94 -5.97 -5.49 -0.76
CA VAL A 94 -6.73 -6.20 0.25
C VAL A 94 -7.63 -7.27 -0.37
N THR A 95 -7.73 -8.42 0.30
CA THR A 95 -8.54 -9.51 -0.19
C THR A 95 -9.50 -10.01 0.90
N SER A 96 -10.78 -9.74 0.73
CA SER A 96 -11.79 -10.16 1.69
C SER A 96 -11.66 -11.65 1.99
N PRO A 97 -12.15 -12.06 3.17
CA PRO A 97 -12.10 -13.46 3.61
C PRO A 97 -13.05 -14.34 2.81
N SER A 98 -13.72 -13.75 1.82
CA SER A 98 -14.65 -14.48 0.98
C SER A 98 -14.08 -14.72 -0.41
N GLY A 99 -13.21 -13.81 -0.85
CA GLY A 99 -12.59 -13.94 -2.16
C GLY A 99 -12.41 -12.60 -2.84
N GLU A 100 -13.30 -11.66 -2.55
CA GLU A 100 -13.22 -10.32 -3.13
C GLU A 100 -11.89 -9.65 -2.81
N TYR A 101 -11.46 -8.75 -3.68
CA TYR A 101 -10.20 -8.04 -3.48
C TYR A 101 -10.18 -6.73 -4.27
N GLU A 102 -9.58 -5.71 -3.68
CA GLU A 102 -9.49 -4.39 -4.33
C GLU A 102 -8.06 -3.87 -4.29
N TYR A 103 -7.86 -2.68 -4.86
CA TYR A 103 -6.55 -2.07 -4.91
C TYR A 103 -6.62 -0.59 -4.51
N SER A 104 -5.62 -0.13 -3.77
CA SER A 104 -5.56 1.25 -3.32
C SER A 104 -4.78 2.12 -4.31
N PRO A 105 -5.02 3.43 -4.25
CA PRO A 105 -4.35 4.40 -5.14
C PRO A 105 -2.87 4.55 -4.81
N VAL A 106 -2.01 4.22 -5.76
CA VAL A 106 -0.58 4.33 -5.57
C VAL A 106 -0.21 5.59 -4.81
N VAL A 107 0.79 5.48 -3.94
CA VAL A 107 1.24 6.62 -3.15
C VAL A 107 2.73 6.88 -3.34
N SER A 108 3.06 7.88 -4.14
CA SER A 108 4.45 8.23 -4.41
C SER A 108 5.01 9.13 -3.31
N VAL A 109 6.03 8.63 -2.61
CA VAL A 109 6.65 9.38 -1.53
C VAL A 109 8.17 9.40 -1.68
N ALA A 110 8.75 10.59 -1.62
CA ALA A 110 10.21 10.73 -1.75
C ALA A 110 10.86 10.84 -0.37
N THR A 111 11.93 10.08 -0.17
CA THR A 111 12.65 10.10 1.10
C THR A 111 13.37 11.43 1.31
N THR A 112 14.14 11.52 2.39
CA THR A 112 14.88 12.73 2.70
C THR A 112 16.31 12.64 2.22
N ARG A 113 17.12 13.65 2.55
CA ARG A 113 18.51 13.69 2.16
C ARG A 113 19.41 13.24 3.30
N GLU A 114 20.34 12.34 3.00
CA GLU A 114 21.27 11.83 4.00
C GLU A 114 22.11 12.96 4.59
N SER A 115 22.97 12.62 5.55
CA SER A 115 23.82 13.60 6.20
C SER A 115 25.29 13.36 5.85
N GLY A 116 25.95 14.39 5.36
CA GLY A 116 27.35 14.28 4.99
C GLY A 116 28.06 15.62 4.98
N PRO A 117 29.18 15.69 4.25
CA PRO A 117 29.98 16.91 4.14
C PRO A 117 29.26 18.00 3.34
N SER A 118 28.42 17.58 2.41
CA SER A 118 27.67 18.52 1.56
C SER A 118 27.13 19.67 2.40
N SER A 119 27.77 20.83 2.30
CA SER A 119 27.35 22.00 3.05
C SER A 119 27.17 23.20 2.12
N GLY A 120 28.16 23.42 1.26
CA GLY A 120 28.09 24.54 0.33
C GLY A 120 27.45 24.16 -0.98
N GLY A 1 -10.96 14.34 -27.43
CA GLY A 1 -10.67 12.93 -27.35
C GLY A 1 -11.92 12.06 -27.47
N SER A 2 -12.15 11.53 -28.66
CA SER A 2 -13.31 10.69 -28.91
C SER A 2 -13.51 9.69 -27.78
N SER A 3 -12.42 9.06 -27.35
CA SER A 3 -12.48 8.09 -26.27
C SER A 3 -13.23 8.65 -25.07
N GLY A 4 -13.67 7.76 -24.18
CA GLY A 4 -14.40 8.18 -23.00
C GLY A 4 -15.62 7.33 -22.73
N SER A 5 -15.58 6.55 -21.65
CA SER A 5 -16.69 5.69 -21.28
C SER A 5 -16.50 5.13 -19.88
N SER A 6 -17.62 4.77 -19.24
CA SER A 6 -17.57 4.22 -17.89
C SER A 6 -18.95 3.74 -17.45
N GLY A 7 -19.00 3.04 -16.32
CA GLY A 7 -20.26 2.53 -15.83
C GLY A 7 -20.44 1.05 -16.11
N MET A 8 -19.71 0.21 -15.38
CA MET A 8 -19.80 -1.23 -15.56
C MET A 8 -20.10 -1.93 -14.23
N GLU A 9 -21.17 -2.70 -14.21
CA GLU A 9 -21.57 -3.42 -13.00
C GLU A 9 -20.96 -4.82 -12.98
N PRO A 10 -20.48 -5.24 -11.80
CA PRO A 10 -19.87 -6.56 -11.62
C PRO A 10 -20.88 -7.70 -11.73
N HIS A 11 -20.42 -8.93 -11.49
CA HIS A 11 -21.29 -10.09 -11.56
C HIS A 11 -22.41 -10.00 -10.52
N LYS A 12 -23.21 -11.05 -10.43
CA LYS A 12 -24.32 -11.09 -9.47
C LYS A 12 -23.92 -10.45 -8.15
N VAL A 13 -22.96 -11.07 -7.46
CA VAL A 13 -22.49 -10.56 -6.18
C VAL A 13 -21.57 -9.37 -6.37
N VAL A 14 -21.73 -8.37 -5.51
CA VAL A 14 -20.91 -7.16 -5.58
C VAL A 14 -19.64 -7.31 -4.77
N PRO A 15 -18.51 -6.85 -5.34
CA PRO A 15 -17.20 -6.94 -4.68
C PRO A 15 -17.09 -5.98 -3.50
N LEU A 16 -16.07 -6.17 -2.67
CA LEU A 16 -15.86 -5.33 -1.51
C LEU A 16 -15.45 -3.92 -1.92
N SER A 17 -15.38 -3.02 -0.94
CA SER A 17 -15.01 -1.63 -1.21
C SER A 17 -13.51 -1.52 -1.49
N LYS A 18 -13.13 -0.47 -2.20
CA LYS A 18 -11.73 -0.24 -2.54
C LYS A 18 -10.96 0.28 -1.33
N PRO A 19 -9.79 -0.33 -1.07
CA PRO A 19 -8.93 0.06 0.05
C PRO A 19 -8.28 1.43 -0.16
N HIS A 20 -8.26 2.23 0.91
CA HIS A 20 -7.67 3.57 0.85
C HIS A 20 -6.15 3.48 0.77
N PRO A 21 -5.51 4.59 0.36
CA PRO A 21 -4.06 4.67 0.23
C PRO A 21 -3.36 4.66 1.58
N PRO A 22 -2.22 3.95 1.65
CA PRO A 22 -1.43 3.84 2.88
C PRO A 22 -0.75 5.16 3.25
N VAL A 23 -0.72 5.46 4.54
CA VAL A 23 -0.11 6.68 5.02
C VAL A 23 1.38 6.48 5.31
N VAL A 24 2.13 7.58 5.37
CA VAL A 24 3.56 7.51 5.63
C VAL A 24 3.91 8.21 6.95
N GLY A 25 4.25 7.41 7.95
CA GLY A 25 4.61 7.98 9.25
C GLY A 25 6.02 8.51 9.28
N LYS A 26 6.97 7.64 9.62
CA LYS A 26 8.37 8.04 9.68
C LYS A 26 8.99 8.08 8.29
N VAL A 27 9.82 9.10 8.05
CA VAL A 27 10.48 9.25 6.76
C VAL A 27 12.00 9.35 6.93
N THR A 28 12.70 8.34 6.42
CA THR A 28 14.16 8.31 6.51
C THR A 28 14.80 8.18 5.14
N HIS A 29 16.02 8.67 5.00
CA HIS A 29 16.74 8.60 3.74
C HIS A 29 17.25 7.19 3.47
N HIS A 30 16.88 6.26 4.34
CA HIS A 30 17.29 4.87 4.21
C HIS A 30 16.08 3.94 4.13
N SER A 31 14.90 4.50 4.36
CA SER A 31 13.66 3.72 4.32
C SER A 31 12.44 4.63 4.45
N ILE A 32 11.27 4.07 4.23
CA ILE A 32 10.02 4.82 4.32
C ILE A 32 8.98 4.06 5.13
N GLU A 33 8.43 4.72 6.14
CA GLU A 33 7.41 4.10 6.99
C GLU A 33 6.05 4.14 6.32
N LEU A 34 5.29 3.06 6.46
CA LEU A 34 3.96 2.97 5.87
C LEU A 34 3.01 2.20 6.77
N TYR A 35 1.86 2.79 7.05
CA TYR A 35 0.86 2.16 7.91
C TYR A 35 -0.54 2.31 7.32
N TRP A 36 -1.26 1.19 7.24
CA TRP A 36 -2.62 1.21 6.69
C TRP A 36 -3.61 0.61 7.69
N ASP A 37 -3.37 0.85 8.98
CA ASP A 37 -4.23 0.34 10.03
C ASP A 37 -5.61 0.97 9.94
N LEU A 38 -5.79 1.88 8.99
CA LEU A 38 -7.07 2.56 8.78
C LEU A 38 -8.12 1.59 8.27
N GLU A 39 -7.67 0.52 7.63
CA GLU A 39 -8.57 -0.49 7.09
C GLU A 39 -9.11 -1.39 8.19
N GLN A 40 -8.25 -2.23 8.74
CA GLN A 40 -8.64 -3.15 9.81
C GLN A 40 -8.66 -2.43 11.16
N LYS A 41 -9.19 -1.21 11.17
CA LYS A 41 -9.28 -0.42 12.39
C LYS A 41 -9.93 -1.23 13.51
N GLU A 42 -11.16 -1.69 13.27
CA GLU A 42 -11.89 -2.46 14.26
C GLU A 42 -11.00 -3.55 14.85
N LYS A 43 -11.35 -3.97 16.08
CA LYS A 43 -10.58 -5.01 16.76
C LYS A 43 -10.74 -6.36 16.07
N ARG A 44 -9.69 -7.17 16.10
CA ARG A 44 -9.72 -8.49 15.47
C ARG A 44 -10.08 -9.56 16.49
N GLN A 45 -11.10 -9.29 17.29
CA GLN A 45 -11.54 -10.24 18.31
C GLN A 45 -11.54 -11.66 17.77
N GLY A 46 -12.31 -11.90 16.71
CA GLY A 46 -12.37 -13.22 16.12
C GLY A 46 -10.99 -13.82 15.88
N PRO A 47 -10.96 -15.06 15.38
CA PRO A 47 -9.71 -15.77 15.10
C PRO A 47 -8.96 -15.16 13.92
N GLN A 48 -7.65 -15.38 13.88
CA GLN A 48 -6.81 -14.86 12.81
C GLN A 48 -7.38 -15.26 11.45
N GLU A 49 -7.82 -16.50 11.33
CA GLU A 49 -8.38 -17.00 10.09
C GLU A 49 -9.44 -16.04 9.54
N GLN A 50 -10.02 -15.24 10.42
CA GLN A 50 -11.04 -14.28 10.04
C GLN A 50 -10.42 -12.90 9.78
N TRP A 51 -9.16 -12.89 9.39
CA TRP A 51 -8.45 -11.64 9.12
C TRP A 51 -8.29 -11.42 7.62
N LEU A 52 -8.08 -10.17 7.24
CA LEU A 52 -7.90 -9.82 5.82
C LEU A 52 -6.43 -9.84 5.43
N ARG A 53 -6.17 -9.99 4.14
CA ARG A 53 -4.80 -10.03 3.64
C ARG A 53 -4.40 -8.67 3.05
N PHE A 54 -3.14 -8.32 3.21
CA PHE A 54 -2.63 -7.05 2.70
C PHE A 54 -1.34 -7.26 1.90
N SER A 55 -1.38 -6.91 0.62
CA SER A 55 -0.21 -7.06 -0.24
C SER A 55 0.26 -5.70 -0.75
N ILE A 56 1.46 -5.31 -0.32
CA ILE A 56 2.04 -4.03 -0.73
C ILE A 56 2.96 -4.20 -1.93
N GLU A 57 2.73 -3.42 -2.98
CA GLU A 57 3.54 -3.49 -4.18
C GLU A 57 4.26 -2.17 -4.43
N GLU A 58 5.22 -2.19 -5.35
CA GLU A 58 5.99 -0.99 -5.68
C GLU A 58 6.08 -0.80 -7.18
N GLU A 59 5.84 0.42 -7.65
CA GLU A 59 5.90 0.74 -9.06
C GLU A 59 7.30 1.17 -9.47
N ASP A 60 7.64 0.96 -10.73
CA ASP A 60 8.95 1.34 -11.25
C ASP A 60 8.83 2.41 -12.33
N PRO A 61 9.59 3.50 -12.17
CA PRO A 61 9.58 4.62 -13.12
C PRO A 61 10.22 4.26 -14.45
N LYS A 62 11.01 3.18 -14.46
CA LYS A 62 11.68 2.73 -15.66
C LYS A 62 10.98 1.50 -16.24
N MET A 63 10.52 0.62 -15.35
CA MET A 63 9.82 -0.60 -15.78
C MET A 63 8.31 -0.37 -15.82
N HIS A 64 7.87 0.77 -15.28
CA HIS A 64 6.45 1.09 -15.25
C HIS A 64 5.62 -0.11 -14.79
N SER A 65 6.24 -0.99 -14.01
CA SER A 65 5.57 -2.18 -13.52
C SER A 65 5.52 -2.18 -12.00
N TYR A 66 4.62 -2.98 -11.44
CA TYR A 66 4.48 -3.08 -9.99
C TYR A 66 5.16 -4.34 -9.45
N GLY A 67 5.59 -4.29 -8.20
CA GLY A 67 6.25 -5.43 -7.59
C GLY A 67 5.88 -5.59 -6.13
N VAL A 68 5.36 -6.76 -5.77
CA VAL A 68 4.97 -7.04 -4.40
C VAL A 68 6.18 -7.05 -3.47
N ILE A 69 6.37 -5.94 -2.77
CA ILE A 69 7.50 -5.82 -1.84
C ILE A 69 7.20 -6.48 -0.51
N TYR A 70 5.92 -6.47 -0.12
CA TYR A 70 5.50 -7.08 1.13
C TYR A 70 4.13 -7.75 0.99
N THR A 71 3.95 -8.87 1.67
CA THR A 71 2.70 -9.60 1.62
C THR A 71 2.44 -10.36 2.91
N GLY A 72 1.41 -9.94 3.65
CA GLY A 72 1.08 -10.59 4.89
C GLY A 72 -0.25 -10.11 5.47
N TYR A 73 -0.35 -10.10 6.78
CA TYR A 73 -1.58 -9.67 7.46
C TYR A 73 -1.29 -8.52 8.42
N ALA A 74 -0.18 -7.83 8.19
CA ALA A 74 0.21 -6.71 9.04
C ALA A 74 -0.40 -5.41 8.55
N THR A 75 -0.12 -4.31 9.25
CA THR A 75 -0.65 -3.01 8.88
C THR A 75 0.48 -2.03 8.55
N ARG A 76 1.59 -2.15 9.27
CA ARG A 76 2.73 -1.28 9.06
C ARG A 76 3.76 -1.95 8.15
N HIS A 77 4.58 -1.14 7.49
CA HIS A 77 5.60 -1.65 6.58
C HIS A 77 6.63 -0.58 6.26
N VAL A 78 7.84 -0.74 6.80
CA VAL A 78 8.92 0.22 6.57
C VAL A 78 9.83 -0.23 5.44
N VAL A 79 9.63 0.35 4.26
CA VAL A 79 10.43 0.01 3.09
C VAL A 79 11.91 0.25 3.34
N GLU A 80 12.67 -0.83 3.51
CA GLU A 80 14.10 -0.72 3.76
C GLU A 80 14.89 -0.69 2.45
N GLY A 81 16.16 -0.33 2.54
CA GLY A 81 17.00 -0.27 1.36
C GLY A 81 16.53 0.79 0.39
N LEU A 82 16.52 2.03 0.82
CA LEU A 82 16.09 3.15 -0.03
C LEU A 82 17.22 4.17 -0.21
N GLU A 83 17.08 5.02 -1.21
CA GLU A 83 18.08 6.05 -1.48
C GLU A 83 17.60 7.41 -1.01
N PRO A 84 18.55 8.29 -0.65
CA PRO A 84 18.26 9.64 -0.18
C PRO A 84 17.72 10.53 -1.29
N ARG A 85 16.72 11.35 -0.96
CA ARG A 85 16.12 12.25 -1.93
C ARG A 85 15.59 11.49 -3.13
N THR A 86 14.95 10.36 -2.87
CA THR A 86 14.39 9.53 -3.93
C THR A 86 12.91 9.26 -3.70
N LEU A 87 12.14 9.20 -4.78
CA LEU A 87 10.72 8.95 -4.70
C LEU A 87 10.42 7.46 -4.85
N TYR A 88 9.37 7.00 -4.17
CA TYR A 88 8.97 5.59 -4.23
C TYR A 88 7.46 5.46 -4.23
N LYS A 89 6.95 4.53 -5.04
CA LYS A 89 5.51 4.29 -5.14
C LYS A 89 5.13 3.00 -4.44
N PHE A 90 4.10 3.06 -3.61
CA PHE A 90 3.63 1.89 -2.89
C PHE A 90 2.10 1.85 -2.83
N ARG A 91 1.54 0.69 -3.15
CA ARG A 91 0.09 0.51 -3.15
C ARG A 91 -0.34 -0.42 -2.03
N LEU A 92 -1.65 -0.55 -1.84
CA LEU A 92 -2.20 -1.42 -0.81
C LEU A 92 -3.32 -2.29 -1.35
N LYS A 93 -3.05 -3.58 -1.51
CA LYS A 93 -4.03 -4.52 -2.02
C LYS A 93 -4.66 -5.33 -0.88
N VAL A 94 -5.96 -5.56 -0.98
CA VAL A 94 -6.68 -6.32 0.04
C VAL A 94 -7.51 -7.42 -0.60
N THR A 95 -7.68 -8.53 0.14
CA THR A 95 -8.45 -9.66 -0.35
C THR A 95 -9.38 -10.20 0.74
N SER A 96 -10.66 -9.91 0.61
CA SER A 96 -11.65 -10.36 1.58
C SER A 96 -11.45 -11.84 1.92
N PRO A 97 -11.86 -12.23 3.13
CA PRO A 97 -11.74 -13.61 3.60
C PRO A 97 -12.67 -14.57 2.86
N SER A 98 -13.39 -14.03 1.87
CA SER A 98 -14.33 -14.83 1.09
C SER A 98 -13.76 -15.12 -0.30
N GLY A 99 -12.91 -14.22 -0.78
CA GLY A 99 -12.31 -14.41 -2.09
C GLY A 99 -12.16 -13.09 -2.85
N GLU A 100 -13.03 -12.13 -2.52
CA GLU A 100 -12.99 -10.83 -3.19
C GLU A 100 -11.73 -10.06 -2.80
N TYR A 101 -11.33 -9.13 -3.66
CA TYR A 101 -10.14 -8.33 -3.40
C TYR A 101 -10.18 -7.02 -4.19
N GLU A 102 -9.37 -6.06 -3.77
CA GLU A 102 -9.31 -4.76 -4.43
C GLU A 102 -7.90 -4.19 -4.42
N TYR A 103 -7.75 -2.98 -4.92
CA TYR A 103 -6.44 -2.32 -4.97
C TYR A 103 -6.56 -0.84 -4.60
N SER A 104 -5.58 -0.34 -3.85
CA SER A 104 -5.58 1.05 -3.43
C SER A 104 -4.78 1.91 -4.41
N PRO A 105 -5.07 3.22 -4.42
CA PRO A 105 -4.40 4.18 -5.31
C PRO A 105 -2.94 4.39 -4.92
N VAL A 106 -2.03 4.04 -5.82
CA VAL A 106 -0.60 4.20 -5.58
C VAL A 106 -0.31 5.49 -4.83
N VAL A 107 0.71 5.46 -3.98
CA VAL A 107 1.09 6.63 -3.21
C VAL A 107 2.60 6.88 -3.28
N SER A 108 2.99 7.85 -4.09
CA SER A 108 4.40 8.18 -4.25
C SER A 108 4.91 9.01 -3.07
N VAL A 109 6.12 8.70 -2.61
CA VAL A 109 6.71 9.42 -1.49
C VAL A 109 8.22 9.54 -1.66
N ALA A 110 8.77 10.69 -1.28
CA ALA A 110 10.19 10.94 -1.39
C ALA A 110 10.86 10.93 -0.02
N THR A 111 11.92 10.15 0.12
CA THR A 111 12.65 10.04 1.38
C THR A 111 13.37 11.35 1.70
N THR A 112 14.15 11.34 2.78
CA THR A 112 14.89 12.51 3.20
C THR A 112 16.34 12.44 2.73
N ARG A 113 17.14 13.44 3.12
CA ARG A 113 18.54 13.48 2.73
C ARG A 113 19.41 12.76 3.75
N GLU A 114 20.52 12.20 3.30
CA GLU A 114 21.44 11.48 4.18
C GLU A 114 22.54 12.41 4.68
N SER A 115 22.95 12.21 5.93
CA SER A 115 23.98 13.03 6.54
C SER A 115 25.14 13.24 5.58
N GLY A 116 25.33 14.48 5.14
CA GLY A 116 26.41 14.80 4.22
C GLY A 116 26.25 16.17 3.59
N PRO A 117 27.25 16.57 2.80
CA PRO A 117 27.25 17.88 2.12
C PRO A 117 26.21 17.94 1.01
N SER A 118 25.99 19.14 0.48
CA SER A 118 25.02 19.34 -0.59
C SER A 118 25.58 20.28 -1.66
N SER A 119 24.81 20.47 -2.72
CA SER A 119 25.22 21.33 -3.82
C SER A 119 24.41 22.62 -3.84
N GLY A 120 25.09 23.75 -3.96
CA GLY A 120 24.41 25.03 -3.99
C GLY A 120 24.70 25.88 -2.76
N GLY A 1 -14.21 6.95 -32.80
CA GLY A 1 -14.23 8.28 -32.21
C GLY A 1 -15.30 8.41 -31.15
N SER A 2 -15.04 7.88 -29.97
CA SER A 2 -15.99 7.94 -28.86
C SER A 2 -15.28 7.70 -27.52
N SER A 3 -15.95 8.08 -26.44
CA SER A 3 -15.38 7.92 -25.11
C SER A 3 -16.04 6.74 -24.38
N GLY A 4 -17.36 6.66 -24.48
CA GLY A 4 -18.08 5.58 -23.84
C GLY A 4 -17.50 5.21 -22.50
N SER A 5 -17.56 6.14 -21.55
CA SER A 5 -17.03 5.91 -20.21
C SER A 5 -18.02 5.12 -19.36
N SER A 6 -19.23 5.65 -19.22
CA SER A 6 -20.26 5.00 -18.43
C SER A 6 -20.97 3.93 -19.25
N GLY A 7 -21.30 2.81 -18.60
CA GLY A 7 -21.98 1.73 -19.28
C GLY A 7 -21.37 0.37 -18.96
N MET A 8 -21.25 0.06 -17.68
CA MET A 8 -20.69 -1.21 -17.25
C MET A 8 -21.06 -1.51 -15.80
N GLU A 9 -21.05 -2.78 -15.44
CA GLU A 9 -21.39 -3.20 -14.07
C GLU A 9 -20.57 -4.42 -13.67
N PRO A 10 -20.35 -4.56 -12.35
CA PRO A 10 -19.58 -5.68 -11.79
C PRO A 10 -20.32 -7.01 -11.92
N HIS A 11 -19.70 -8.07 -11.40
CA HIS A 11 -20.29 -9.40 -11.45
C HIS A 11 -21.60 -9.44 -10.66
N LYS A 12 -22.29 -10.57 -10.73
CA LYS A 12 -23.56 -10.74 -10.01
C LYS A 12 -23.50 -10.05 -8.66
N VAL A 13 -22.59 -10.49 -7.80
CA VAL A 13 -22.44 -9.91 -6.47
C VAL A 13 -21.39 -8.81 -6.46
N VAL A 14 -21.68 -7.73 -5.74
CA VAL A 14 -20.76 -6.61 -5.65
C VAL A 14 -19.58 -6.91 -4.73
N PRO A 15 -18.36 -6.70 -5.23
CA PRO A 15 -17.14 -6.95 -4.48
C PRO A 15 -16.94 -5.96 -3.33
N LEU A 16 -16.02 -6.28 -2.42
CA LEU A 16 -15.75 -5.41 -1.29
C LEU A 16 -15.38 -4.01 -1.74
N SER A 17 -15.28 -3.09 -0.79
CA SER A 17 -14.93 -1.70 -1.09
C SER A 17 -13.44 -1.55 -1.37
N LYS A 18 -13.05 -0.41 -1.93
CA LYS A 18 -11.65 -0.16 -2.24
C LYS A 18 -10.90 0.33 -1.01
N PRO A 19 -9.70 -0.23 -0.78
CA PRO A 19 -8.87 0.13 0.36
C PRO A 19 -8.28 1.54 0.23
N HIS A 20 -7.88 2.11 1.36
CA HIS A 20 -7.31 3.45 1.38
C HIS A 20 -5.79 3.39 1.32
N PRO A 21 -5.16 4.53 0.98
CA PRO A 21 -3.70 4.63 0.88
C PRO A 21 -3.02 4.56 2.25
N PRO A 22 -1.86 3.89 2.30
CA PRO A 22 -1.10 3.73 3.54
C PRO A 22 -0.47 5.05 4.00
N VAL A 23 -0.46 5.26 5.32
CA VAL A 23 0.11 6.47 5.89
C VAL A 23 1.61 6.33 6.08
N VAL A 24 2.32 7.46 6.03
CA VAL A 24 3.77 7.46 6.21
C VAL A 24 4.17 8.24 7.46
N GLY A 25 4.51 7.51 8.51
CA GLY A 25 4.92 8.14 9.75
C GLY A 25 6.35 8.64 9.72
N LYS A 26 7.30 7.74 9.85
CA LYS A 26 8.72 8.09 9.83
C LYS A 26 9.27 8.02 8.41
N VAL A 27 9.97 9.08 8.00
CA VAL A 27 10.56 9.14 6.67
C VAL A 27 12.07 9.24 6.74
N THR A 28 12.76 8.19 6.30
CA THR A 28 14.22 8.16 6.32
C THR A 28 14.78 8.12 4.90
N HIS A 29 15.98 8.66 4.74
CA HIS A 29 16.64 8.69 3.43
C HIS A 29 17.14 7.31 3.05
N HIS A 30 16.88 6.33 3.91
CA HIS A 30 17.31 4.95 3.66
C HIS A 30 16.12 4.01 3.65
N SER A 31 14.98 4.50 4.09
CA SER A 31 13.76 3.69 4.13
C SER A 31 12.53 4.56 4.35
N ILE A 32 11.35 3.98 4.18
CA ILE A 32 10.11 4.70 4.36
C ILE A 32 9.15 3.93 5.27
N GLU A 33 8.70 4.59 6.33
CA GLU A 33 7.78 3.96 7.29
C GLU A 33 6.35 4.03 6.77
N LEU A 34 5.66 2.89 6.79
CA LEU A 34 4.28 2.81 6.32
C LEU A 34 3.42 2.02 7.31
N TYR A 35 2.19 2.47 7.50
CA TYR A 35 1.26 1.80 8.40
C TYR A 35 -0.18 1.98 7.95
N TRP A 36 -0.89 0.87 7.77
CA TRP A 36 -2.28 0.91 7.35
C TRP A 36 -3.19 0.30 8.41
N ASP A 37 -2.83 0.47 9.67
CA ASP A 37 -3.61 -0.06 10.78
C ASP A 37 -4.88 0.78 11.00
N LEU A 38 -5.55 1.12 9.90
CA LEU A 38 -6.77 1.91 9.98
C LEU A 38 -7.98 1.10 9.52
N GLU A 39 -7.74 0.16 8.61
CA GLU A 39 -8.81 -0.69 8.09
C GLU A 39 -9.18 -1.77 9.11
N GLN A 40 -8.17 -2.47 9.62
CA GLN A 40 -8.40 -3.53 10.60
C GLN A 40 -8.37 -2.98 12.01
N LYS A 41 -9.33 -2.12 12.32
CA LYS A 41 -9.43 -1.53 13.66
C LYS A 41 -9.29 -2.58 14.74
N GLU A 42 -9.26 -2.14 15.99
CA GLU A 42 -9.13 -3.06 17.12
C GLU A 42 -10.43 -3.79 17.39
N LYS A 43 -11.00 -4.40 16.34
CA LYS A 43 -12.24 -5.14 16.47
C LYS A 43 -12.37 -6.19 15.36
N ARG A 44 -12.16 -7.45 15.73
CA ARG A 44 -12.25 -8.55 14.78
C ARG A 44 -13.62 -9.22 14.85
N GLN A 45 -14.13 -9.62 13.69
CA GLN A 45 -15.43 -10.28 13.63
C GLN A 45 -15.28 -11.80 13.69
N GLY A 46 -14.27 -12.31 13.01
CA GLY A 46 -14.04 -13.75 13.01
C GLY A 46 -12.66 -14.11 13.54
N PRO A 47 -12.19 -15.31 13.20
CA PRO A 47 -10.89 -15.81 13.65
C PRO A 47 -9.73 -15.05 12.99
N GLN A 48 -8.53 -15.22 13.55
CA GLN A 48 -7.35 -14.55 13.02
C GLN A 48 -7.21 -14.79 11.51
N GLU A 49 -7.36 -16.05 11.11
CA GLU A 49 -7.25 -16.41 9.70
C GLU A 49 -8.30 -15.68 8.87
N GLN A 50 -9.35 -15.21 9.53
CA GLN A 50 -10.42 -14.49 8.85
C GLN A 50 -9.98 -13.08 8.46
N TRP A 51 -9.21 -12.45 9.34
CA TRP A 51 -8.72 -11.10 9.09
C TRP A 51 -8.44 -10.90 7.60
N LEU A 52 -8.56 -9.66 7.14
CA LEU A 52 -8.32 -9.32 5.74
C LEU A 52 -6.83 -9.30 5.44
N ARG A 53 -6.46 -9.76 4.24
CA ARG A 53 -5.06 -9.79 3.83
C ARG A 53 -4.60 -8.42 3.36
N PHE A 54 -3.31 -8.14 3.51
CA PHE A 54 -2.75 -6.86 3.10
C PHE A 54 -1.39 -7.05 2.42
N SER A 55 -1.36 -6.76 1.13
CA SER A 55 -0.13 -6.91 0.35
C SER A 55 0.31 -5.56 -0.23
N ILE A 56 1.59 -5.23 -0.03
CA ILE A 56 2.13 -3.97 -0.54
C ILE A 56 2.99 -4.21 -1.77
N GLU A 57 3.02 -3.22 -2.66
CA GLU A 57 3.81 -3.33 -3.89
C GLU A 57 4.49 -2.00 -4.21
N GLU A 58 5.37 -2.02 -5.20
CA GLU A 58 6.09 -0.81 -5.60
C GLU A 58 6.40 -0.84 -7.09
N GLU A 59 6.26 0.31 -7.74
CA GLU A 59 6.53 0.42 -9.17
C GLU A 59 8.01 0.73 -9.42
N ASP A 60 8.49 0.31 -10.59
CA ASP A 60 9.89 0.54 -10.96
C ASP A 60 9.99 1.60 -12.04
N PRO A 61 10.89 2.58 -11.83
CA PRO A 61 11.11 3.67 -12.77
C PRO A 61 11.79 3.20 -14.05
N LYS A 62 12.44 2.05 -13.99
CA LYS A 62 13.13 1.48 -15.14
C LYS A 62 12.32 0.36 -15.77
N MET A 63 11.72 -0.48 -14.91
CA MET A 63 10.91 -1.59 -15.38
C MET A 63 9.46 -1.18 -15.56
N HIS A 64 9.14 0.03 -15.12
CA HIS A 64 7.78 0.56 -15.23
C HIS A 64 6.76 -0.52 -14.90
N SER A 65 7.08 -1.34 -13.91
CA SER A 65 6.19 -2.42 -13.50
C SER A 65 6.11 -2.50 -11.98
N TYR A 66 5.04 -3.11 -11.48
CA TYR A 66 4.84 -3.26 -10.04
C TYR A 66 5.28 -4.63 -9.56
N GLY A 67 5.73 -4.70 -8.31
CA GLY A 67 6.18 -5.96 -7.75
C GLY A 67 5.88 -6.08 -6.27
N VAL A 68 5.19 -7.15 -5.89
CA VAL A 68 4.82 -7.37 -4.50
C VAL A 68 6.06 -7.33 -3.61
N ILE A 69 6.20 -6.23 -2.86
CA ILE A 69 7.34 -6.07 -1.96
C ILE A 69 7.09 -6.76 -0.63
N TYR A 70 5.84 -6.76 -0.20
CA TYR A 70 5.46 -7.38 1.07
C TYR A 70 4.10 -8.06 0.96
N THR A 71 3.92 -9.12 1.74
CA THR A 71 2.66 -9.87 1.73
C THR A 71 2.38 -10.50 3.08
N GLY A 72 1.25 -10.15 3.67
CA GLY A 72 0.88 -10.69 4.97
C GLY A 72 -0.33 -10.01 5.56
N TYR A 73 -0.50 -10.15 6.88
CA TYR A 73 -1.62 -9.54 7.58
C TYR A 73 -1.18 -8.31 8.36
N ALA A 74 0.12 -8.17 8.56
CA ALA A 74 0.67 -7.04 9.29
C ALA A 74 0.05 -5.74 8.82
N THR A 75 0.21 -4.68 9.61
CA THR A 75 -0.34 -3.37 9.28
C THR A 75 0.78 -2.38 8.95
N ARG A 76 1.94 -2.59 9.55
CA ARG A 76 3.08 -1.71 9.31
C ARG A 76 4.06 -2.33 8.31
N HIS A 77 4.85 -1.49 7.66
CA HIS A 77 5.82 -1.95 6.68
C HIS A 77 6.85 -0.87 6.37
N VAL A 78 8.09 -1.11 6.76
CA VAL A 78 9.17 -0.15 6.53
C VAL A 78 10.01 -0.55 5.33
N VAL A 79 9.71 0.03 4.17
CA VAL A 79 10.44 -0.27 2.94
C VAL A 79 11.93 -0.01 3.12
N GLU A 80 12.70 -1.08 3.20
CA GLU A 80 14.16 -0.96 3.37
C GLU A 80 14.85 -0.84 2.01
N GLY A 81 16.14 -0.50 2.04
CA GLY A 81 16.89 -0.36 0.82
C GLY A 81 16.36 0.75 -0.07
N LEU A 82 16.36 1.97 0.45
CA LEU A 82 15.87 3.12 -0.31
C LEU A 82 16.96 4.16 -0.49
N GLU A 83 16.77 5.05 -1.46
CA GLU A 83 17.75 6.11 -1.73
C GLU A 83 17.25 7.45 -1.21
N PRO A 84 18.20 8.38 -0.99
CA PRO A 84 17.87 9.72 -0.50
C PRO A 84 17.14 10.57 -1.52
N ARG A 85 16.21 11.40 -1.06
CA ARG A 85 15.43 12.25 -1.94
C ARG A 85 14.95 11.48 -3.16
N THR A 86 14.44 10.27 -2.93
CA THR A 86 13.94 9.44 -4.01
C THR A 86 12.46 9.12 -3.81
N LEU A 87 11.69 9.28 -4.88
CA LEU A 87 10.25 9.00 -4.82
C LEU A 87 9.97 7.50 -4.96
N TYR A 88 9.05 7.00 -4.16
CA TYR A 88 8.69 5.58 -4.19
C TYR A 88 7.19 5.40 -4.06
N LYS A 89 6.56 4.92 -5.13
CA LYS A 89 5.12 4.68 -5.14
C LYS A 89 4.79 3.29 -4.64
N PHE A 90 3.75 3.19 -3.81
CA PHE A 90 3.33 1.92 -3.25
C PHE A 90 1.81 1.78 -3.30
N ARG A 91 1.34 0.58 -3.65
CA ARG A 91 -0.09 0.32 -3.73
C ARG A 91 -0.51 -0.74 -2.71
N LEU A 92 -1.52 -0.43 -1.92
CA LEU A 92 -2.02 -1.36 -0.91
C LEU A 92 -3.13 -2.24 -1.47
N LYS A 93 -2.99 -3.55 -1.32
CA LYS A 93 -3.98 -4.49 -1.81
C LYS A 93 -4.62 -5.26 -0.65
N VAL A 94 -5.90 -5.58 -0.80
CA VAL A 94 -6.63 -6.31 0.22
C VAL A 94 -7.53 -7.38 -0.39
N THR A 95 -7.68 -8.50 0.32
CA THR A 95 -8.52 -9.59 -0.16
C THR A 95 -9.44 -10.11 0.94
N SER A 96 -10.75 -10.01 0.71
CA SER A 96 -11.72 -10.46 1.69
C SER A 96 -11.56 -11.95 1.98
N PRO A 97 -12.12 -12.40 3.11
CA PRO A 97 -12.05 -13.80 3.52
C PRO A 97 -12.90 -14.71 2.63
N SER A 98 -13.55 -14.11 1.64
CA SER A 98 -14.39 -14.87 0.73
C SER A 98 -13.69 -15.07 -0.62
N GLY A 99 -12.94 -14.06 -1.04
CA GLY A 99 -12.23 -14.14 -2.30
C GLY A 99 -12.04 -12.80 -2.95
N GLU A 100 -12.99 -11.89 -2.74
CA GLU A 100 -12.93 -10.56 -3.31
C GLU A 100 -11.63 -9.87 -2.93
N TYR A 101 -11.18 -8.94 -3.78
CA TYR A 101 -9.95 -8.21 -3.53
C TYR A 101 -9.96 -6.87 -4.27
N GLU A 102 -9.43 -5.84 -3.62
CA GLU A 102 -9.37 -4.51 -4.22
C GLU A 102 -7.95 -3.97 -4.18
N TYR A 103 -7.79 -2.72 -4.63
CA TYR A 103 -6.48 -2.08 -4.66
C TYR A 103 -6.57 -0.63 -4.19
N SER A 104 -5.52 -0.16 -3.53
CA SER A 104 -5.47 1.20 -3.02
C SER A 104 -4.82 2.14 -4.04
N PRO A 105 -5.08 3.44 -3.89
CA PRO A 105 -4.53 4.47 -4.79
C PRO A 105 -3.02 4.65 -4.59
N VAL A 106 -2.27 4.47 -5.67
CA VAL A 106 -0.82 4.61 -5.62
C VAL A 106 -0.42 5.79 -4.73
N VAL A 107 0.61 5.58 -3.92
CA VAL A 107 1.09 6.62 -3.01
C VAL A 107 2.58 6.86 -3.21
N SER A 108 2.92 7.96 -3.89
CA SER A 108 4.32 8.30 -4.15
C SER A 108 4.88 9.14 -3.01
N VAL A 109 5.89 8.59 -2.33
CA VAL A 109 6.52 9.28 -1.21
C VAL A 109 8.02 9.41 -1.43
N ALA A 110 8.54 10.63 -1.30
CA ALA A 110 9.96 10.89 -1.48
C ALA A 110 10.68 10.94 -0.14
N THR A 111 11.74 10.14 0.00
CA THR A 111 12.51 10.10 1.23
C THR A 111 13.23 11.42 1.47
N THR A 112 14.06 11.46 2.51
CA THR A 112 14.79 12.67 2.86
C THR A 112 16.25 12.57 2.38
N ARG A 113 17.03 13.61 2.67
CA ARG A 113 18.43 13.65 2.28
C ARG A 113 19.28 12.76 3.19
N GLU A 114 20.48 12.43 2.73
CA GLU A 114 21.38 11.59 3.51
C GLU A 114 21.91 12.34 4.72
N SER A 115 22.31 11.59 5.75
CA SER A 115 22.83 12.19 6.97
C SER A 115 24.15 11.53 7.39
N GLY A 116 24.78 12.07 8.42
CA GLY A 116 26.03 11.52 8.90
C GLY A 116 26.74 12.45 9.86
N PRO A 117 27.37 11.87 10.89
CA PRO A 117 28.10 12.64 11.90
C PRO A 117 29.38 13.25 11.36
N SER A 118 29.98 12.59 10.37
CA SER A 118 31.21 13.07 9.76
C SER A 118 30.91 13.90 8.51
N SER A 119 31.82 14.82 8.20
CA SER A 119 31.65 15.68 7.03
C SER A 119 31.82 14.88 5.73
N GLY A 120 30.73 14.28 5.28
CA GLY A 120 30.78 13.49 4.05
C GLY A 120 29.48 13.57 3.27
N GLY A 1 -28.22 22.47 -16.78
CA GLY A 1 -29.31 22.24 -15.86
C GLY A 1 -29.32 20.82 -15.32
N SER A 2 -29.94 19.91 -16.05
CA SER A 2 -30.01 18.52 -15.63
C SER A 2 -28.64 17.85 -15.69
N SER A 3 -28.35 17.04 -14.68
CA SER A 3 -27.07 16.35 -14.60
C SER A 3 -26.96 15.26 -15.68
N GLY A 4 -27.86 14.28 -15.60
CA GLY A 4 -27.86 13.20 -16.56
C GLY A 4 -28.57 11.97 -16.05
N SER A 5 -28.51 10.88 -16.83
CA SER A 5 -29.16 9.64 -16.44
C SER A 5 -28.19 8.47 -16.52
N SER A 6 -28.05 7.75 -15.41
CA SER A 6 -27.14 6.60 -15.35
C SER A 6 -27.53 5.65 -14.23
N GLY A 7 -27.45 4.36 -14.50
CA GLY A 7 -27.81 3.36 -13.51
C GLY A 7 -27.26 1.99 -13.84
N MET A 8 -25.93 1.87 -13.84
CA MET A 8 -25.29 0.60 -14.15
C MET A 8 -25.10 -0.23 -12.88
N GLU A 9 -24.73 -1.50 -13.06
CA GLU A 9 -24.53 -2.40 -11.93
C GLU A 9 -23.41 -3.39 -12.22
N PRO A 10 -22.59 -3.66 -11.20
CA PRO A 10 -21.46 -4.59 -11.31
C PRO A 10 -21.91 -6.04 -11.47
N HIS A 11 -20.94 -6.94 -11.60
CA HIS A 11 -21.25 -8.36 -11.77
C HIS A 11 -22.29 -8.81 -10.75
N LYS A 12 -22.79 -10.03 -10.92
CA LYS A 12 -23.79 -10.58 -10.02
C LYS A 12 -23.55 -10.13 -8.59
N VAL A 13 -22.46 -10.62 -8.00
CA VAL A 13 -22.11 -10.26 -6.63
C VAL A 13 -21.43 -8.90 -6.57
N VAL A 14 -21.47 -8.27 -5.40
CA VAL A 14 -20.85 -6.96 -5.21
C VAL A 14 -19.55 -7.07 -4.42
N PRO A 15 -18.46 -6.57 -5.02
CA PRO A 15 -17.14 -6.58 -4.38
C PRO A 15 -17.04 -5.65 -3.19
N LEU A 16 -15.99 -5.80 -2.39
CA LEU A 16 -15.79 -4.96 -1.22
C LEU A 16 -15.39 -3.54 -1.63
N SER A 17 -15.39 -2.63 -0.66
CA SER A 17 -15.04 -1.25 -0.91
C SER A 17 -13.53 -1.08 -1.02
N LYS A 18 -13.09 -0.41 -2.10
CA LYS A 18 -11.67 -0.19 -2.33
C LYS A 18 -10.98 0.26 -1.05
N PRO A 19 -9.75 -0.25 -0.83
CA PRO A 19 -8.96 0.08 0.35
C PRO A 19 -8.46 1.52 0.33
N HIS A 20 -7.87 1.96 1.43
CA HIS A 20 -7.35 3.32 1.54
C HIS A 20 -5.82 3.32 1.45
N PRO A 21 -5.25 4.48 1.07
CA PRO A 21 -3.81 4.64 0.93
C PRO A 21 -3.10 4.63 2.29
N PRO A 22 -1.94 3.95 2.34
CA PRO A 22 -1.15 3.85 3.56
C PRO A 22 -0.49 5.17 3.95
N VAL A 23 -0.47 5.46 5.24
CA VAL A 23 0.13 6.69 5.74
C VAL A 23 1.64 6.54 5.91
N VAL A 24 2.35 7.67 5.85
CA VAL A 24 3.79 7.67 6.00
C VAL A 24 4.21 8.34 7.30
N GLY A 25 4.43 7.53 8.34
CA GLY A 25 4.84 8.06 9.63
C GLY A 25 6.25 8.60 9.61
N LYS A 26 7.23 7.73 9.84
CA LYS A 26 8.63 8.14 9.85
C LYS A 26 9.19 8.19 8.44
N VAL A 27 9.92 9.26 8.13
CA VAL A 27 10.52 9.43 6.82
C VAL A 27 12.03 9.57 6.91
N THR A 28 12.75 8.51 6.56
CA THR A 28 14.20 8.52 6.62
C THR A 28 14.81 8.54 5.21
N HIS A 29 16.09 8.87 5.13
CA HIS A 29 16.77 8.92 3.84
C HIS A 29 17.32 7.55 3.45
N HIS A 30 16.93 6.54 4.22
CA HIS A 30 17.38 5.17 3.95
C HIS A 30 16.19 4.23 3.86
N SER A 31 15.02 4.70 4.26
CA SER A 31 13.81 3.89 4.23
C SER A 31 12.57 4.76 4.43
N ILE A 32 11.39 4.17 4.27
CA ILE A 32 10.14 4.88 4.43
C ILE A 32 9.15 4.08 5.28
N GLU A 33 8.64 4.72 6.33
CA GLU A 33 7.69 4.07 7.23
C GLU A 33 6.28 4.15 6.66
N LEU A 34 5.54 3.04 6.77
CA LEU A 34 4.17 2.98 6.27
C LEU A 34 3.28 2.19 7.22
N TYR A 35 2.06 2.68 7.42
CA TYR A 35 1.11 2.00 8.30
C TYR A 35 -0.32 2.23 7.83
N TRP A 36 -1.03 1.12 7.59
CA TRP A 36 -2.42 1.19 7.13
C TRP A 36 -3.35 0.48 8.11
N ASP A 37 -3.08 0.64 9.40
CA ASP A 37 -3.89 0.01 10.43
C ASP A 37 -5.15 0.83 10.70
N LEU A 38 -5.57 1.61 9.71
CA LEU A 38 -6.76 2.44 9.84
C LEU A 38 -7.98 1.73 9.26
N GLU A 39 -7.75 0.88 8.28
CA GLU A 39 -8.84 0.13 7.63
C GLU A 39 -9.29 -1.03 8.51
N GLN A 40 -8.34 -1.89 8.88
CA GLN A 40 -8.65 -3.03 9.71
C GLN A 40 -8.69 -2.66 11.19
N LYS A 41 -9.06 -1.40 11.46
CA LYS A 41 -9.15 -0.91 12.83
C LYS A 41 -10.22 -1.67 13.61
N GLU A 42 -11.43 -1.71 13.07
CA GLU A 42 -12.53 -2.41 13.72
C GLU A 42 -12.06 -3.72 14.35
N LYS A 43 -12.39 -3.91 15.62
CA LYS A 43 -12.01 -5.12 16.33
C LYS A 43 -12.06 -6.33 15.41
N ARG A 44 -11.25 -7.33 15.72
CA ARG A 44 -11.19 -8.55 14.93
C ARG A 44 -12.53 -9.28 14.96
N GLN A 45 -13.16 -9.29 16.14
CA GLN A 45 -14.45 -9.97 16.31
C GLN A 45 -14.42 -11.35 15.67
N GLY A 46 -13.33 -12.07 15.87
CA GLY A 46 -13.22 -13.41 15.33
C GLY A 46 -11.79 -13.93 15.36
N PRO A 47 -11.61 -15.19 14.95
CA PRO A 47 -10.28 -15.83 14.93
C PRO A 47 -9.38 -15.25 13.84
N GLN A 48 -8.07 -15.43 14.02
CA GLN A 48 -7.10 -14.92 13.05
C GLN A 48 -7.48 -15.32 11.63
N GLU A 49 -8.01 -16.54 11.48
CA GLU A 49 -8.41 -17.03 10.17
C GLU A 49 -9.39 -16.06 9.50
N GLN A 50 -10.16 -15.36 10.31
CA GLN A 50 -11.14 -14.41 9.79
C GLN A 50 -10.50 -13.04 9.57
N TRP A 51 -9.20 -13.04 9.30
CA TRP A 51 -8.48 -11.80 9.06
C TRP A 51 -8.22 -11.59 7.57
N LEU A 52 -8.18 -10.33 7.16
CA LEU A 52 -7.94 -9.99 5.76
C LEU A 52 -6.45 -10.00 5.44
N ARG A 53 -6.12 -10.04 4.15
CA ARG A 53 -4.73 -10.05 3.71
C ARG A 53 -4.32 -8.67 3.18
N PHE A 54 -3.03 -8.37 3.29
CA PHE A 54 -2.52 -7.09 2.81
C PHE A 54 -1.22 -7.29 2.02
N SER A 55 -1.28 -6.97 0.73
CA SER A 55 -0.13 -7.11 -0.14
C SER A 55 0.33 -5.75 -0.67
N ILE A 56 1.53 -5.34 -0.26
CA ILE A 56 2.08 -4.05 -0.70
C ILE A 56 3.01 -4.24 -1.89
N GLU A 57 2.83 -3.41 -2.91
CA GLU A 57 3.65 -3.47 -4.10
C GLU A 57 4.27 -2.11 -4.42
N GLU A 58 5.23 -2.10 -5.34
CA GLU A 58 5.91 -0.86 -5.74
C GLU A 58 6.29 -0.89 -7.21
N GLU A 59 6.32 0.28 -7.83
CA GLU A 59 6.67 0.38 -9.24
C GLU A 59 8.18 0.50 -9.41
N ASP A 60 8.68 -0.02 -10.53
CA ASP A 60 10.11 0.02 -10.83
C ASP A 60 10.42 1.09 -11.87
N PRO A 61 11.39 1.95 -11.56
CA PRO A 61 11.81 3.03 -12.47
C PRO A 61 12.51 2.51 -13.71
N LYS A 62 13.20 1.39 -13.56
CA LYS A 62 13.93 0.78 -14.68
C LYS A 62 13.10 -0.31 -15.34
N MET A 63 12.34 -1.05 -14.53
CA MET A 63 11.49 -2.13 -15.04
C MET A 63 10.10 -1.61 -15.38
N HIS A 64 9.84 -0.35 -15.03
CA HIS A 64 8.54 0.27 -15.30
C HIS A 64 7.41 -0.70 -14.99
N SER A 65 7.62 -1.56 -14.00
CA SER A 65 6.62 -2.53 -13.61
C SER A 65 6.47 -2.58 -12.09
N TYR A 66 5.35 -3.13 -11.63
CA TYR A 66 5.08 -3.23 -10.20
C TYR A 66 5.51 -4.59 -9.66
N GLY A 67 5.75 -4.65 -8.36
CA GLY A 67 6.17 -5.90 -7.73
C GLY A 67 5.79 -5.98 -6.27
N VAL A 68 5.43 -7.17 -5.82
CA VAL A 68 5.03 -7.37 -4.43
C VAL A 68 6.24 -7.34 -3.50
N ILE A 69 6.42 -6.21 -2.81
CA ILE A 69 7.54 -6.05 -1.89
C ILE A 69 7.25 -6.71 -0.54
N TYR A 70 5.99 -6.63 -0.11
CA TYR A 70 5.58 -7.22 1.15
C TYR A 70 4.22 -7.90 1.02
N THR A 71 4.06 -9.02 1.72
CA THR A 71 2.80 -9.76 1.69
C THR A 71 2.58 -10.52 2.99
N GLY A 72 1.50 -10.18 3.69
CA GLY A 72 1.19 -10.85 4.94
C GLY A 72 -0.13 -10.39 5.53
N TYR A 73 -0.21 -10.38 6.85
CA TYR A 73 -1.42 -9.96 7.54
C TYR A 73 -1.14 -8.80 8.49
N ALA A 74 -0.09 -8.05 8.20
CA ALA A 74 0.30 -6.92 9.03
C ALA A 74 -0.25 -5.62 8.46
N THR A 75 0.03 -4.51 9.14
CA THR A 75 -0.44 -3.20 8.70
C THR A 75 0.73 -2.26 8.42
N ARG A 76 1.79 -2.40 9.21
CA ARG A 76 2.97 -1.56 9.04
C ARG A 76 3.96 -2.20 8.07
N HIS A 77 4.74 -1.36 7.39
CA HIS A 77 5.73 -1.84 6.43
C HIS A 77 6.75 -0.76 6.12
N VAL A 78 7.97 -0.97 6.60
CA VAL A 78 9.05 0.00 6.38
C VAL A 78 9.92 -0.42 5.20
N VAL A 79 9.67 0.18 4.04
CA VAL A 79 10.43 -0.14 2.84
C VAL A 79 11.92 0.14 3.04
N GLU A 80 12.67 -0.93 3.27
CA GLU A 80 14.12 -0.81 3.48
C GLU A 80 14.85 -0.65 2.15
N GLY A 81 16.14 -0.32 2.23
CA GLY A 81 16.93 -0.14 1.03
C GLY A 81 16.35 0.91 0.10
N LEU A 82 16.54 2.18 0.46
CA LEU A 82 16.03 3.28 -0.35
C LEU A 82 17.09 4.35 -0.53
N GLU A 83 16.93 5.17 -1.57
CA GLU A 83 17.88 6.24 -1.86
C GLU A 83 17.36 7.57 -1.33
N PRO A 84 18.29 8.47 -0.97
CA PRO A 84 17.96 9.79 -0.45
C PRO A 84 17.37 10.71 -1.52
N ARG A 85 16.45 11.57 -1.12
CA ARG A 85 15.82 12.50 -2.05
C ARG A 85 15.23 11.75 -3.24
N THR A 86 14.70 10.56 -2.99
CA THR A 86 14.11 9.74 -4.04
C THR A 86 12.65 9.44 -3.75
N LEU A 87 11.84 9.41 -4.81
CA LEU A 87 10.41 9.14 -4.67
C LEU A 87 10.12 7.66 -4.84
N TYR A 88 9.09 7.17 -4.15
CA TYR A 88 8.72 5.76 -4.23
C TYR A 88 7.20 5.60 -4.21
N LYS A 89 6.68 4.81 -5.14
CA LYS A 89 5.24 4.58 -5.23
C LYS A 89 4.88 3.20 -4.68
N PHE A 90 3.86 3.15 -3.84
CA PHE A 90 3.41 1.89 -3.25
C PHE A 90 1.89 1.75 -3.35
N ARG A 91 1.44 0.55 -3.71
CA ARG A 91 0.02 0.29 -3.83
C ARG A 91 -0.45 -0.74 -2.80
N LEU A 92 -1.47 -0.38 -2.05
CA LEU A 92 -2.01 -1.27 -1.02
C LEU A 92 -3.13 -2.15 -1.58
N LYS A 93 -2.99 -3.46 -1.38
CA LYS A 93 -3.99 -4.41 -1.88
C LYS A 93 -4.63 -5.16 -0.72
N VAL A 94 -5.91 -5.49 -0.87
CA VAL A 94 -6.65 -6.21 0.16
C VAL A 94 -7.52 -7.30 -0.44
N THR A 95 -7.69 -8.40 0.29
CA THR A 95 -8.51 -9.51 -0.18
C THR A 95 -9.38 -10.07 0.95
N SER A 96 -10.69 -9.90 0.81
CA SER A 96 -11.63 -10.39 1.82
C SER A 96 -11.40 -11.86 2.11
N PRO A 97 -11.87 -12.32 3.27
CA PRO A 97 -11.73 -13.73 3.69
C PRO A 97 -12.59 -14.66 2.86
N SER A 98 -13.33 -14.10 1.91
CA SER A 98 -14.20 -14.89 1.04
C SER A 98 -13.59 -15.05 -0.35
N GLY A 99 -12.93 -14.00 -0.82
CA GLY A 99 -12.31 -14.04 -2.13
C GLY A 99 -12.18 -12.68 -2.76
N GLU A 100 -13.13 -11.80 -2.46
CA GLU A 100 -13.13 -10.44 -3.01
C GLU A 100 -11.82 -9.73 -2.70
N TYR A 101 -11.42 -8.81 -3.58
CA TYR A 101 -10.18 -8.07 -3.40
C TYR A 101 -10.23 -6.74 -4.14
N GLU A 102 -9.43 -5.78 -3.69
CA GLU A 102 -9.39 -4.46 -4.31
C GLU A 102 -7.97 -3.89 -4.26
N TYR A 103 -7.83 -2.66 -4.72
CA TYR A 103 -6.53 -1.99 -4.73
C TYR A 103 -6.66 -0.55 -4.28
N SER A 104 -5.61 -0.04 -3.62
CA SER A 104 -5.60 1.32 -3.12
C SER A 104 -4.91 2.26 -4.12
N PRO A 105 -5.18 3.56 -3.98
CA PRO A 105 -4.59 4.58 -4.85
C PRO A 105 -3.09 4.76 -4.61
N VAL A 106 -2.30 4.55 -5.65
CA VAL A 106 -0.85 4.70 -5.55
C VAL A 106 -0.47 5.92 -4.73
N VAL A 107 0.47 5.74 -3.81
CA VAL A 107 0.92 6.84 -2.95
C VAL A 107 2.42 7.06 -3.11
N SER A 108 2.78 8.11 -3.85
CA SER A 108 4.19 8.44 -4.07
C SER A 108 4.74 9.25 -2.91
N VAL A 109 5.91 8.84 -2.42
CA VAL A 109 6.55 9.54 -1.30
C VAL A 109 8.05 9.67 -1.53
N ALA A 110 8.61 10.80 -1.13
CA ALA A 110 10.03 11.05 -1.30
C ALA A 110 10.76 11.01 0.04
N THR A 111 11.81 10.19 0.12
CA THR A 111 12.59 10.06 1.34
C THR A 111 13.23 11.38 1.73
N THR A 112 13.99 11.36 2.82
CA THR A 112 14.67 12.56 3.30
C THR A 112 16.10 12.62 2.80
N ARG A 113 16.72 13.79 2.92
CA ARG A 113 18.10 13.98 2.47
C ARG A 113 19.07 13.29 3.42
N GLU A 114 20.21 12.85 2.88
CA GLU A 114 21.22 12.18 3.68
C GLU A 114 21.73 13.09 4.79
N SER A 115 22.67 12.58 5.58
CA SER A 115 23.25 13.35 6.68
C SER A 115 24.77 13.33 6.62
N GLY A 116 25.33 12.14 6.41
CA GLY A 116 26.78 12.02 6.34
C GLY A 116 27.28 10.75 7.01
N PRO A 117 28.00 10.92 8.13
CA PRO A 117 28.56 9.79 8.89
C PRO A 117 27.48 8.99 9.60
N SER A 118 27.33 7.74 9.20
CA SER A 118 26.33 6.85 9.80
C SER A 118 26.80 6.34 11.15
N SER A 119 26.03 6.62 12.20
CA SER A 119 26.36 6.19 13.55
C SER A 119 25.11 5.98 14.39
N GLY A 120 24.97 4.80 14.97
CA GLY A 120 23.81 4.49 15.78
C GLY A 120 22.54 5.05 15.20
N GLY A 1 -10.81 17.34 -15.18
CA GLY A 1 -10.99 15.94 -14.87
C GLY A 1 -11.63 15.17 -16.01
N SER A 2 -10.93 14.16 -16.51
CA SER A 2 -11.44 13.34 -17.61
C SER A 2 -11.30 11.85 -17.30
N SER A 3 -12.43 11.16 -17.27
CA SER A 3 -12.43 9.73 -16.97
C SER A 3 -13.59 9.03 -17.69
N GLY A 4 -13.42 7.75 -17.98
CA GLY A 4 -14.46 6.99 -18.65
C GLY A 4 -15.04 5.90 -17.77
N SER A 5 -16.12 5.27 -18.25
CA SER A 5 -16.76 4.21 -17.50
C SER A 5 -16.97 2.98 -18.37
N SER A 6 -16.38 1.85 -17.95
CA SER A 6 -16.50 0.61 -18.69
C SER A 6 -16.13 -0.58 -17.81
N GLY A 7 -16.56 -1.77 -18.22
CA GLY A 7 -16.26 -2.97 -17.46
C GLY A 7 -17.50 -3.78 -17.13
N MET A 8 -17.32 -4.91 -16.47
CA MET A 8 -18.43 -5.77 -16.10
C MET A 8 -18.78 -5.60 -14.62
N GLU A 9 -19.96 -6.08 -14.23
CA GLU A 9 -20.40 -5.97 -12.84
C GLU A 9 -20.59 -7.36 -12.23
N PRO A 10 -20.27 -7.48 -10.94
CA PRO A 10 -20.39 -8.75 -10.20
C PRO A 10 -21.85 -9.14 -9.98
N HIS A 11 -22.29 -10.18 -10.69
CA HIS A 11 -23.67 -10.65 -10.57
C HIS A 11 -23.87 -11.39 -9.26
N LYS A 12 -25.05 -11.24 -8.67
CA LYS A 12 -25.37 -11.88 -7.40
C LYS A 12 -24.16 -11.87 -6.46
N VAL A 13 -23.33 -10.85 -6.60
CA VAL A 13 -22.13 -10.72 -5.76
C VAL A 13 -21.84 -9.26 -5.45
N VAL A 14 -21.41 -9.00 -4.21
CA VAL A 14 -21.09 -7.64 -3.79
C VAL A 14 -19.65 -7.55 -3.31
N PRO A 15 -18.80 -6.88 -4.11
CA PRO A 15 -17.38 -6.70 -3.79
C PRO A 15 -17.17 -5.75 -2.61
N LEU A 16 -15.95 -5.74 -2.07
CA LEU A 16 -15.62 -4.88 -0.95
C LEU A 16 -15.15 -3.52 -1.43
N SER A 17 -15.35 -2.50 -0.59
CA SER A 17 -14.94 -1.14 -0.93
C SER A 17 -13.43 -1.05 -1.13
N LYS A 18 -13.00 -0.10 -1.96
CA LYS A 18 -11.59 0.10 -2.23
C LYS A 18 -10.83 0.48 -0.97
N PRO A 19 -9.66 -0.15 -0.76
CA PRO A 19 -8.81 0.11 0.41
C PRO A 19 -8.18 1.50 0.36
N HIS A 20 -8.16 2.17 1.51
CA HIS A 20 -7.57 3.50 1.61
C HIS A 20 -6.05 3.45 1.49
N PRO A 21 -5.45 4.58 1.11
CA PRO A 21 -3.99 4.68 0.96
C PRO A 21 -3.26 4.62 2.30
N PRO A 22 -2.11 3.94 2.30
CA PRO A 22 -1.29 3.79 3.52
C PRO A 22 -0.63 5.11 3.93
N VAL A 23 -0.55 5.33 5.24
CA VAL A 23 0.06 6.55 5.77
C VAL A 23 1.57 6.36 5.97
N VAL A 24 2.31 7.47 5.89
CA VAL A 24 3.75 7.44 6.07
C VAL A 24 4.15 8.01 7.42
N GLY A 25 4.62 7.14 8.31
CA GLY A 25 5.03 7.59 9.64
C GLY A 25 6.45 8.10 9.65
N LYS A 26 7.41 7.20 9.87
CA LYS A 26 8.82 7.57 9.91
C LYS A 26 9.36 7.81 8.51
N VAL A 27 9.96 8.98 8.29
CA VAL A 27 10.53 9.33 6.99
C VAL A 27 12.04 9.45 7.07
N THR A 28 12.73 8.47 6.49
CA THR A 28 14.19 8.47 6.49
C THR A 28 14.74 8.56 5.06
N HIS A 29 15.92 9.16 4.93
CA HIS A 29 16.56 9.31 3.63
C HIS A 29 17.13 7.97 3.15
N HIS A 30 16.85 6.90 3.89
CA HIS A 30 17.33 5.58 3.54
C HIS A 30 16.22 4.54 3.66
N SER A 31 15.01 5.02 3.94
CA SER A 31 13.87 4.13 4.08
C SER A 31 12.58 4.93 4.27
N ILE A 32 11.44 4.24 4.23
CA ILE A 32 10.15 4.88 4.40
C ILE A 32 9.17 3.98 5.14
N GLU A 33 8.73 4.43 6.32
CA GLU A 33 7.81 3.66 7.13
C GLU A 33 6.36 3.94 6.71
N LEU A 34 5.53 2.90 6.76
CA LEU A 34 4.13 3.04 6.39
C LEU A 34 3.23 2.25 7.35
N TYR A 35 2.00 2.72 7.52
CA TYR A 35 1.05 2.06 8.41
C TYR A 35 -0.38 2.32 7.96
N TRP A 36 -1.08 1.25 7.56
CA TRP A 36 -2.45 1.37 7.11
C TRP A 36 -3.40 0.69 8.08
N ASP A 37 -3.12 0.83 9.37
CA ASP A 37 -3.96 0.24 10.41
C ASP A 37 -5.18 1.10 10.68
N LEU A 38 -5.61 1.85 9.68
CA LEU A 38 -6.78 2.72 9.82
C LEU A 38 -7.99 2.15 9.09
N GLU A 39 -7.76 1.07 8.34
CA GLU A 39 -8.83 0.43 7.60
C GLU A 39 -9.39 -0.77 8.37
N GLN A 40 -8.54 -1.77 8.59
CA GLN A 40 -8.95 -2.97 9.32
C GLN A 40 -8.98 -2.71 10.82
N LYS A 41 -9.50 -1.55 11.21
CA LYS A 41 -9.58 -1.19 12.62
C LYS A 41 -10.86 -1.73 13.25
N GLU A 42 -10.91 -3.05 13.42
CA GLU A 42 -12.07 -3.70 14.02
C GLU A 42 -11.65 -4.77 15.01
N LYS A 43 -12.33 -4.80 16.16
CA LYS A 43 -12.02 -5.77 17.20
C LYS A 43 -11.77 -7.15 16.61
N ARG A 44 -10.70 -7.80 17.07
CA ARG A 44 -10.35 -9.13 16.58
C ARG A 44 -11.15 -10.21 17.29
N GLN A 45 -12.44 -9.93 17.51
CA GLN A 45 -13.32 -10.88 18.18
C GLN A 45 -13.26 -12.25 17.51
N GLY A 46 -13.46 -12.26 16.19
CA GLY A 46 -13.43 -13.51 15.45
C GLY A 46 -12.07 -14.17 15.48
N PRO A 47 -11.97 -15.38 14.91
CA PRO A 47 -10.72 -16.14 14.86
C PRO A 47 -9.69 -15.50 13.93
N GLN A 48 -8.44 -15.93 14.06
CA GLN A 48 -7.36 -15.40 13.24
C GLN A 48 -7.58 -15.75 11.77
N GLU A 49 -8.52 -16.67 11.51
CA GLU A 49 -8.83 -17.09 10.15
C GLU A 49 -9.84 -16.15 9.51
N GLN A 50 -9.83 -14.89 9.95
CA GLN A 50 -10.75 -13.89 9.42
C GLN A 50 -10.01 -12.64 8.97
N TRP A 51 -8.89 -12.35 9.63
CA TRP A 51 -8.08 -11.18 9.30
C TRP A 51 -8.01 -10.98 7.79
N LEU A 52 -7.80 -9.74 7.38
CA LEU A 52 -7.70 -9.41 5.96
C LEU A 52 -6.25 -9.46 5.48
N ARG A 53 -6.05 -9.81 4.21
CA ARG A 53 -4.72 -9.87 3.64
C ARG A 53 -4.28 -8.51 3.10
N PHE A 54 -3.00 -8.23 3.22
CA PHE A 54 -2.44 -6.96 2.75
C PHE A 54 -1.18 -7.18 1.92
N SER A 55 -1.27 -6.89 0.63
CA SER A 55 -0.12 -7.06 -0.26
C SER A 55 0.35 -5.72 -0.81
N ILE A 56 1.59 -5.37 -0.49
CA ILE A 56 2.16 -4.10 -0.95
C ILE A 56 3.02 -4.30 -2.20
N GLU A 57 2.93 -3.36 -3.12
CA GLU A 57 3.70 -3.44 -4.37
C GLU A 57 4.38 -2.11 -4.67
N GLU A 58 5.49 -2.16 -5.40
CA GLU A 58 6.23 -0.96 -5.76
C GLU A 58 6.46 -0.90 -7.27
N GLU A 59 6.20 0.27 -7.84
CA GLU A 59 6.38 0.46 -9.28
C GLU A 59 7.84 0.76 -9.61
N ASP A 60 8.20 0.55 -10.87
CA ASP A 60 9.57 0.79 -11.32
C ASP A 60 9.62 1.95 -12.32
N PRO A 61 10.45 2.95 -12.02
CA PRO A 61 10.61 4.13 -12.87
C PRO A 61 11.31 3.81 -14.19
N LYS A 62 11.99 2.67 -14.21
CA LYS A 62 12.71 2.24 -15.41
C LYS A 62 12.07 1.00 -16.01
N MET A 63 11.69 0.05 -15.16
CA MET A 63 11.07 -1.18 -15.60
C MET A 63 9.56 -1.00 -15.78
N HIS A 64 9.06 0.16 -15.35
CA HIS A 64 7.63 0.46 -15.46
C HIS A 64 6.79 -0.75 -15.05
N SER A 65 7.25 -1.47 -14.03
CA SER A 65 6.54 -2.65 -13.56
C SER A 65 6.44 -2.64 -12.03
N TYR A 66 5.46 -3.38 -11.51
CA TYR A 66 5.26 -3.46 -10.06
C TYR A 66 5.89 -4.72 -9.49
N GLY A 67 5.86 -4.83 -8.16
CA GLY A 67 6.44 -5.99 -7.51
C GLY A 67 6.04 -6.09 -6.06
N VAL A 68 5.47 -7.23 -5.67
CA VAL A 68 5.04 -7.46 -4.29
C VAL A 68 6.23 -7.41 -3.34
N ILE A 69 6.53 -6.22 -2.83
CA ILE A 69 7.63 -6.04 -1.90
C ILE A 69 7.35 -6.72 -0.56
N TYR A 70 6.08 -6.70 -0.16
CA TYR A 70 5.67 -7.31 1.10
C TYR A 70 4.31 -7.98 0.97
N THR A 71 4.14 -9.11 1.65
CA THR A 71 2.88 -9.84 1.61
C THR A 71 2.65 -10.61 2.91
N GLY A 72 1.56 -10.28 3.60
CA GLY A 72 1.25 -10.96 4.84
C GLY A 72 -0.06 -10.48 5.44
N TYR A 73 -0.16 -10.52 6.77
CA TYR A 73 -1.36 -10.10 7.46
C TYR A 73 -1.08 -8.94 8.40
N ALA A 74 -0.02 -8.18 8.08
CA ALA A 74 0.36 -7.03 8.89
C ALA A 74 -0.22 -5.73 8.31
N THR A 75 -0.19 -4.67 9.11
CA THR A 75 -0.71 -3.38 8.68
C THR A 75 0.41 -2.36 8.53
N ARG A 76 1.53 -2.61 9.21
CA ARG A 76 2.67 -1.72 9.15
C ARG A 76 3.76 -2.27 8.24
N HIS A 77 4.40 -1.38 7.48
CA HIS A 77 5.46 -1.79 6.56
C HIS A 77 6.36 -0.61 6.21
N VAL A 78 7.67 -0.78 6.42
CA VAL A 78 8.63 0.27 6.13
C VAL A 78 9.62 -0.17 5.06
N VAL A 79 9.42 0.30 3.84
CA VAL A 79 10.29 -0.04 2.73
C VAL A 79 11.76 0.22 3.07
N GLU A 80 12.52 -0.85 3.26
CA GLU A 80 13.93 -0.74 3.61
C GLU A 80 14.79 -0.57 2.35
N GLY A 81 16.01 -0.08 2.54
CA GLY A 81 16.90 0.12 1.41
C GLY A 81 16.34 1.10 0.39
N LEU A 82 16.32 2.38 0.75
CA LEU A 82 15.81 3.41 -0.14
C LEU A 82 16.85 4.52 -0.35
N GLU A 83 16.73 5.23 -1.47
CA GLU A 83 17.66 6.31 -1.78
C GLU A 83 17.11 7.64 -1.29
N PRO A 84 18.03 8.57 -0.98
CA PRO A 84 17.67 9.91 -0.50
C PRO A 84 17.01 10.76 -1.57
N ARG A 85 16.24 11.76 -1.15
CA ARG A 85 15.56 12.65 -2.08
C ARG A 85 14.99 11.87 -3.26
N THR A 86 14.60 10.63 -3.01
CA THR A 86 14.04 9.77 -4.05
C THR A 86 12.58 9.45 -3.78
N LEU A 87 11.77 9.45 -4.83
CA LEU A 87 10.35 9.17 -4.70
C LEU A 87 10.07 7.68 -4.87
N TYR A 88 9.07 7.18 -4.17
CA TYR A 88 8.71 5.77 -4.24
C TYR A 88 7.18 5.59 -4.18
N LYS A 89 6.65 4.87 -5.15
CA LYS A 89 5.22 4.63 -5.22
C LYS A 89 4.88 3.24 -4.67
N PHE A 90 3.86 3.18 -3.81
CA PHE A 90 3.44 1.92 -3.21
C PHE A 90 1.92 1.80 -3.23
N ARG A 91 1.43 0.61 -3.57
CA ARG A 91 -0.01 0.35 -3.63
C ARG A 91 -0.42 -0.65 -2.55
N LEU A 92 -1.56 -0.40 -1.93
CA LEU A 92 -2.08 -1.28 -0.89
C LEU A 92 -3.24 -2.13 -1.41
N LYS A 93 -3.08 -3.45 -1.34
CA LYS A 93 -4.11 -4.36 -1.80
C LYS A 93 -4.74 -5.11 -0.62
N VAL A 94 -6.02 -5.43 -0.76
CA VAL A 94 -6.74 -6.15 0.30
C VAL A 94 -7.64 -7.23 -0.29
N THR A 95 -7.71 -8.37 0.39
CA THR A 95 -8.55 -9.48 -0.06
C THR A 95 -9.38 -10.05 1.09
N SER A 96 -10.70 -9.94 0.95
CA SER A 96 -11.61 -10.45 1.98
C SER A 96 -11.39 -11.93 2.21
N PRO A 97 -11.83 -12.41 3.38
CA PRO A 97 -11.70 -13.83 3.76
C PRO A 97 -12.61 -14.73 2.93
N SER A 98 -13.34 -14.13 1.99
CA SER A 98 -14.25 -14.89 1.14
C SER A 98 -13.68 -15.04 -0.27
N GLY A 99 -12.99 -14.02 -0.74
CA GLY A 99 -12.38 -14.06 -2.06
C GLY A 99 -12.24 -12.69 -2.67
N GLU A 100 -13.19 -11.80 -2.38
CA GLU A 100 -13.16 -10.44 -2.91
C GLU A 100 -11.83 -9.76 -2.59
N TYR A 101 -11.43 -8.83 -3.45
CA TYR A 101 -10.18 -8.11 -3.27
C TYR A 101 -10.20 -6.78 -4.02
N GLU A 102 -9.50 -5.78 -3.48
CA GLU A 102 -9.44 -4.47 -4.09
C GLU A 102 -8.02 -3.91 -4.06
N TYR A 103 -7.86 -2.68 -4.53
CA TYR A 103 -6.55 -2.04 -4.54
C TYR A 103 -6.65 -0.58 -4.09
N SER A 104 -5.59 -0.10 -3.45
CA SER A 104 -5.55 1.28 -2.96
C SER A 104 -4.90 2.20 -3.97
N PRO A 105 -5.18 3.51 -3.86
CA PRO A 105 -4.62 4.52 -4.76
C PRO A 105 -3.13 4.72 -4.55
N VAL A 106 -2.35 4.49 -5.59
CA VAL A 106 -0.90 4.65 -5.52
C VAL A 106 -0.52 5.85 -4.67
N VAL A 107 0.49 5.68 -3.82
CA VAL A 107 0.95 6.75 -2.95
C VAL A 107 2.44 6.99 -3.11
N SER A 108 2.78 8.05 -3.85
CA SER A 108 4.18 8.39 -4.10
C SER A 108 4.73 9.24 -2.97
N VAL A 109 5.86 8.83 -2.40
CA VAL A 109 6.50 9.56 -1.32
C VAL A 109 8.00 9.72 -1.55
N ALA A 110 8.53 10.89 -1.26
CA ALA A 110 9.95 11.16 -1.43
C ALA A 110 10.67 11.23 -0.09
N THR A 111 11.73 10.44 0.05
CA THR A 111 12.50 10.41 1.28
C THR A 111 13.16 11.76 1.55
N THR A 112 13.88 11.84 2.67
CA THR A 112 14.56 13.08 3.06
C THR A 112 15.99 13.10 2.53
N ARG A 113 16.60 14.28 2.55
CA ARG A 113 17.96 14.45 2.07
C ARG A 113 18.96 13.82 3.05
N GLU A 114 19.98 13.16 2.51
CA GLU A 114 20.99 12.52 3.33
C GLU A 114 21.47 13.46 4.44
N SER A 115 21.19 13.09 5.68
CA SER A 115 21.58 13.90 6.83
C SER A 115 22.91 13.40 7.42
N GLY A 116 23.99 14.10 7.10
CA GLY A 116 25.29 13.72 7.60
C GLY A 116 25.58 12.25 7.40
N PRO A 117 25.70 11.83 6.13
CA PRO A 117 25.98 10.43 5.78
C PRO A 117 27.40 10.01 6.15
N SER A 118 28.21 10.99 6.54
CA SER A 118 29.59 10.72 6.92
C SER A 118 29.92 11.32 8.28
N SER A 119 30.49 10.51 9.17
CA SER A 119 30.84 10.96 10.50
C SER A 119 32.32 10.73 10.78
N GLY A 120 32.98 11.76 11.34
CA GLY A 120 34.39 11.65 11.64
C GLY A 120 34.66 10.74 12.83
N GLY A 1 -29.70 11.13 -16.59
CA GLY A 1 -28.25 11.09 -16.47
C GLY A 1 -27.72 9.67 -16.51
N SER A 2 -27.92 8.99 -17.64
CA SER A 2 -27.45 7.62 -17.80
C SER A 2 -26.23 7.56 -18.72
N SER A 3 -25.05 7.52 -18.11
CA SER A 3 -23.80 7.47 -18.88
C SER A 3 -22.63 7.09 -17.98
N GLY A 4 -21.90 6.05 -18.37
CA GLY A 4 -20.77 5.61 -17.58
C GLY A 4 -21.02 4.30 -16.88
N SER A 5 -20.23 3.28 -17.21
CA SER A 5 -20.38 1.97 -16.60
C SER A 5 -19.03 1.35 -16.28
N SER A 6 -18.77 1.12 -15.00
CA SER A 6 -17.51 0.54 -14.56
C SER A 6 -17.02 -0.50 -15.55
N GLY A 7 -17.87 -1.49 -15.85
CA GLY A 7 -17.51 -2.54 -16.78
C GLY A 7 -17.88 -3.92 -16.27
N MET A 8 -17.04 -4.47 -15.41
CA MET A 8 -17.29 -5.79 -14.85
C MET A 8 -18.45 -5.76 -13.87
N GLU A 9 -19.13 -6.91 -13.73
CA GLU A 9 -20.27 -7.01 -12.82
C GLU A 9 -20.30 -8.37 -12.13
N PRO A 10 -20.51 -8.37 -10.81
CA PRO A 10 -20.57 -9.59 -10.02
C PRO A 10 -21.82 -10.41 -10.31
N HIS A 11 -21.90 -11.58 -9.69
CA HIS A 11 -23.05 -12.46 -9.88
C HIS A 11 -23.87 -12.58 -8.59
N LYS A 12 -24.91 -11.76 -8.49
CA LYS A 12 -25.78 -11.77 -7.32
C LYS A 12 -24.96 -11.63 -6.03
N VAL A 13 -23.80 -10.99 -6.15
CA VAL A 13 -22.92 -10.79 -5.01
C VAL A 13 -22.29 -9.40 -5.03
N VAL A 14 -22.14 -8.81 -3.86
CA VAL A 14 -21.55 -7.47 -3.75
C VAL A 14 -20.11 -7.55 -3.23
N PRO A 15 -19.17 -7.05 -4.06
CA PRO A 15 -17.75 -7.05 -3.71
C PRO A 15 -17.42 -6.07 -2.58
N LEU A 16 -16.23 -6.20 -2.02
CA LEU A 16 -15.79 -5.33 -0.93
C LEU A 16 -15.38 -3.97 -1.46
N SER A 17 -15.34 -2.98 -0.57
CA SER A 17 -14.96 -1.62 -0.95
C SER A 17 -13.46 -1.52 -1.20
N LYS A 18 -13.04 -0.45 -1.85
CA LYS A 18 -11.63 -0.24 -2.16
C LYS A 18 -10.87 0.24 -0.92
N PRO A 19 -9.66 -0.30 -0.72
CA PRO A 19 -8.82 0.06 0.43
C PRO A 19 -8.27 1.48 0.33
N HIS A 20 -7.98 2.08 1.48
CA HIS A 20 -7.45 3.43 1.52
C HIS A 20 -5.93 3.43 1.44
N PRO A 21 -5.35 4.56 1.02
CA PRO A 21 -3.90 4.71 0.90
C PRO A 21 -3.20 4.76 2.26
N PRO A 22 -2.05 4.06 2.36
CA PRO A 22 -1.28 4.01 3.60
C PRO A 22 -0.62 5.34 3.93
N VAL A 23 -0.43 5.61 5.22
CA VAL A 23 0.20 6.85 5.66
C VAL A 23 1.70 6.67 5.88
N VAL A 24 2.44 7.76 5.80
CA VAL A 24 3.89 7.72 5.98
C VAL A 24 4.28 8.33 7.33
N GLY A 25 4.68 7.48 8.26
CA GLY A 25 5.09 7.96 9.57
C GLY A 25 6.51 8.47 9.59
N LYS A 26 7.47 7.54 9.64
CA LYS A 26 8.88 7.91 9.66
C LYS A 26 9.42 8.11 8.25
N VAL A 27 10.01 9.27 8.01
CA VAL A 27 10.57 9.58 6.69
C VAL A 27 12.09 9.68 6.75
N THR A 28 12.76 8.63 6.29
CA THR A 28 14.21 8.58 6.29
C THR A 28 14.76 8.60 4.86
N HIS A 29 15.97 9.13 4.71
CA HIS A 29 16.61 9.21 3.40
C HIS A 29 17.18 7.86 2.99
N HIS A 30 16.85 6.82 3.76
CA HIS A 30 17.35 5.48 3.48
C HIS A 30 16.22 4.45 3.61
N SER A 31 15.02 4.94 3.91
CA SER A 31 13.87 4.07 4.06
C SER A 31 12.59 4.88 4.23
N ILE A 32 11.44 4.24 4.02
CA ILE A 32 10.15 4.90 4.15
C ILE A 32 9.17 4.05 4.95
N GLU A 33 8.80 4.53 6.12
CA GLU A 33 7.87 3.81 6.99
C GLU A 33 6.43 4.08 6.57
N LEU A 34 5.59 3.06 6.67
CA LEU A 34 4.18 3.20 6.31
C LEU A 34 3.29 2.44 7.29
N TYR A 35 2.05 2.88 7.41
CA TYR A 35 1.09 2.24 8.31
C TYR A 35 -0.34 2.44 7.83
N TRP A 36 -1.03 1.33 7.57
CA TRP A 36 -2.40 1.39 7.09
C TRP A 36 -3.34 0.64 8.04
N ASP A 37 -3.04 0.72 9.33
CA ASP A 37 -3.86 0.05 10.35
C ASP A 37 -5.12 0.85 10.65
N LEU A 38 -5.42 1.81 9.79
CA LEU A 38 -6.61 2.65 9.95
C LEU A 38 -7.82 2.02 9.28
N GLU A 39 -7.58 1.33 8.17
CA GLU A 39 -8.66 0.67 7.43
C GLU A 39 -9.22 -0.51 8.21
N GLN A 40 -8.34 -1.43 8.59
CA GLN A 40 -8.75 -2.61 9.35
C GLN A 40 -8.85 -2.30 10.83
N LYS A 41 -9.29 -1.07 11.15
CA LYS A 41 -9.43 -0.65 12.53
C LYS A 41 -10.47 -1.49 13.25
N GLU A 42 -10.08 -2.71 13.63
CA GLU A 42 -10.98 -3.62 14.33
C GLU A 42 -10.20 -4.56 15.26
N LYS A 43 -10.87 -5.07 16.27
CA LYS A 43 -10.24 -5.97 17.23
C LYS A 43 -9.91 -7.31 16.58
N ARG A 44 -8.72 -7.81 16.86
CA ARG A 44 -8.27 -9.09 16.30
C ARG A 44 -8.50 -10.22 17.29
N GLN A 45 -9.65 -10.22 17.95
CA GLN A 45 -9.98 -11.25 18.92
C GLN A 45 -10.34 -12.56 18.22
N GLY A 46 -11.26 -12.48 17.25
CA GLY A 46 -11.67 -13.66 16.52
C GLY A 46 -10.49 -14.45 15.98
N PRO A 47 -10.79 -15.58 15.33
CA PRO A 47 -9.76 -16.45 14.75
C PRO A 47 -9.07 -15.81 13.54
N GLN A 48 -7.80 -16.17 13.34
CA GLN A 48 -7.03 -15.63 12.22
C GLN A 48 -7.79 -15.79 10.91
N GLU A 49 -8.50 -16.90 10.78
CA GLU A 49 -9.27 -17.18 9.57
C GLU A 49 -10.15 -16.00 9.20
N GLN A 50 -10.53 -15.21 10.21
CA GLN A 50 -11.37 -14.04 9.99
C GLN A 50 -10.53 -12.77 9.87
N TRP A 51 -9.29 -12.93 9.41
CA TRP A 51 -8.38 -11.80 9.26
C TRP A 51 -8.24 -11.42 7.80
N LEU A 52 -7.88 -10.17 7.55
CA LEU A 52 -7.71 -9.67 6.18
C LEU A 52 -6.24 -9.68 5.78
N ARG A 53 -5.98 -9.86 4.49
CA ARG A 53 -4.61 -9.89 3.98
C ARG A 53 -4.23 -8.55 3.38
N PHE A 54 -2.94 -8.24 3.40
CA PHE A 54 -2.43 -6.98 2.86
C PHE A 54 -1.17 -7.21 2.03
N SER A 55 -1.23 -6.84 0.75
CA SER A 55 -0.09 -7.01 -0.14
C SER A 55 0.36 -5.66 -0.71
N ILE A 56 1.58 -5.27 -0.39
CA ILE A 56 2.13 -4.01 -0.86
C ILE A 56 3.03 -4.22 -2.08
N GLU A 57 2.91 -3.33 -3.07
CA GLU A 57 3.71 -3.42 -4.27
C GLU A 57 4.34 -2.07 -4.62
N GLU A 58 5.54 -2.10 -5.19
CA GLU A 58 6.25 -0.88 -5.57
C GLU A 58 6.58 -0.88 -7.05
N GLU A 59 6.40 0.26 -7.69
CA GLU A 59 6.67 0.40 -9.12
C GLU A 59 8.14 0.77 -9.36
N ASP A 60 8.67 0.35 -10.50
CA ASP A 60 10.05 0.63 -10.85
C ASP A 60 10.14 1.50 -12.10
N PRO A 61 10.99 2.53 -12.05
CA PRO A 61 11.19 3.46 -13.16
C PRO A 61 11.89 2.81 -14.34
N LYS A 62 12.67 1.77 -14.06
CA LYS A 62 13.41 1.05 -15.10
C LYS A 62 12.58 -0.12 -15.63
N MET A 63 11.77 -0.71 -14.77
CA MET A 63 10.94 -1.84 -15.15
C MET A 63 9.50 -1.41 -15.34
N HIS A 64 9.23 -0.13 -15.11
CA HIS A 64 7.88 0.42 -15.26
C HIS A 64 6.84 -0.61 -14.85
N SER A 65 7.14 -1.37 -13.80
CA SER A 65 6.22 -2.40 -13.31
C SER A 65 6.22 -2.44 -11.79
N TYR A 66 5.17 -3.03 -11.22
CA TYR A 66 5.05 -3.13 -9.76
C TYR A 66 5.54 -4.48 -9.28
N GLY A 67 5.91 -4.54 -7.99
CA GLY A 67 6.40 -5.78 -7.42
C GLY A 67 6.00 -5.93 -5.97
N VAL A 68 5.41 -7.08 -5.63
CA VAL A 68 4.99 -7.35 -4.26
C VAL A 68 6.18 -7.31 -3.30
N ILE A 69 6.49 -6.11 -2.82
CA ILE A 69 7.60 -5.93 -1.88
C ILE A 69 7.30 -6.59 -0.54
N TYR A 70 6.03 -6.55 -0.15
CA TYR A 70 5.61 -7.14 1.12
C TYR A 70 4.23 -7.80 0.98
N THR A 71 4.05 -8.92 1.68
CA THR A 71 2.80 -9.65 1.65
C THR A 71 2.56 -10.41 2.94
N GLY A 72 1.42 -10.16 3.57
CA GLY A 72 1.10 -10.84 4.82
C GLY A 72 -0.20 -10.36 5.41
N TYR A 73 -0.28 -10.37 6.74
CA TYR A 73 -1.49 -9.94 7.44
C TYR A 73 -1.19 -8.79 8.37
N ALA A 74 -0.13 -8.05 8.08
CA ALA A 74 0.27 -6.91 8.90
C ALA A 74 -0.31 -5.61 8.33
N THR A 75 -0.12 -4.52 9.07
CA THR A 75 -0.62 -3.22 8.66
C THR A 75 0.51 -2.21 8.51
N ARG A 76 1.56 -2.38 9.32
CA ARG A 76 2.71 -1.49 9.28
C ARG A 76 3.80 -2.05 8.37
N HIS A 77 4.38 -1.18 7.56
CA HIS A 77 5.44 -1.59 6.64
C HIS A 77 6.37 -0.41 6.31
N VAL A 78 7.67 -0.66 6.37
CA VAL A 78 8.65 0.38 6.07
C VAL A 78 9.66 -0.09 5.03
N VAL A 79 9.50 0.37 3.81
CA VAL A 79 10.40 0.00 2.72
C VAL A 79 11.85 0.33 3.07
N GLU A 80 12.65 -0.70 3.28
CA GLU A 80 14.06 -0.51 3.62
C GLU A 80 14.92 -0.41 2.36
N GLY A 81 16.17 0.01 2.52
CA GLY A 81 17.06 0.15 1.40
C GLY A 81 16.56 1.13 0.36
N LEU A 82 16.64 2.42 0.68
CA LEU A 82 16.18 3.46 -0.25
C LEU A 82 17.23 4.55 -0.40
N GLU A 83 17.07 5.38 -1.42
CA GLU A 83 18.00 6.47 -1.69
C GLU A 83 17.42 7.81 -1.26
N PRO A 84 18.30 8.78 -0.99
CA PRO A 84 17.90 10.12 -0.57
C PRO A 84 17.24 10.91 -1.69
N ARG A 85 16.18 11.64 -1.36
CA ARG A 85 15.46 12.44 -2.34
C ARG A 85 15.01 11.57 -3.52
N THR A 86 14.40 10.44 -3.21
CA THR A 86 13.92 9.52 -4.24
C THR A 86 12.45 9.17 -4.02
N LEU A 87 11.66 9.30 -5.09
CA LEU A 87 10.24 9.00 -5.02
C LEU A 87 10.00 7.50 -5.07
N TYR A 88 9.05 7.03 -4.27
CA TYR A 88 8.72 5.61 -4.24
C TYR A 88 7.21 5.39 -4.14
N LYS A 89 6.63 4.84 -5.20
CA LYS A 89 5.20 4.58 -5.24
C LYS A 89 4.87 3.22 -4.64
N PHE A 90 3.78 3.16 -3.88
CA PHE A 90 3.36 1.91 -3.24
C PHE A 90 1.84 1.77 -3.29
N ARG A 91 1.38 0.56 -3.62
CA ARG A 91 -0.05 0.29 -3.71
C ARG A 91 -0.48 -0.69 -2.62
N LEU A 92 -1.54 -0.33 -1.90
CA LEU A 92 -2.05 -1.18 -0.82
C LEU A 92 -3.13 -2.12 -1.35
N LYS A 93 -2.87 -3.42 -1.26
CA LYS A 93 -3.83 -4.43 -1.71
C LYS A 93 -4.51 -5.10 -0.53
N VAL A 94 -5.75 -5.53 -0.74
CA VAL A 94 -6.51 -6.19 0.31
C VAL A 94 -7.41 -7.29 -0.27
N THR A 95 -7.58 -8.37 0.48
CA THR A 95 -8.40 -9.48 0.04
C THR A 95 -9.30 -9.98 1.17
N SER A 96 -10.61 -9.84 0.98
CA SER A 96 -11.58 -10.28 1.99
C SER A 96 -11.40 -11.76 2.30
N PRO A 97 -11.86 -12.17 3.49
CA PRO A 97 -11.78 -13.56 3.94
C PRO A 97 -12.70 -14.49 3.15
N SER A 98 -13.38 -13.92 2.16
CA SER A 98 -14.30 -14.70 1.33
C SER A 98 -13.69 -14.97 -0.04
N GLY A 99 -12.87 -14.03 -0.51
CA GLY A 99 -12.24 -14.19 -1.81
C GLY A 99 -12.07 -12.87 -2.53
N GLU A 100 -13.01 -11.96 -2.32
CA GLU A 100 -12.96 -10.64 -2.96
C GLU A 100 -11.69 -9.90 -2.57
N TYR A 101 -11.27 -8.96 -3.40
CA TYR A 101 -10.08 -8.17 -3.15
C TYR A 101 -10.11 -6.86 -3.91
N GLU A 102 -9.42 -5.85 -3.37
CA GLU A 102 -9.37 -4.54 -4.01
C GLU A 102 -7.96 -3.96 -3.97
N TYR A 103 -7.82 -2.73 -4.43
CA TYR A 103 -6.52 -2.06 -4.44
C TYR A 103 -6.66 -0.59 -4.08
N SER A 104 -5.66 -0.06 -3.39
CA SER A 104 -5.67 1.34 -2.98
C SER A 104 -4.95 2.21 -4.01
N PRO A 105 -5.20 3.53 -3.93
CA PRO A 105 -4.59 4.50 -4.85
C PRO A 105 -3.09 4.67 -4.60
N VAL A 106 -2.28 4.37 -5.62
CA VAL A 106 -0.84 4.48 -5.52
C VAL A 106 -0.45 5.71 -4.71
N VAL A 107 0.53 5.55 -3.82
CA VAL A 107 1.00 6.65 -2.98
C VAL A 107 2.49 6.88 -3.18
N SER A 108 2.84 7.91 -3.94
CA SER A 108 4.23 8.25 -4.20
C SER A 108 4.79 9.14 -3.10
N VAL A 109 5.89 8.70 -2.49
CA VAL A 109 6.52 9.45 -1.43
C VAL A 109 8.03 9.58 -1.66
N ALA A 110 8.54 10.81 -1.57
CA ALA A 110 9.96 11.06 -1.77
C ALA A 110 10.70 11.15 -0.44
N THR A 111 11.69 10.28 -0.26
CA THR A 111 12.47 10.26 0.96
C THR A 111 13.09 11.63 1.25
N THR A 112 13.83 11.72 2.35
CA THR A 112 14.48 12.97 2.73
C THR A 112 15.92 13.01 2.24
N ARG A 113 16.53 14.18 2.32
CA ARG A 113 17.91 14.36 1.89
C ARG A 113 18.88 13.79 2.91
N GLU A 114 19.97 13.19 2.44
CA GLU A 114 20.98 12.61 3.32
C GLU A 114 21.23 13.52 4.52
N SER A 115 21.42 12.90 5.68
CA SER A 115 21.66 13.64 6.91
C SER A 115 22.83 14.61 6.74
N GLY A 116 23.89 14.14 6.11
CA GLY A 116 25.06 14.98 5.89
C GLY A 116 25.77 14.65 4.59
N PRO A 117 26.35 15.68 3.95
CA PRO A 117 27.07 15.52 2.69
C PRO A 117 28.39 14.75 2.86
N SER A 118 28.52 13.67 2.11
CA SER A 118 29.73 12.84 2.18
C SER A 118 30.68 13.17 1.04
N SER A 119 31.86 12.55 1.06
CA SER A 119 32.87 12.80 0.04
C SER A 119 32.54 12.02 -1.23
N GLY A 120 33.17 12.41 -2.34
CA GLY A 120 32.93 11.76 -3.61
C GLY A 120 33.05 12.70 -4.79
N GLY A 1 -21.66 14.22 -31.32
CA GLY A 1 -21.08 13.01 -30.77
C GLY A 1 -21.93 12.42 -29.66
N SER A 2 -22.14 11.11 -29.71
CA SER A 2 -22.94 10.43 -28.69
C SER A 2 -22.40 9.03 -28.42
N SER A 3 -22.11 8.75 -27.16
CA SER A 3 -21.58 7.45 -26.76
C SER A 3 -21.88 7.16 -25.30
N GLY A 4 -22.07 5.89 -24.98
CA GLY A 4 -22.38 5.50 -23.62
C GLY A 4 -23.46 4.44 -23.53
N SER A 5 -23.41 3.62 -22.49
CA SER A 5 -24.40 2.56 -22.30
C SER A 5 -25.08 2.69 -20.94
N SER A 6 -26.24 2.06 -20.81
CA SER A 6 -27.00 2.11 -19.57
C SER A 6 -27.17 0.71 -18.98
N GLY A 7 -26.63 0.52 -17.78
CA GLY A 7 -26.73 -0.77 -17.13
C GLY A 7 -25.41 -1.23 -16.54
N MET A 8 -24.97 -0.54 -15.49
CA MET A 8 -23.71 -0.88 -14.83
C MET A 8 -23.97 -1.46 -13.44
N GLU A 9 -24.11 -2.78 -13.38
CA GLU A 9 -24.35 -3.45 -12.10
C GLU A 9 -23.31 -4.54 -11.86
N PRO A 10 -22.97 -4.75 -10.57
CA PRO A 10 -21.99 -5.76 -10.17
C PRO A 10 -22.49 -7.18 -10.38
N HIS A 11 -21.57 -8.14 -10.33
CA HIS A 11 -21.92 -9.54 -10.51
C HIS A 11 -22.97 -9.98 -9.49
N LYS A 12 -23.29 -11.28 -9.50
CA LYS A 12 -24.28 -11.82 -8.58
C LYS A 12 -24.21 -11.11 -7.23
N VAL A 13 -23.00 -10.79 -6.79
CA VAL A 13 -22.81 -10.10 -5.52
C VAL A 13 -21.90 -8.89 -5.69
N VAL A 14 -22.15 -7.85 -4.89
CA VAL A 14 -21.35 -6.63 -4.95
C VAL A 14 -20.05 -6.80 -4.17
N PRO A 15 -18.91 -6.59 -4.86
CA PRO A 15 -17.59 -6.70 -4.26
C PRO A 15 -17.30 -5.58 -3.27
N LEU A 16 -16.25 -5.74 -2.48
CA LEU A 16 -15.86 -4.74 -1.49
C LEU A 16 -15.40 -3.46 -2.17
N SER A 17 -15.24 -2.41 -1.38
CA SER A 17 -14.81 -1.11 -1.89
C SER A 17 -13.28 -1.04 -1.97
N LYS A 18 -12.77 -0.10 -2.75
CA LYS A 18 -11.34 0.08 -2.90
C LYS A 18 -10.70 0.52 -1.59
N PRO A 19 -9.55 -0.08 -1.26
CA PRO A 19 -8.82 0.24 -0.02
C PRO A 19 -8.20 1.63 -0.06
N HIS A 20 -8.09 2.25 1.10
CA HIS A 20 -7.50 3.59 1.20
C HIS A 20 -5.98 3.53 1.16
N PRO A 21 -5.35 4.64 0.77
CA PRO A 21 -3.89 4.73 0.67
C PRO A 21 -3.22 4.72 2.04
N PRO A 22 -2.08 4.03 2.13
CA PRO A 22 -1.31 3.91 3.37
C PRO A 22 -0.65 5.22 3.77
N VAL A 23 -0.66 5.52 5.07
CA VAL A 23 -0.07 6.75 5.58
C VAL A 23 1.44 6.59 5.74
N VAL A 24 2.17 7.70 5.62
CA VAL A 24 3.62 7.70 5.76
C VAL A 24 4.06 8.51 6.97
N GLY A 25 4.31 7.81 8.07
CA GLY A 25 4.73 8.48 9.29
C GLY A 25 6.18 8.96 9.22
N LYS A 26 7.11 8.04 9.42
CA LYS A 26 8.53 8.36 9.38
C LYS A 26 9.07 8.26 7.96
N VAL A 27 9.88 9.24 7.56
CA VAL A 27 10.47 9.27 6.24
C VAL A 27 11.98 9.41 6.29
N THR A 28 12.69 8.29 6.12
CA THR A 28 14.14 8.31 6.16
C THR A 28 14.73 8.25 4.76
N HIS A 29 15.94 8.78 4.60
CA HIS A 29 16.62 8.79 3.30
C HIS A 29 17.13 7.39 2.95
N HIS A 30 16.81 6.42 3.80
CA HIS A 30 17.25 5.04 3.57
C HIS A 30 16.04 4.10 3.53
N SER A 31 14.91 4.57 4.04
CA SER A 31 13.69 3.77 4.07
C SER A 31 12.46 4.66 4.17
N ILE A 32 11.29 4.04 4.14
CA ILE A 32 10.03 4.77 4.23
C ILE A 32 9.03 4.05 5.12
N GLU A 33 8.52 4.75 6.12
CA GLU A 33 7.55 4.18 7.06
C GLU A 33 6.16 4.17 6.45
N LEU A 34 5.40 3.12 6.72
CA LEU A 34 4.04 2.98 6.21
C LEU A 34 3.14 2.29 7.22
N TYR A 35 1.92 2.79 7.36
CA TYR A 35 0.95 2.22 8.30
C TYR A 35 -0.48 2.47 7.83
N TRP A 36 -1.22 1.39 7.64
CA TRP A 36 -2.61 1.50 7.19
C TRP A 36 -3.55 0.83 8.19
N ASP A 37 -3.17 0.83 9.46
CA ASP A 37 -3.98 0.22 10.50
C ASP A 37 -5.16 1.11 10.86
N LEU A 38 -5.81 1.66 9.84
CA LEU A 38 -6.96 2.54 10.06
C LEU A 38 -8.22 1.95 9.43
N GLU A 39 -8.05 1.24 8.32
CA GLU A 39 -9.17 0.61 7.62
C GLU A 39 -9.77 -0.50 8.47
N GLN A 40 -9.12 -1.65 8.49
CA GLN A 40 -9.59 -2.79 9.27
C GLN A 40 -10.19 -2.35 10.59
N LYS A 41 -9.47 -1.48 11.30
CA LYS A 41 -9.94 -0.97 12.59
C LYS A 41 -11.02 -1.87 13.17
N GLU A 42 -10.71 -3.16 13.30
CA GLU A 42 -11.66 -4.12 13.84
C GLU A 42 -10.98 -5.04 14.86
N LYS A 43 -11.76 -5.48 15.85
CA LYS A 43 -11.23 -6.36 16.89
C LYS A 43 -10.87 -7.72 16.31
N ARG A 44 -9.68 -8.20 16.66
CA ARG A 44 -9.21 -9.49 16.17
C ARG A 44 -9.94 -10.64 16.87
N GLN A 45 -10.74 -10.29 17.87
CA GLN A 45 -11.49 -11.29 18.62
C GLN A 45 -11.99 -12.40 17.70
N GLY A 46 -11.29 -13.54 17.73
CA GLY A 46 -11.68 -14.66 16.90
C GLY A 46 -10.47 -15.35 16.28
N PRO A 47 -10.74 -16.29 15.36
CA PRO A 47 -9.69 -17.04 14.67
C PRO A 47 -8.89 -16.18 13.70
N GLN A 48 -7.74 -16.69 13.27
CA GLN A 48 -6.88 -15.96 12.33
C GLN A 48 -7.46 -16.00 10.92
N GLU A 49 -8.04 -17.14 10.55
CA GLU A 49 -8.63 -17.30 9.22
C GLU A 49 -9.67 -16.23 8.96
N GLN A 50 -10.12 -15.57 10.01
CA GLN A 50 -11.12 -14.52 9.89
C GLN A 50 -10.45 -13.14 9.80
N TRP A 51 -9.19 -13.13 9.40
CA TRP A 51 -8.44 -11.88 9.27
C TRP A 51 -8.36 -11.44 7.81
N LEU A 52 -7.96 -10.20 7.59
CA LEU A 52 -7.84 -9.66 6.25
C LEU A 52 -6.38 -9.67 5.79
N ARG A 53 -6.17 -9.82 4.49
CA ARG A 53 -4.83 -9.84 3.92
C ARG A 53 -4.44 -8.46 3.41
N PHE A 54 -3.18 -8.09 3.63
CA PHE A 54 -2.68 -6.80 3.20
C PHE A 54 -1.30 -6.93 2.58
N SER A 55 -1.20 -6.68 1.27
CA SER A 55 0.07 -6.79 0.56
C SER A 55 0.44 -5.44 -0.06
N ILE A 56 1.70 -5.04 0.12
CA ILE A 56 2.19 -3.79 -0.43
C ILE A 56 3.07 -4.02 -1.64
N GLU A 57 2.94 -3.16 -2.64
CA GLU A 57 3.73 -3.28 -3.86
C GLU A 57 4.42 -1.95 -4.20
N GLU A 58 5.31 -1.98 -5.19
CA GLU A 58 6.03 -0.79 -5.60
C GLU A 58 6.27 -0.79 -7.12
N GLU A 59 6.37 0.40 -7.70
CA GLU A 59 6.60 0.53 -9.13
C GLU A 59 8.07 0.75 -9.42
N ASP A 60 8.53 0.23 -10.55
CA ASP A 60 9.93 0.37 -10.96
C ASP A 60 10.08 1.44 -12.04
N PRO A 61 10.96 2.42 -11.77
CA PRO A 61 11.21 3.53 -12.71
C PRO A 61 11.96 3.06 -13.95
N LYS A 62 12.77 2.02 -13.80
CA LYS A 62 13.53 1.48 -14.93
C LYS A 62 12.80 0.32 -15.57
N MET A 63 12.14 -0.49 -14.75
CA MET A 63 11.38 -1.64 -15.24
C MET A 63 9.98 -1.24 -15.64
N HIS A 64 9.48 -0.15 -15.04
CA HIS A 64 8.14 0.33 -15.34
C HIS A 64 7.09 -0.71 -14.98
N SER A 65 7.43 -1.58 -14.03
CA SER A 65 6.52 -2.63 -13.59
C SER A 65 6.34 -2.60 -12.07
N TYR A 66 5.47 -3.46 -11.57
CA TYR A 66 5.20 -3.53 -10.14
C TYR A 66 5.59 -4.89 -9.57
N GLY A 67 5.64 -4.99 -8.25
CA GLY A 67 6.00 -6.24 -7.60
C GLY A 67 5.74 -6.22 -6.12
N VAL A 68 4.89 -7.15 -5.65
CA VAL A 68 4.56 -7.24 -4.23
C VAL A 68 5.81 -7.25 -3.37
N ILE A 69 6.09 -6.13 -2.70
CA ILE A 69 7.25 -6.02 -1.84
C ILE A 69 6.99 -6.64 -0.47
N TYR A 70 5.75 -6.58 -0.04
CA TYR A 70 5.36 -7.13 1.26
C TYR A 70 4.02 -7.87 1.16
N THR A 71 3.92 -8.99 1.86
CA THR A 71 2.70 -9.79 1.85
C THR A 71 2.48 -10.47 3.20
N GLY A 72 1.38 -10.14 3.86
CA GLY A 72 1.08 -10.73 5.15
C GLY A 72 -0.29 -10.33 5.67
N TYR A 73 -0.44 -10.33 6.99
CA TYR A 73 -1.71 -9.96 7.61
C TYR A 73 -1.54 -8.80 8.58
N ALA A 74 -0.50 -8.00 8.35
CA ALA A 74 -0.21 -6.86 9.19
C ALA A 74 -0.81 -5.58 8.61
N THR A 75 -0.63 -4.46 9.31
CA THR A 75 -1.15 -3.18 8.86
C THR A 75 -0.03 -2.17 8.66
N ARG A 76 1.13 -2.45 9.25
CA ARG A 76 2.28 -1.55 9.13
C ARG A 76 3.30 -2.13 8.16
N HIS A 77 4.21 -1.29 7.69
CA HIS A 77 5.24 -1.71 6.76
C HIS A 77 6.28 -0.60 6.57
N VAL A 78 7.52 -1.00 6.30
CA VAL A 78 8.61 -0.05 6.10
C VAL A 78 9.53 -0.51 4.96
N VAL A 79 9.55 0.26 3.89
CA VAL A 79 10.39 -0.07 2.74
C VAL A 79 11.86 0.25 3.02
N GLU A 80 12.67 -0.79 3.12
CA GLU A 80 14.10 -0.61 3.39
C GLU A 80 14.89 -0.55 2.09
N GLY A 81 16.14 -0.08 2.19
CA GLY A 81 16.98 0.03 1.01
C GLY A 81 16.48 1.08 0.04
N LEU A 82 16.53 2.34 0.45
CA LEU A 82 16.07 3.43 -0.40
C LEU A 82 17.16 4.48 -0.57
N GLU A 83 17.00 5.34 -1.57
CA GLU A 83 17.98 6.39 -1.84
C GLU A 83 17.48 7.74 -1.34
N PRO A 84 18.41 8.66 -1.05
CA PRO A 84 18.09 10.00 -0.56
C PRO A 84 17.44 10.86 -1.64
N ARG A 85 16.38 11.56 -1.26
CA ARG A 85 15.66 12.43 -2.20
C ARG A 85 15.19 11.64 -3.42
N THR A 86 14.51 10.52 -3.17
CA THR A 86 14.00 9.68 -4.25
C THR A 86 12.54 9.33 -4.03
N LEU A 87 11.75 9.45 -5.09
CA LEU A 87 10.32 9.15 -5.02
C LEU A 87 10.08 7.63 -5.12
N TYR A 88 9.15 7.14 -4.31
CA TYR A 88 8.83 5.72 -4.31
C TYR A 88 7.32 5.51 -4.23
N LYS A 89 6.76 4.98 -5.32
CA LYS A 89 5.32 4.73 -5.38
C LYS A 89 4.99 3.35 -4.81
N PHE A 90 3.91 3.28 -4.03
CA PHE A 90 3.49 2.02 -3.43
C PHE A 90 1.97 1.88 -3.47
N ARG A 91 1.50 0.68 -3.78
CA ARG A 91 0.07 0.41 -3.86
C ARG A 91 -0.34 -0.62 -2.82
N LEU A 92 -1.37 -0.30 -2.04
CA LEU A 92 -1.87 -1.19 -1.01
C LEU A 92 -2.98 -2.09 -1.55
N LYS A 93 -2.86 -3.39 -1.28
CA LYS A 93 -3.85 -4.36 -1.75
C LYS A 93 -4.55 -5.03 -0.57
N VAL A 94 -5.81 -5.38 -0.76
CA VAL A 94 -6.60 -6.03 0.29
C VAL A 94 -7.48 -7.13 -0.29
N THR A 95 -7.63 -8.21 0.47
CA THR A 95 -8.45 -9.34 0.03
C THR A 95 -9.39 -9.79 1.15
N SER A 96 -10.68 -9.51 0.98
CA SER A 96 -11.68 -9.88 1.97
C SER A 96 -11.50 -11.34 2.40
N PRO A 97 -11.96 -11.65 3.62
CA PRO A 97 -11.87 -13.01 4.17
C PRO A 97 -12.78 -13.99 3.46
N SER A 98 -13.46 -13.52 2.42
CA SER A 98 -14.36 -14.36 1.65
C SER A 98 -13.79 -14.67 0.27
N GLY A 99 -13.02 -13.73 -0.26
CA GLY A 99 -12.41 -13.92 -1.57
C GLY A 99 -12.23 -12.62 -2.32
N GLU A 100 -13.14 -11.68 -2.09
CA GLU A 100 -13.08 -10.37 -2.75
C GLU A 100 -11.76 -9.67 -2.45
N TYR A 101 -11.32 -8.83 -3.37
CA TYR A 101 -10.07 -8.09 -3.21
C TYR A 101 -10.05 -6.84 -4.08
N GLU A 102 -9.45 -5.77 -3.55
CA GLU A 102 -9.36 -4.52 -4.28
C GLU A 102 -7.93 -3.96 -4.24
N TYR A 103 -7.76 -2.76 -4.79
CA TYR A 103 -6.45 -2.12 -4.82
C TYR A 103 -6.55 -0.66 -4.41
N SER A 104 -5.52 -0.17 -3.72
CA SER A 104 -5.50 1.22 -3.27
C SER A 104 -4.77 2.11 -4.28
N PRO A 105 -5.02 3.42 -4.20
CA PRO A 105 -4.40 4.40 -5.09
C PRO A 105 -2.92 4.58 -4.83
N VAL A 106 -2.09 4.32 -5.83
CA VAL A 106 -0.65 4.45 -5.70
C VAL A 106 -0.28 5.68 -4.87
N VAL A 107 0.70 5.53 -4.00
CA VAL A 107 1.15 6.62 -3.15
C VAL A 107 2.63 6.89 -3.34
N SER A 108 2.94 7.95 -4.08
CA SER A 108 4.32 8.33 -4.35
C SER A 108 4.88 9.19 -3.22
N VAL A 109 5.93 8.71 -2.58
CA VAL A 109 6.57 9.43 -1.48
C VAL A 109 8.07 9.56 -1.69
N ALA A 110 8.59 10.77 -1.51
CA ALA A 110 10.01 11.03 -1.69
C ALA A 110 10.73 11.08 -0.34
N THR A 111 11.76 10.25 -0.20
CA THR A 111 12.52 10.20 1.04
C THR A 111 13.19 11.53 1.33
N THR A 112 14.01 11.57 2.38
CA THR A 112 14.71 12.78 2.76
C THR A 112 16.19 12.72 2.36
N ARG A 113 16.93 13.78 2.68
CA ARG A 113 18.34 13.83 2.36
C ARG A 113 19.15 12.92 3.28
N GLU A 114 20.31 12.49 2.81
CA GLU A 114 21.18 11.61 3.58
C GLU A 114 22.17 12.42 4.42
N SER A 115 22.49 11.91 5.60
CA SER A 115 23.43 12.59 6.49
C SER A 115 24.79 11.90 6.48
N GLY A 116 25.33 11.70 5.29
CA GLY A 116 26.62 11.05 5.16
C GLY A 116 26.90 10.59 3.74
N PRO A 117 28.18 10.34 3.43
CA PRO A 117 28.62 9.90 2.10
C PRO A 117 28.16 8.47 1.80
N SER A 118 27.86 8.22 0.53
CA SER A 118 27.41 6.89 0.10
C SER A 118 28.60 5.95 -0.05
N SER A 119 29.64 6.41 -0.72
CA SER A 119 30.83 5.60 -0.94
C SER A 119 32.05 6.22 -0.26
N GLY A 120 32.21 7.53 -0.44
CA GLY A 120 33.33 8.23 0.16
C GLY A 120 34.35 8.67 -0.87
N GLY A 1 -5.26 12.54 -2.83
CA GLY A 1 -5.75 13.02 -4.11
C GLY A 1 -5.65 11.96 -5.20
N SER A 2 -6.76 11.27 -5.45
CA SER A 2 -6.79 10.22 -6.46
C SER A 2 -8.24 9.85 -6.81
N SER A 3 -8.47 9.56 -8.09
CA SER A 3 -9.80 9.20 -8.55
C SER A 3 -9.72 8.43 -9.87
N GLY A 4 -10.86 7.87 -10.29
CA GLY A 4 -10.89 7.13 -11.54
C GLY A 4 -11.88 5.98 -11.48
N SER A 5 -13.00 6.13 -12.19
CA SER A 5 -14.02 5.09 -12.22
C SER A 5 -14.53 4.86 -13.64
N SER A 6 -15.10 3.69 -13.88
CA SER A 6 -15.62 3.34 -15.20
C SER A 6 -16.53 2.13 -15.13
N GLY A 7 -17.38 1.96 -16.14
CA GLY A 7 -18.29 0.83 -16.17
C GLY A 7 -19.69 1.20 -15.69
N MET A 8 -20.64 0.29 -15.90
CA MET A 8 -22.01 0.53 -15.49
C MET A 8 -22.29 -0.11 -14.14
N GLU A 9 -21.83 -1.35 -13.96
CA GLU A 9 -22.02 -2.07 -12.71
C GLU A 9 -21.00 -3.19 -12.56
N PRO A 10 -20.65 -3.50 -11.31
CA PRO A 10 -19.68 -4.56 -11.00
C PRO A 10 -20.22 -5.96 -11.30
N HIS A 11 -19.38 -6.97 -11.10
CA HIS A 11 -19.77 -8.35 -11.36
C HIS A 11 -21.11 -8.67 -10.68
N LYS A 12 -21.63 -9.86 -10.94
CA LYS A 12 -22.89 -10.29 -10.36
C LYS A 12 -23.04 -9.76 -8.94
N VAL A 13 -21.98 -9.88 -8.15
CA VAL A 13 -21.99 -9.41 -6.77
C VAL A 13 -21.08 -8.20 -6.60
N VAL A 14 -21.47 -7.29 -5.71
CA VAL A 14 -20.69 -6.09 -5.44
C VAL A 14 -19.50 -6.40 -4.55
N PRO A 15 -18.29 -6.05 -5.04
CA PRO A 15 -17.04 -6.28 -4.31
C PRO A 15 -16.91 -5.38 -3.09
N LEU A 16 -15.97 -5.70 -2.22
CA LEU A 16 -15.74 -4.93 -1.01
C LEU A 16 -15.27 -3.51 -1.34
N SER A 17 -15.48 -2.58 -0.42
CA SER A 17 -15.09 -1.20 -0.62
C SER A 17 -13.59 -1.09 -0.89
N LYS A 18 -13.23 -0.25 -1.86
CA LYS A 18 -11.84 -0.05 -2.22
C LYS A 18 -11.02 0.44 -1.03
N PRO A 19 -9.82 -0.13 -0.85
CA PRO A 19 -8.93 0.24 0.25
C PRO A 19 -8.34 1.65 0.08
N HIS A 20 -8.06 2.30 1.20
CA HIS A 20 -7.50 3.64 1.17
C HIS A 20 -5.98 3.60 1.08
N PRO A 21 -5.38 4.74 0.67
CA PRO A 21 -3.92 4.85 0.54
C PRO A 21 -3.21 4.83 1.88
N PRO A 22 -2.06 4.14 1.94
CA PRO A 22 -1.25 4.03 3.15
C PRO A 22 -0.59 5.35 3.54
N VAL A 23 -0.56 5.65 4.83
CA VAL A 23 0.05 6.87 5.32
C VAL A 23 1.55 6.69 5.55
N VAL A 24 2.28 7.80 5.60
CA VAL A 24 3.72 7.77 5.82
C VAL A 24 4.10 8.55 7.07
N GLY A 25 4.27 7.83 8.18
CA GLY A 25 4.64 8.47 9.42
C GLY A 25 6.08 8.94 9.43
N LYS A 26 7.00 8.00 9.66
CA LYS A 26 8.41 8.32 9.69
C LYS A 26 9.03 8.23 8.30
N VAL A 27 9.82 9.23 7.95
CA VAL A 27 10.48 9.26 6.63
C VAL A 27 11.99 9.36 6.78
N THR A 28 12.67 8.23 6.68
CA THR A 28 14.13 8.18 6.80
C THR A 28 14.79 8.23 5.43
N HIS A 29 16.03 8.72 5.39
CA HIS A 29 16.77 8.81 4.14
C HIS A 29 17.27 7.44 3.70
N HIS A 30 16.87 6.40 4.44
CA HIS A 30 17.28 5.05 4.13
C HIS A 30 16.08 4.13 3.97
N SER A 31 14.91 4.63 4.37
CA SER A 31 13.68 3.86 4.27
C SER A 31 12.46 4.76 4.45
N ILE A 32 11.28 4.19 4.23
CA ILE A 32 10.03 4.94 4.36
C ILE A 32 9.02 4.19 5.22
N GLU A 33 8.49 4.86 6.23
CA GLU A 33 7.52 4.25 7.13
C GLU A 33 6.11 4.31 6.52
N LEU A 34 5.38 3.21 6.61
CA LEU A 34 4.03 3.14 6.07
C LEU A 34 3.10 2.40 7.02
N TYR A 35 1.86 2.85 7.13
CA TYR A 35 0.88 2.23 8.00
C TYR A 35 -0.53 2.45 7.48
N TRP A 36 -1.26 1.35 7.25
CA TRP A 36 -2.62 1.43 6.75
C TRP A 36 -3.61 0.98 7.81
N ASP A 37 -3.17 0.96 9.06
CA ASP A 37 -4.03 0.56 10.17
C ASP A 37 -5.44 1.08 9.99
N LEU A 38 -5.58 2.17 9.24
CA LEU A 38 -6.88 2.76 8.99
C LEU A 38 -7.90 1.70 8.60
N GLU A 39 -7.52 0.83 7.68
CA GLU A 39 -8.40 -0.24 7.22
C GLU A 39 -9.01 -0.98 8.41
N GLN A 40 -8.18 -1.72 9.13
CA GLN A 40 -8.64 -2.47 10.29
C GLN A 40 -8.88 -1.55 11.48
N LYS A 41 -10.15 -1.28 11.78
CA LYS A 41 -10.51 -0.42 12.89
C LYS A 41 -11.24 -1.21 13.97
N GLU A 42 -12.27 -1.94 13.57
CA GLU A 42 -13.05 -2.74 14.51
C GLU A 42 -12.27 -3.98 14.95
N LYS A 43 -12.20 -4.19 16.26
CA LYS A 43 -11.49 -5.32 16.82
C LYS A 43 -11.79 -6.60 16.03
N ARG A 44 -10.84 -7.53 16.01
CA ARG A 44 -11.01 -8.79 15.30
C ARG A 44 -12.36 -9.42 15.62
N GLN A 45 -12.99 -10.02 14.62
CA GLN A 45 -14.28 -10.67 14.80
C GLN A 45 -14.14 -12.18 14.84
N GLY A 46 -13.64 -12.75 13.75
CA GLY A 46 -13.46 -14.19 13.68
C GLY A 46 -12.04 -14.61 14.01
N PRO A 47 -11.70 -15.86 13.67
CA PRO A 47 -10.37 -16.42 13.92
C PRO A 47 -9.30 -15.78 13.04
N GLN A 48 -8.05 -15.84 13.50
CA GLN A 48 -6.94 -15.26 12.75
C GLN A 48 -7.15 -15.43 11.25
N GLU A 49 -7.53 -16.64 10.84
CA GLU A 49 -7.77 -16.93 9.44
C GLU A 49 -8.71 -15.90 8.81
N GLN A 50 -9.79 -15.60 9.52
CA GLN A 50 -10.77 -14.63 9.06
C GLN A 50 -10.11 -13.30 8.72
N TRP A 51 -9.11 -12.93 9.50
CA TRP A 51 -8.39 -11.67 9.29
C TRP A 51 -8.25 -11.38 7.81
N LEU A 52 -8.10 -10.10 7.47
CA LEU A 52 -7.96 -9.68 6.09
C LEU A 52 -6.48 -9.64 5.68
N ARG A 53 -6.22 -9.84 4.40
CA ARG A 53 -4.86 -9.82 3.88
C ARG A 53 -4.51 -8.45 3.32
N PHE A 54 -3.23 -8.08 3.40
CA PHE A 54 -2.77 -6.79 2.90
C PHE A 54 -1.45 -6.94 2.15
N SER A 55 -1.46 -6.61 0.87
CA SER A 55 -0.26 -6.71 0.05
C SER A 55 0.24 -5.33 -0.37
N ILE A 56 1.56 -5.15 -0.35
CA ILE A 56 2.16 -3.88 -0.73
C ILE A 56 3.13 -4.04 -1.88
N GLU A 57 2.78 -3.48 -3.04
CA GLU A 57 3.63 -3.57 -4.22
C GLU A 57 4.32 -2.24 -4.50
N GLU A 58 5.37 -2.28 -5.31
CA GLU A 58 6.12 -1.08 -5.65
C GLU A 58 6.28 -0.95 -7.16
N GLU A 59 6.16 0.27 -7.67
CA GLU A 59 6.30 0.53 -9.10
C GLU A 59 7.76 0.73 -9.48
N ASP A 60 8.08 0.50 -10.75
CA ASP A 60 9.44 0.65 -11.24
C ASP A 60 9.50 1.71 -12.34
N PRO A 61 10.45 2.66 -12.19
CA PRO A 61 10.63 3.75 -13.16
C PRO A 61 11.19 3.25 -14.48
N LYS A 62 11.83 2.08 -14.46
CA LYS A 62 12.41 1.50 -15.66
C LYS A 62 11.57 0.33 -16.15
N MET A 63 11.14 -0.52 -15.23
CA MET A 63 10.33 -1.69 -15.56
C MET A 63 8.86 -1.29 -15.73
N HIS A 64 8.50 -0.15 -15.16
CA HIS A 64 7.13 0.34 -15.24
C HIS A 64 6.14 -0.73 -14.82
N SER A 65 6.55 -1.56 -13.87
CA SER A 65 5.70 -2.64 -13.37
C SER A 65 5.67 -2.65 -11.84
N TYR A 66 4.64 -3.28 -11.28
CA TYR A 66 4.50 -3.36 -9.83
C TYR A 66 5.05 -4.68 -9.30
N GLY A 67 5.60 -4.62 -8.09
CA GLY A 67 6.17 -5.82 -7.49
C GLY A 67 5.84 -5.94 -6.02
N VAL A 68 5.28 -7.08 -5.62
CA VAL A 68 4.92 -7.32 -4.23
C VAL A 68 6.15 -7.27 -3.32
N ILE A 69 6.38 -6.12 -2.71
CA ILE A 69 7.53 -5.95 -1.82
C ILE A 69 7.24 -6.52 -0.44
N TYR A 70 5.97 -6.52 -0.05
CA TYR A 70 5.55 -7.05 1.24
C TYR A 70 4.22 -7.76 1.14
N THR A 71 4.07 -8.83 1.93
CA THR A 71 2.83 -9.60 1.92
C THR A 71 2.59 -10.26 3.28
N GLY A 72 1.58 -9.79 3.99
CA GLY A 72 1.27 -10.35 5.30
C GLY A 72 -0.09 -9.90 5.81
N TYR A 73 -0.25 -9.91 7.12
CA TYR A 73 -1.51 -9.50 7.74
C TYR A 73 -1.29 -8.36 8.73
N ALA A 74 -0.22 -7.59 8.52
CA ALA A 74 0.10 -6.47 9.38
C ALA A 74 -0.49 -5.17 8.83
N THR A 75 -0.16 -4.07 9.49
CA THR A 75 -0.66 -2.76 9.07
C THR A 75 0.49 -1.83 8.70
N ARG A 76 1.59 -1.93 9.43
CA ARG A 76 2.76 -1.09 9.18
C ARG A 76 3.74 -1.81 8.26
N HIS A 77 4.59 -1.02 7.58
CA HIS A 77 5.57 -1.59 6.66
C HIS A 77 6.62 -0.54 6.29
N VAL A 78 7.82 -0.71 6.80
CA VAL A 78 8.91 0.22 6.52
C VAL A 78 9.78 -0.27 5.36
N VAL A 79 9.49 0.23 4.17
CA VAL A 79 10.24 -0.15 2.98
C VAL A 79 11.73 0.06 3.17
N GLU A 80 12.45 -1.04 3.43
CA GLU A 80 13.89 -0.97 3.65
C GLU A 80 14.63 -0.91 2.31
N GLY A 81 15.89 -0.50 2.37
CA GLY A 81 16.69 -0.41 1.16
C GLY A 81 16.20 0.66 0.22
N LEU A 82 16.46 1.93 0.56
CA LEU A 82 16.03 3.05 -0.26
C LEU A 82 17.14 4.10 -0.36
N GLU A 83 16.92 5.10 -1.21
CA GLU A 83 17.89 6.16 -1.41
C GLU A 83 17.32 7.51 -0.96
N PRO A 84 18.21 8.43 -0.56
CA PRO A 84 17.82 9.77 -0.11
C PRO A 84 17.31 10.63 -1.26
N ARG A 85 16.34 11.50 -0.95
CA ARG A 85 15.77 12.38 -1.96
C ARG A 85 15.23 11.58 -3.14
N THR A 86 14.82 10.35 -2.87
CA THR A 86 14.29 9.48 -3.93
C THR A 86 12.81 9.19 -3.70
N LEU A 87 12.04 9.22 -4.78
CA LEU A 87 10.61 8.96 -4.70
C LEU A 87 10.31 7.48 -4.89
N TYR A 88 9.28 7.00 -4.22
CA TYR A 88 8.89 5.59 -4.31
C TYR A 88 7.37 5.44 -4.30
N LYS A 89 6.85 4.65 -5.23
CA LYS A 89 5.42 4.42 -5.33
C LYS A 89 5.04 3.07 -4.72
N PHE A 90 3.97 3.06 -3.93
CA PHE A 90 3.51 1.83 -3.29
C PHE A 90 1.98 1.74 -3.36
N ARG A 91 1.49 0.52 -3.56
CA ARG A 91 0.06 0.28 -3.65
C ARG A 91 -0.39 -0.71 -2.58
N LEU A 92 -1.55 -0.44 -1.98
CA LEU A 92 -2.11 -1.31 -0.95
C LEU A 92 -3.23 -2.19 -1.50
N LYS A 93 -3.14 -3.48 -1.22
CA LYS A 93 -4.16 -4.42 -1.70
C LYS A 93 -4.86 -5.09 -0.51
N VAL A 94 -6.08 -5.57 -0.75
CA VAL A 94 -6.86 -6.23 0.28
C VAL A 94 -7.73 -7.34 -0.30
N THR A 95 -7.78 -8.47 0.39
CA THR A 95 -8.58 -9.61 -0.06
C THR A 95 -9.45 -10.16 1.08
N SER A 96 -10.75 -10.12 0.88
CA SER A 96 -11.70 -10.61 1.88
C SER A 96 -11.53 -12.11 2.09
N PRO A 97 -12.00 -12.60 3.24
CA PRO A 97 -11.91 -14.02 3.59
C PRO A 97 -12.84 -14.89 2.74
N SER A 98 -13.52 -14.25 1.78
CA SER A 98 -14.44 -14.96 0.90
C SER A 98 -13.85 -15.10 -0.50
N GLY A 99 -13.08 -14.09 -0.91
CA GLY A 99 -12.47 -14.13 -2.22
C GLY A 99 -12.34 -12.74 -2.83
N GLU A 100 -13.28 -11.86 -2.51
CA GLU A 100 -13.27 -10.50 -3.03
C GLU A 100 -11.93 -9.82 -2.72
N TYR A 101 -11.57 -8.85 -3.57
CA TYR A 101 -10.32 -8.12 -3.39
C TYR A 101 -10.38 -6.77 -4.09
N GLU A 102 -9.55 -5.83 -3.62
CA GLU A 102 -9.51 -4.50 -4.20
C GLU A 102 -8.09 -3.95 -4.20
N TYR A 103 -7.91 -2.78 -4.81
CA TYR A 103 -6.60 -2.15 -4.89
C TYR A 103 -6.68 -0.68 -4.49
N SER A 104 -5.68 -0.21 -3.75
CA SER A 104 -5.63 1.18 -3.31
C SER A 104 -4.86 2.04 -4.30
N PRO A 105 -5.10 3.36 -4.24
CA PRO A 105 -4.43 4.33 -5.12
C PRO A 105 -2.95 4.48 -4.80
N VAL A 106 -2.10 4.19 -5.79
CA VAL A 106 -0.66 4.29 -5.61
C VAL A 106 -0.29 5.59 -4.90
N VAL A 107 0.63 5.50 -3.95
CA VAL A 107 1.08 6.66 -3.20
C VAL A 107 2.59 6.87 -3.35
N SER A 108 2.96 7.96 -4.00
CA SER A 108 4.37 8.28 -4.22
C SER A 108 4.92 9.13 -3.08
N VAL A 109 6.06 8.73 -2.55
CA VAL A 109 6.70 9.45 -1.45
C VAL A 109 8.21 9.55 -1.66
N ALA A 110 8.77 10.70 -1.30
CA ALA A 110 10.20 10.94 -1.44
C ALA A 110 10.89 10.99 -0.08
N THR A 111 11.88 10.13 0.10
CA THR A 111 12.62 10.06 1.36
C THR A 111 13.36 11.38 1.63
N THR A 112 14.16 11.40 2.68
CA THR A 112 14.92 12.59 3.04
C THR A 112 16.38 12.45 2.66
N ARG A 113 17.06 13.59 2.51
CA ARG A 113 18.47 13.58 2.15
C ARG A 113 19.31 12.93 3.25
N GLU A 114 20.35 12.20 2.84
CA GLU A 114 21.23 11.53 3.79
C GLU A 114 21.84 12.53 4.77
N SER A 115 22.34 12.02 5.89
CA SER A 115 22.94 12.87 6.91
C SER A 115 24.46 12.70 6.93
N GLY A 116 25.16 13.70 7.47
CA GLY A 116 26.60 13.63 7.54
C GLY A 116 27.23 14.97 7.91
N PRO A 117 27.98 15.55 6.97
CA PRO A 117 28.64 16.84 7.16
C PRO A 117 27.66 18.00 7.21
N SER A 118 26.44 17.75 6.74
CA SER A 118 25.40 18.78 6.73
C SER A 118 25.12 19.28 8.14
N SER A 119 25.65 20.47 8.46
CA SER A 119 25.46 21.06 9.77
C SER A 119 24.09 21.72 9.88
N GLY A 120 23.83 22.64 8.96
CA GLY A 120 22.55 23.34 8.97
C GLY A 120 22.51 24.50 7.99
N GLY A 1 -21.92 15.63 -29.07
CA GLY A 1 -21.77 14.68 -27.99
C GLY A 1 -21.53 15.35 -26.65
N SER A 2 -21.49 14.56 -25.59
CA SER A 2 -21.27 15.10 -24.25
C SER A 2 -20.21 14.28 -23.51
N SER A 3 -19.74 14.81 -22.39
CA SER A 3 -18.73 14.14 -21.59
C SER A 3 -19.33 12.98 -20.80
N GLY A 4 -18.85 11.76 -21.11
CA GLY A 4 -19.36 10.58 -20.42
C GLY A 4 -18.53 10.22 -19.21
N SER A 5 -18.12 8.97 -19.13
CA SER A 5 -17.32 8.48 -18.01
C SER A 5 -16.47 7.29 -18.42
N SER A 6 -15.44 7.00 -17.62
CA SER A 6 -14.55 5.88 -17.91
C SER A 6 -14.52 4.90 -16.74
N GLY A 7 -14.60 3.61 -17.06
CA GLY A 7 -14.59 2.59 -16.03
C GLY A 7 -15.27 1.31 -16.48
N MET A 8 -15.53 0.42 -15.53
CA MET A 8 -16.18 -0.85 -15.83
C MET A 8 -16.73 -1.51 -14.57
N GLU A 9 -17.83 -2.23 -14.71
CA GLU A 9 -18.46 -2.90 -13.57
C GLU A 9 -18.47 -4.42 -13.78
N PRO A 10 -18.45 -5.16 -12.67
CA PRO A 10 -18.46 -6.63 -12.70
C PRO A 10 -19.79 -7.19 -13.17
N HIS A 11 -19.81 -8.46 -13.55
CA HIS A 11 -21.02 -9.11 -14.02
C HIS A 11 -22.12 -9.04 -12.96
N LYS A 12 -22.04 -9.91 -11.97
CA LYS A 12 -23.03 -9.95 -10.89
C LYS A 12 -22.36 -9.71 -9.54
N VAL A 13 -21.17 -10.28 -9.36
CA VAL A 13 -20.44 -10.13 -8.11
C VAL A 13 -19.90 -8.71 -7.95
N VAL A 14 -20.06 -8.15 -6.77
CA VAL A 14 -19.60 -6.79 -6.48
C VAL A 14 -18.49 -6.81 -5.43
N PRO A 15 -17.36 -6.17 -5.76
CA PRO A 15 -16.21 -6.08 -4.85
C PRO A 15 -16.48 -5.19 -3.64
N LEU A 16 -15.62 -5.28 -2.64
CA LEU A 16 -15.77 -4.47 -1.43
C LEU A 16 -15.22 -3.07 -1.64
N SER A 17 -15.50 -2.18 -0.69
CA SER A 17 -15.05 -0.80 -0.76
C SER A 17 -13.53 -0.74 -0.97
N LYS A 18 -13.12 0.02 -1.97
CA LYS A 18 -11.70 0.17 -2.28
C LYS A 18 -10.92 0.61 -1.04
N PRO A 19 -9.74 -0.01 -0.83
CA PRO A 19 -8.87 0.30 0.31
C PRO A 19 -8.24 1.68 0.20
N HIS A 20 -8.19 2.40 1.31
CA HIS A 20 -7.60 3.73 1.33
C HIS A 20 -6.08 3.66 1.26
N PRO A 21 -5.45 4.77 0.85
CA PRO A 21 -4.00 4.85 0.72
C PRO A 21 -3.29 4.85 2.07
N PRO A 22 -2.14 4.17 2.14
CA PRO A 22 -1.35 4.08 3.38
C PRO A 22 -0.71 5.40 3.76
N VAL A 23 -0.60 5.64 5.06
CA VAL A 23 0.00 6.88 5.57
C VAL A 23 1.50 6.73 5.74
N VAL A 24 2.22 7.84 5.68
CA VAL A 24 3.67 7.83 5.83
C VAL A 24 4.08 8.60 7.09
N GLY A 25 4.31 7.86 8.17
CA GLY A 25 4.70 8.48 9.42
C GLY A 25 6.15 8.94 9.40
N LYS A 26 7.06 7.99 9.59
CA LYS A 26 8.50 8.30 9.60
C LYS A 26 9.09 8.16 8.21
N VAL A 27 9.85 9.17 7.79
CA VAL A 27 10.47 9.17 6.47
C VAL A 27 11.98 9.32 6.58
N THR A 28 12.71 8.32 6.09
CA THR A 28 14.17 8.35 6.14
C THR A 28 14.76 8.23 4.74
N HIS A 29 16.00 8.68 4.59
CA HIS A 29 16.69 8.63 3.30
C HIS A 29 17.15 7.20 2.99
N HIS A 30 16.85 6.28 3.90
CA HIS A 30 17.23 4.88 3.72
C HIS A 30 16.00 3.99 3.63
N SER A 31 14.91 4.43 4.24
CA SER A 31 13.66 3.68 4.23
C SER A 31 12.46 4.58 4.43
N ILE A 32 11.26 4.04 4.24
CA ILE A 32 10.04 4.80 4.41
C ILE A 32 9.02 4.05 5.26
N GLU A 33 8.47 4.74 6.25
CA GLU A 33 7.48 4.15 7.14
C GLU A 33 6.09 4.21 6.53
N LEU A 34 5.31 3.14 6.73
CA LEU A 34 3.96 3.08 6.21
C LEU A 34 3.02 2.34 7.17
N TYR A 35 1.88 2.94 7.45
CA TYR A 35 0.91 2.34 8.36
C TYR A 35 -0.51 2.57 7.86
N TRP A 36 -1.25 1.48 7.69
CA TRP A 36 -2.63 1.56 7.21
C TRP A 36 -3.58 0.86 8.18
N ASP A 37 -3.27 0.97 9.48
CA ASP A 37 -4.10 0.35 10.51
C ASP A 37 -5.39 1.15 10.71
N LEU A 38 -5.63 2.10 9.81
CA LEU A 38 -6.84 2.93 9.89
C LEU A 38 -8.07 2.13 9.48
N GLU A 39 -7.91 1.22 8.53
CA GLU A 39 -9.01 0.39 8.06
C GLU A 39 -9.44 -0.60 9.14
N GLN A 40 -8.59 -1.58 9.42
CA GLN A 40 -8.89 -2.59 10.42
C GLN A 40 -8.99 -1.96 11.81
N LYS A 41 -10.22 -1.91 12.35
CA LYS A 41 -10.45 -1.33 13.66
C LYS A 41 -11.13 -2.34 14.59
N GLU A 42 -12.14 -3.02 14.06
CA GLU A 42 -12.88 -4.01 14.84
C GLU A 42 -11.92 -4.99 15.52
N LYS A 43 -12.30 -5.43 16.71
CA LYS A 43 -11.47 -6.37 17.47
C LYS A 43 -11.50 -7.75 16.82
N ARG A 44 -10.33 -8.23 16.41
CA ARG A 44 -10.22 -9.55 15.79
C ARG A 44 -10.56 -10.65 16.78
N GLN A 45 -11.85 -10.89 16.97
CA GLN A 45 -12.31 -11.92 17.90
C GLN A 45 -12.24 -13.31 17.25
N GLY A 46 -12.82 -13.43 16.06
CA GLY A 46 -12.81 -14.70 15.36
C GLY A 46 -11.41 -15.23 15.15
N PRO A 47 -11.30 -16.36 14.43
CA PRO A 47 -10.02 -17.00 14.15
C PRO A 47 -9.16 -16.19 13.19
N GLN A 48 -7.85 -16.29 13.33
CA GLN A 48 -6.92 -15.57 12.48
C GLN A 48 -7.30 -15.71 11.01
N GLU A 49 -7.70 -16.92 10.63
CA GLU A 49 -8.10 -17.19 9.25
C GLU A 49 -9.15 -16.19 8.78
N GLN A 50 -9.98 -15.73 9.71
CA GLN A 50 -11.02 -14.77 9.38
C GLN A 50 -10.48 -13.34 9.39
N TRP A 51 -9.20 -13.20 9.07
CA TRP A 51 -8.55 -11.89 9.04
C TRP A 51 -8.37 -11.40 7.61
N LEU A 52 -8.18 -10.10 7.47
CA LEU A 52 -7.98 -9.51 6.14
C LEU A 52 -6.51 -9.55 5.73
N ARG A 53 -6.27 -9.70 4.44
CA ARG A 53 -4.92 -9.76 3.91
C ARG A 53 -4.51 -8.42 3.31
N PHE A 54 -3.22 -8.09 3.45
CA PHE A 54 -2.70 -6.83 2.93
C PHE A 54 -1.38 -7.05 2.20
N SER A 55 -1.37 -6.77 0.90
CA SER A 55 -0.16 -6.94 0.10
C SER A 55 0.27 -5.62 -0.52
N ILE A 56 1.52 -5.24 -0.27
CA ILE A 56 2.06 -4.00 -0.80
C ILE A 56 2.90 -4.25 -2.05
N GLU A 57 2.85 -3.31 -2.99
CA GLU A 57 3.61 -3.42 -4.23
C GLU A 57 4.24 -2.09 -4.61
N GLU A 58 5.42 -2.16 -5.23
CA GLU A 58 6.13 -0.96 -5.64
C GLU A 58 6.45 -0.99 -7.13
N GLU A 59 6.28 0.15 -7.80
CA GLU A 59 6.55 0.24 -9.23
C GLU A 59 8.00 0.59 -9.49
N ASP A 60 8.57 0.02 -10.55
CA ASP A 60 9.96 0.28 -10.91
C ASP A 60 10.05 1.23 -12.10
N PRO A 61 10.87 2.29 -11.95
CA PRO A 61 11.05 3.29 -12.99
C PRO A 61 11.82 2.73 -14.20
N LYS A 62 12.53 1.63 -13.99
CA LYS A 62 13.29 1.00 -15.06
C LYS A 62 12.53 -0.18 -15.66
N MET A 63 11.79 -0.88 -14.82
CA MET A 63 11.01 -2.04 -15.27
C MET A 63 9.54 -1.66 -15.44
N HIS A 64 9.24 -0.38 -15.23
CA HIS A 64 7.87 0.11 -15.36
C HIS A 64 6.87 -0.95 -14.93
N SER A 65 7.24 -1.74 -13.93
CA SER A 65 6.38 -2.81 -13.42
C SER A 65 6.32 -2.78 -11.89
N TYR A 66 5.32 -3.44 -11.34
CA TYR A 66 5.15 -3.49 -9.88
C TYR A 66 5.72 -4.79 -9.32
N GLY A 67 5.86 -4.83 -8.00
CA GLY A 67 6.39 -6.01 -7.35
C GLY A 67 5.99 -6.11 -5.89
N VAL A 68 5.52 -7.29 -5.50
CA VAL A 68 5.08 -7.51 -4.12
C VAL A 68 6.26 -7.43 -3.15
N ILE A 69 6.53 -6.22 -2.66
CA ILE A 69 7.61 -6.00 -1.72
C ILE A 69 7.30 -6.59 -0.35
N TYR A 70 6.02 -6.57 0.01
CA TYR A 70 5.58 -7.09 1.29
C TYR A 70 4.23 -7.79 1.17
N THR A 71 4.05 -8.88 1.92
CA THR A 71 2.81 -9.63 1.89
C THR A 71 2.57 -10.34 3.22
N GLY A 72 1.49 -9.95 3.89
CA GLY A 72 1.17 -10.55 5.18
C GLY A 72 -0.19 -10.12 5.70
N TYR A 73 -0.34 -10.12 7.01
CA TYR A 73 -1.60 -9.72 7.64
C TYR A 73 -1.38 -8.59 8.62
N ALA A 74 -0.35 -7.79 8.38
CA ALA A 74 -0.04 -6.66 9.25
C ALA A 74 -0.59 -5.35 8.68
N THR A 75 -0.30 -4.25 9.36
CA THR A 75 -0.77 -2.94 8.92
C THR A 75 0.40 -2.02 8.62
N ARG A 76 1.45 -2.11 9.43
CA ARG A 76 2.64 -1.28 9.25
C ARG A 76 3.58 -1.90 8.23
N HIS A 77 4.46 -1.07 7.67
CA HIS A 77 5.43 -1.54 6.67
C HIS A 77 6.50 -0.49 6.43
N VAL A 78 7.75 -0.87 6.64
CA VAL A 78 8.87 0.04 6.44
C VAL A 78 9.74 -0.41 5.27
N VAL A 79 9.59 0.28 4.13
CA VAL A 79 10.37 -0.05 2.94
C VAL A 79 11.85 0.22 3.15
N GLU A 80 12.64 -0.84 3.21
CA GLU A 80 14.08 -0.72 3.41
C GLU A 80 14.80 -0.60 2.07
N GLY A 81 16.11 -0.37 2.13
CA GLY A 81 16.90 -0.24 0.92
C GLY A 81 16.35 0.81 -0.02
N LEU A 82 16.55 2.08 0.33
CA LEU A 82 16.06 3.18 -0.49
C LEU A 82 17.16 4.21 -0.73
N GLU A 83 16.92 5.12 -1.68
CA GLU A 83 17.89 6.15 -2.00
C GLU A 83 17.43 7.51 -1.48
N PRO A 84 18.40 8.40 -1.21
CA PRO A 84 18.13 9.75 -0.70
C PRO A 84 17.47 10.63 -1.75
N ARG A 85 16.43 11.37 -1.34
CA ARG A 85 15.72 12.26 -2.24
C ARG A 85 15.19 11.49 -3.45
N THR A 86 14.62 10.32 -3.20
CA THR A 86 14.07 9.49 -4.27
C THR A 86 12.61 9.19 -4.03
N LEU A 87 11.81 9.24 -5.11
CA LEU A 87 10.38 8.96 -5.01
C LEU A 87 10.10 7.48 -5.10
N TYR A 88 9.11 7.01 -4.34
CA TYR A 88 8.75 5.60 -4.34
C TYR A 88 7.23 5.43 -4.25
N LYS A 89 6.63 4.91 -5.31
CA LYS A 89 5.19 4.68 -5.34
C LYS A 89 4.83 3.31 -4.79
N PHE A 90 3.78 3.24 -3.98
CA PHE A 90 3.34 1.99 -3.39
C PHE A 90 1.82 1.87 -3.46
N ARG A 91 1.34 0.64 -3.63
CA ARG A 91 -0.09 0.38 -3.71
C ARG A 91 -0.53 -0.61 -2.64
N LEU A 92 -1.59 -0.27 -1.92
CA LEU A 92 -2.10 -1.13 -0.86
C LEU A 92 -3.18 -2.07 -1.41
N LYS A 93 -2.95 -3.37 -1.26
CA LYS A 93 -3.90 -4.37 -1.73
C LYS A 93 -4.60 -5.04 -0.55
N VAL A 94 -5.85 -5.44 -0.78
CA VAL A 94 -6.65 -6.09 0.26
C VAL A 94 -7.56 -7.16 -0.34
N THR A 95 -7.78 -8.23 0.41
CA THR A 95 -8.64 -9.32 -0.04
C THR A 95 -9.56 -9.80 1.08
N SER A 96 -10.86 -9.58 0.91
CA SER A 96 -11.84 -9.98 1.90
C SER A 96 -11.63 -11.44 2.31
N PRO A 97 -12.08 -11.79 3.52
CA PRO A 97 -11.96 -13.15 4.05
C PRO A 97 -12.86 -14.15 3.32
N SER A 98 -13.52 -13.67 2.27
CA SER A 98 -14.41 -14.51 1.49
C SER A 98 -13.85 -14.75 0.09
N GLY A 99 -13.15 -13.75 -0.44
CA GLY A 99 -12.56 -13.87 -1.77
C GLY A 99 -12.39 -12.53 -2.44
N GLU A 100 -13.36 -11.63 -2.24
CA GLU A 100 -13.30 -10.31 -2.83
C GLU A 100 -11.99 -9.60 -2.50
N TYR A 101 -11.60 -8.65 -3.34
CA TYR A 101 -10.36 -7.90 -3.13
C TYR A 101 -10.39 -6.57 -3.87
N GLU A 102 -9.50 -5.67 -3.49
CA GLU A 102 -9.43 -4.36 -4.12
C GLU A 102 -8.01 -3.80 -4.06
N TYR A 103 -7.84 -2.56 -4.51
CA TYR A 103 -6.54 -1.91 -4.51
C TYR A 103 -6.66 -0.43 -4.17
N SER A 104 -5.66 0.10 -3.47
CA SER A 104 -5.66 1.50 -3.07
C SER A 104 -4.96 2.35 -4.11
N PRO A 105 -5.19 3.68 -4.05
CA PRO A 105 -4.59 4.63 -4.98
C PRO A 105 -3.09 4.79 -4.75
N VAL A 106 -2.31 4.51 -5.80
CA VAL A 106 -0.85 4.62 -5.71
C VAL A 106 -0.44 5.81 -4.85
N VAL A 107 0.54 5.59 -3.98
CA VAL A 107 1.03 6.64 -3.10
C VAL A 107 2.52 6.88 -3.30
N SER A 108 2.84 7.97 -4.00
CA SER A 108 4.23 8.32 -4.27
C SER A 108 4.81 9.17 -3.14
N VAL A 109 5.95 8.74 -2.60
CA VAL A 109 6.60 9.47 -1.53
C VAL A 109 8.10 9.57 -1.76
N ALA A 110 8.65 10.76 -1.52
CA ALA A 110 10.09 10.99 -1.71
C ALA A 110 10.81 11.01 -0.37
N THR A 111 11.82 10.15 -0.22
CA THR A 111 12.59 10.07 1.01
C THR A 111 13.30 11.39 1.29
N THR A 112 14.04 11.44 2.40
CA THR A 112 14.77 12.64 2.79
C THR A 112 16.21 12.59 2.29
N ARG A 113 16.93 13.69 2.49
CA ARG A 113 18.32 13.77 2.06
C ARG A 113 19.25 13.09 3.07
N GLU A 114 20.25 12.40 2.56
CA GLU A 114 21.20 11.70 3.42
C GLU A 114 21.48 12.50 4.69
N SER A 115 21.52 11.82 5.83
CA SER A 115 21.77 12.47 7.10
C SER A 115 23.20 12.19 7.58
N GLY A 116 24.01 13.25 7.65
CA GLY A 116 25.38 13.09 8.08
C GLY A 116 26.18 14.37 7.95
N PRO A 117 26.59 14.95 9.10
CA PRO A 117 27.36 16.19 9.12
C PRO A 117 28.78 16.00 8.61
N SER A 118 29.23 14.74 8.57
CA SER A 118 30.58 14.42 8.10
C SER A 118 30.68 14.63 6.59
N SER A 119 31.69 15.38 6.17
CA SER A 119 31.89 15.65 4.75
C SER A 119 32.98 14.73 4.18
N GLY A 120 34.11 14.67 4.87
CA GLY A 120 35.20 13.84 4.42
C GLY A 120 35.99 14.47 3.29
N GLY A 1 -16.21 9.94 -5.60
CA GLY A 1 -15.83 11.31 -5.89
C GLY A 1 -14.53 11.39 -6.67
N SER A 2 -14.42 10.58 -7.72
CA SER A 2 -13.22 10.55 -8.54
C SER A 2 -13.55 10.13 -9.98
N SER A 3 -12.56 10.23 -10.86
CA SER A 3 -12.76 9.85 -12.26
C SER A 3 -12.23 8.45 -12.51
N GLY A 4 -13.16 7.52 -12.75
CA GLY A 4 -12.78 6.14 -13.00
C GLY A 4 -13.84 5.38 -13.77
N SER A 5 -13.46 4.82 -14.92
CA SER A 5 -14.39 4.07 -15.75
C SER A 5 -14.02 2.59 -15.77
N SER A 6 -14.44 1.86 -14.73
CA SER A 6 -14.15 0.44 -14.63
C SER A 6 -15.25 -0.28 -13.88
N GLY A 7 -15.73 -1.39 -14.45
CA GLY A 7 -16.78 -2.15 -13.82
C GLY A 7 -18.08 -1.38 -13.69
N MET A 8 -18.79 -1.24 -14.80
CA MET A 8 -20.05 -0.50 -14.80
C MET A 8 -21.04 -1.11 -13.82
N GLU A 9 -21.26 -2.42 -13.94
CA GLU A 9 -22.19 -3.12 -13.06
C GLU A 9 -21.72 -4.55 -12.81
N PRO A 10 -21.88 -5.02 -11.57
CA PRO A 10 -21.49 -6.37 -11.17
C PRO A 10 -22.37 -7.44 -11.78
N HIS A 11 -22.08 -8.71 -11.46
CA HIS A 11 -22.84 -9.83 -11.99
C HIS A 11 -24.04 -10.13 -11.10
N LYS A 12 -23.78 -10.72 -9.94
CA LYS A 12 -24.84 -11.06 -9.00
C LYS A 12 -24.54 -10.50 -7.61
N VAL A 13 -23.25 -10.48 -7.25
CA VAL A 13 -22.83 -9.97 -5.96
C VAL A 13 -21.86 -8.80 -6.11
N VAL A 14 -22.05 -7.78 -5.28
CA VAL A 14 -21.19 -6.59 -5.32
C VAL A 14 -19.89 -6.83 -4.56
N PRO A 15 -18.77 -6.49 -5.21
CA PRO A 15 -17.43 -6.66 -4.61
C PRO A 15 -17.18 -5.67 -3.48
N LEU A 16 -16.13 -5.92 -2.70
CA LEU A 16 -15.78 -5.05 -1.58
C LEU A 16 -15.35 -3.68 -2.08
N SER A 17 -15.44 -2.69 -1.20
CA SER A 17 -15.05 -1.32 -1.54
C SER A 17 -13.53 -1.18 -1.59
N LYS A 18 -13.03 -0.58 -2.66
CA LYS A 18 -11.60 -0.38 -2.83
C LYS A 18 -10.97 0.15 -1.55
N PRO A 19 -9.78 -0.37 -1.21
CA PRO A 19 -9.05 0.05 -0.01
C PRO A 19 -8.51 1.47 -0.11
N HIS A 20 -7.94 1.96 0.98
CA HIS A 20 -7.40 3.32 1.02
C HIS A 20 -5.87 3.27 1.09
N PRO A 21 -5.23 4.39 0.70
CA PRO A 21 -3.77 4.50 0.70
C PRO A 21 -3.21 4.55 2.12
N PRO A 22 -2.04 3.91 2.31
CA PRO A 22 -1.37 3.86 3.61
C PRO A 22 -0.80 5.21 4.01
N VAL A 23 -0.60 5.41 5.32
CA VAL A 23 -0.06 6.67 5.83
C VAL A 23 1.46 6.57 6.01
N VAL A 24 2.13 7.70 5.84
CA VAL A 24 3.58 7.75 5.99
C VAL A 24 3.99 8.48 7.27
N GLY A 25 4.26 7.72 8.32
CA GLY A 25 4.65 8.31 9.59
C GLY A 25 6.09 8.79 9.58
N LYS A 26 7.01 7.85 9.72
CA LYS A 26 8.43 8.17 9.74
C LYS A 26 9.03 8.10 8.33
N VAL A 27 9.73 9.16 7.94
CA VAL A 27 10.34 9.22 6.62
C VAL A 27 11.84 9.51 6.72
N THR A 28 12.65 8.47 6.51
CA THR A 28 14.09 8.60 6.58
C THR A 28 14.71 8.61 5.18
N HIS A 29 16.02 8.81 5.12
CA HIS A 29 16.74 8.83 3.85
C HIS A 29 17.27 7.45 3.51
N HIS A 30 16.86 6.45 4.26
CA HIS A 30 17.31 5.08 4.04
C HIS A 30 16.12 4.14 3.85
N SER A 31 14.99 4.51 4.46
CA SER A 31 13.78 3.71 4.36
C SER A 31 12.54 4.57 4.54
N ILE A 32 11.36 3.96 4.35
CA ILE A 32 10.11 4.67 4.49
C ILE A 32 9.13 3.90 5.37
N GLU A 33 8.55 4.60 6.34
CA GLU A 33 7.60 3.98 7.26
C GLU A 33 6.17 4.04 6.70
N LEU A 34 5.45 2.94 6.79
CA LEU A 34 4.08 2.87 6.30
C LEU A 34 3.19 2.07 7.24
N TYR A 35 2.02 2.61 7.55
CA TYR A 35 1.08 1.95 8.44
C TYR A 35 -0.35 2.12 7.95
N TRP A 36 -1.07 1.01 7.83
CA TRP A 36 -2.45 1.03 7.37
C TRP A 36 -3.36 0.27 8.33
N ASP A 37 -3.06 0.37 9.63
CA ASP A 37 -3.85 -0.29 10.65
C ASP A 37 -5.14 0.46 10.92
N LEU A 38 -5.51 1.34 10.00
CA LEU A 38 -6.73 2.13 10.14
C LEU A 38 -7.94 1.35 9.66
N GLU A 39 -7.75 0.54 8.62
CA GLU A 39 -8.83 -0.26 8.07
C GLU A 39 -9.26 -1.35 9.05
N GLN A 40 -8.36 -2.29 9.32
CA GLN A 40 -8.64 -3.38 10.24
C GLN A 40 -8.53 -2.91 11.69
N LYS A 41 -9.08 -1.73 11.97
CA LYS A 41 -9.03 -1.17 13.32
C LYS A 41 -10.07 -1.83 14.21
N GLU A 42 -11.30 -1.89 13.74
CA GLU A 42 -12.39 -2.50 14.50
C GLU A 42 -12.00 -3.89 14.98
N LYS A 43 -12.92 -4.55 15.67
CA LYS A 43 -12.68 -5.89 16.19
C LYS A 43 -12.21 -6.83 15.08
N ARG A 44 -12.02 -8.10 15.42
CA ARG A 44 -11.57 -9.09 14.46
C ARG A 44 -12.74 -9.95 13.97
N GLN A 45 -13.75 -10.08 14.83
CA GLN A 45 -14.93 -10.88 14.50
C GLN A 45 -14.53 -12.30 14.11
N GLY A 46 -13.54 -12.84 14.80
CA GLY A 46 -13.08 -14.19 14.51
C GLY A 46 -11.58 -14.34 14.67
N PRO A 47 -11.08 -15.55 14.40
CA PRO A 47 -9.64 -15.85 14.51
C PRO A 47 -8.82 -15.17 13.43
N GLN A 48 -7.50 -15.23 13.56
CA GLN A 48 -6.60 -14.62 12.59
C GLN A 48 -6.98 -15.03 11.17
N GLU A 49 -7.37 -16.29 11.00
CA GLU A 49 -7.76 -16.80 9.69
C GLU A 49 -8.91 -15.97 9.11
N GLN A 50 -9.74 -15.44 9.98
CA GLN A 50 -10.88 -14.63 9.53
C GLN A 50 -10.49 -13.16 9.43
N TRP A 51 -9.22 -12.91 9.13
CA TRP A 51 -8.72 -11.55 8.99
C TRP A 51 -8.56 -11.18 7.53
N LEU A 52 -8.38 -9.89 7.26
CA LEU A 52 -8.21 -9.39 5.90
C LEU A 52 -6.75 -9.44 5.48
N ARG A 53 -6.52 -9.65 4.18
CA ARG A 53 -5.17 -9.72 3.65
C ARG A 53 -4.67 -8.33 3.25
N PHE A 54 -3.36 -8.14 3.33
CA PHE A 54 -2.75 -6.85 2.98
C PHE A 54 -1.44 -7.05 2.22
N SER A 55 -1.45 -6.69 0.94
CA SER A 55 -0.26 -6.84 0.10
C SER A 55 0.18 -5.49 -0.44
N ILE A 56 1.47 -5.20 -0.29
CA ILE A 56 2.03 -3.93 -0.76
C ILE A 56 2.93 -4.15 -1.97
N GLU A 57 2.77 -3.31 -2.98
CA GLU A 57 3.55 -3.41 -4.20
C GLU A 57 4.19 -2.07 -4.55
N GLU A 58 5.36 -2.12 -5.19
CA GLU A 58 6.06 -0.90 -5.58
C GLU A 58 6.34 -0.89 -7.09
N GLU A 59 6.15 0.28 -7.71
CA GLU A 59 6.37 0.41 -9.13
C GLU A 59 7.82 0.81 -9.43
N ASP A 60 8.36 0.27 -10.51
CA ASP A 60 9.73 0.56 -10.90
C ASP A 60 9.77 1.52 -12.09
N PRO A 61 10.58 2.58 -11.96
CA PRO A 61 10.72 3.60 -13.01
C PRO A 61 11.46 3.06 -14.23
N LYS A 62 12.19 1.97 -14.04
CA LYS A 62 12.95 1.35 -15.13
C LYS A 62 12.22 0.14 -15.69
N MET A 63 11.52 -0.58 -14.80
CA MET A 63 10.77 -1.77 -15.21
C MET A 63 9.31 -1.43 -15.45
N HIS A 64 8.96 -0.14 -15.32
CA HIS A 64 7.59 0.30 -15.53
C HIS A 64 6.60 -0.76 -15.09
N SER A 65 6.94 -1.48 -14.02
CA SER A 65 6.08 -2.53 -13.50
C SER A 65 6.09 -2.53 -11.97
N TYR A 66 5.09 -3.17 -11.38
CA TYR A 66 4.97 -3.24 -9.93
C TYR A 66 5.54 -4.56 -9.40
N GLY A 67 5.67 -4.65 -8.08
CA GLY A 67 6.20 -5.85 -7.46
C GLY A 67 5.81 -5.99 -6.01
N VAL A 68 5.27 -7.15 -5.64
CA VAL A 68 4.84 -7.40 -4.27
C VAL A 68 6.04 -7.37 -3.32
N ILE A 69 6.31 -6.21 -2.74
CA ILE A 69 7.40 -6.05 -1.81
C ILE A 69 7.09 -6.71 -0.47
N TYR A 70 5.82 -6.69 -0.10
CA TYR A 70 5.39 -7.29 1.17
C TYR A 70 4.02 -7.95 1.02
N THR A 71 3.84 -9.08 1.71
CA THR A 71 2.58 -9.81 1.65
C THR A 71 2.33 -10.58 2.94
N GLY A 72 1.18 -10.34 3.56
CA GLY A 72 0.85 -11.02 4.80
C GLY A 72 -0.43 -10.50 5.42
N TYR A 73 -0.52 -10.57 6.74
CA TYR A 73 -1.71 -10.11 7.45
C TYR A 73 -1.34 -9.00 8.45
N ALA A 74 -0.29 -8.26 8.14
CA ALA A 74 0.17 -7.17 9.00
C ALA A 74 -0.43 -5.84 8.57
N THR A 75 -0.03 -4.77 9.25
CA THR A 75 -0.53 -3.43 8.93
C THR A 75 0.61 -2.47 8.66
N ARG A 76 1.69 -2.59 9.44
CA ARG A 76 2.84 -1.72 9.28
C ARG A 76 3.84 -2.33 8.29
N HIS A 77 4.61 -1.46 7.64
CA HIS A 77 5.60 -1.91 6.66
C HIS A 77 6.62 -0.81 6.37
N VAL A 78 7.87 -1.08 6.70
CA VAL A 78 8.94 -0.11 6.47
C VAL A 78 9.82 -0.52 5.29
N VAL A 79 9.65 0.16 4.17
CA VAL A 79 10.43 -0.13 2.97
C VAL A 79 11.90 0.17 3.18
N GLU A 80 12.71 -0.88 3.33
CA GLU A 80 14.14 -0.72 3.54
C GLU A 80 14.89 -0.66 2.22
N GLY A 81 16.18 -0.35 2.28
CA GLY A 81 16.98 -0.27 1.07
C GLY A 81 16.50 0.82 0.12
N LEU A 82 16.51 2.06 0.60
CA LEU A 82 16.07 3.18 -0.21
C LEU A 82 17.16 4.25 -0.31
N GLU A 83 17.03 5.14 -1.28
CA GLU A 83 18.00 6.21 -1.48
C GLU A 83 17.44 7.55 -1.03
N PRO A 84 18.34 8.49 -0.71
CA PRO A 84 17.96 9.83 -0.26
C PRO A 84 17.34 10.66 -1.37
N ARG A 85 16.29 11.41 -1.03
CA ARG A 85 15.60 12.25 -2.00
C ARG A 85 15.12 11.42 -3.20
N THR A 86 14.64 10.22 -2.91
CA THR A 86 14.15 9.33 -3.96
C THR A 86 12.66 9.05 -3.79
N LEU A 87 11.91 9.15 -4.89
CA LEU A 87 10.47 8.90 -4.85
C LEU A 87 10.18 7.41 -4.95
N TYR A 88 9.16 6.96 -4.22
CA TYR A 88 8.77 5.56 -4.22
C TYR A 88 7.25 5.41 -4.15
N LYS A 89 6.66 4.91 -5.23
CA LYS A 89 5.21 4.72 -5.29
C LYS A 89 4.83 3.34 -4.78
N PHE A 90 3.85 3.28 -3.90
CA PHE A 90 3.39 2.01 -3.34
C PHE A 90 1.87 1.90 -3.43
N ARG A 91 1.37 0.67 -3.52
CA ARG A 91 -0.06 0.43 -3.61
C ARG A 91 -0.50 -0.62 -2.60
N LEU A 92 -1.54 -0.30 -1.84
CA LEU A 92 -2.06 -1.21 -0.82
C LEU A 92 -3.17 -2.09 -1.40
N LYS A 93 -3.00 -3.41 -1.25
CA LYS A 93 -3.99 -4.36 -1.75
C LYS A 93 -4.63 -5.13 -0.60
N VAL A 94 -5.92 -5.42 -0.75
CA VAL A 94 -6.66 -6.16 0.28
C VAL A 94 -7.50 -7.26 -0.34
N THR A 95 -7.63 -8.38 0.38
CA THR A 95 -8.42 -9.51 -0.11
C THR A 95 -9.35 -10.03 0.98
N SER A 96 -10.65 -9.89 0.76
CA SER A 96 -11.64 -10.34 1.72
C SER A 96 -11.42 -11.81 2.07
N PRO A 97 -11.86 -12.20 3.29
CA PRO A 97 -11.73 -13.57 3.77
C PRO A 97 -12.63 -14.55 3.01
N SER A 98 -13.19 -14.09 1.90
CA SER A 98 -14.07 -14.92 1.09
C SER A 98 -13.48 -15.13 -0.30
N GLY A 99 -12.69 -14.17 -0.75
CA GLY A 99 -12.07 -14.28 -2.07
C GLY A 99 -11.95 -12.93 -2.76
N GLU A 100 -12.88 -12.03 -2.45
CA GLU A 100 -12.87 -10.70 -3.05
C GLU A 100 -11.57 -9.95 -2.71
N TYR A 101 -11.19 -9.02 -3.57
CA TYR A 101 -9.97 -8.25 -3.37
C TYR A 101 -10.03 -6.93 -4.14
N GLU A 102 -9.12 -6.02 -3.81
CA GLU A 102 -9.06 -4.72 -4.47
C GLU A 102 -7.67 -4.10 -4.35
N TYR A 103 -7.53 -2.87 -4.84
CA TYR A 103 -6.25 -2.18 -4.79
C TYR A 103 -6.45 -0.72 -4.38
N SER A 104 -5.47 -0.18 -3.66
CA SER A 104 -5.53 1.21 -3.21
C SER A 104 -4.82 2.13 -4.19
N PRO A 105 -5.08 3.44 -4.06
CA PRO A 105 -4.49 4.45 -4.93
C PRO A 105 -3.00 4.64 -4.67
N VAL A 106 -2.18 4.38 -5.69
CA VAL A 106 -0.73 4.51 -5.57
C VAL A 106 -0.37 5.75 -4.75
N VAL A 107 0.57 5.58 -3.82
CA VAL A 107 1.02 6.68 -2.98
C VAL A 107 2.51 6.93 -3.14
N SER A 108 2.86 7.97 -3.90
CA SER A 108 4.25 8.31 -4.13
C SER A 108 4.80 9.16 -2.99
N VAL A 109 5.94 8.73 -2.44
CA VAL A 109 6.57 9.44 -1.34
C VAL A 109 8.08 9.53 -1.53
N ALA A 110 8.63 10.73 -1.37
CA ALA A 110 10.05 10.94 -1.53
C ALA A 110 10.77 10.95 -0.18
N THR A 111 11.78 10.11 -0.04
CA THR A 111 12.54 10.01 1.20
C THR A 111 13.20 11.33 1.54
N THR A 112 13.94 11.36 2.65
CA THR A 112 14.62 12.56 3.09
C THR A 112 16.08 12.56 2.64
N ARG A 113 16.81 13.62 2.99
CA ARG A 113 18.21 13.74 2.63
C ARG A 113 19.10 12.95 3.59
N GLU A 114 20.32 12.67 3.15
CA GLU A 114 21.27 11.92 3.98
C GLU A 114 21.66 12.71 5.22
N SER A 115 20.98 12.46 6.32
CA SER A 115 21.26 13.16 7.57
C SER A 115 21.63 14.61 7.31
N GLY A 116 20.88 15.25 6.41
CA GLY A 116 21.15 16.65 6.09
C GLY A 116 21.96 16.80 4.82
N PRO A 117 22.64 17.94 4.68
CA PRO A 117 23.46 18.24 3.51
C PRO A 117 24.72 17.37 3.45
N SER A 118 24.99 16.81 2.28
CA SER A 118 26.16 15.96 2.09
C SER A 118 26.91 16.34 0.82
N SER A 119 28.09 16.93 0.99
CA SER A 119 28.90 17.35 -0.15
C SER A 119 29.34 16.13 -0.97
N GLY A 120 29.21 16.25 -2.29
CA GLY A 120 29.59 15.16 -3.17
C GLY A 120 30.39 15.64 -4.38
N GLY A 1 -15.74 20.02 -17.08
CA GLY A 1 -15.46 19.14 -18.19
C GLY A 1 -16.08 17.76 -18.01
N SER A 2 -15.69 16.82 -18.86
CA SER A 2 -16.22 15.47 -18.81
C SER A 2 -15.35 14.51 -19.63
N SER A 3 -15.32 13.25 -19.21
CA SER A 3 -14.53 12.23 -19.90
C SER A 3 -14.88 10.84 -19.39
N GLY A 4 -14.38 9.82 -20.07
CA GLY A 4 -14.63 8.45 -19.67
C GLY A 4 -15.25 7.63 -20.79
N SER A 5 -14.47 6.73 -21.37
CA SER A 5 -14.95 5.89 -22.45
C SER A 5 -14.78 4.41 -22.11
N SER A 6 -15.09 4.05 -20.87
CA SER A 6 -14.96 2.67 -20.41
C SER A 6 -15.62 2.49 -19.04
N GLY A 7 -15.69 1.24 -18.59
CA GLY A 7 -16.28 0.96 -17.29
C GLY A 7 -16.30 -0.52 -16.98
N MET A 8 -15.86 -0.87 -15.78
CA MET A 8 -15.83 -2.27 -15.35
C MET A 8 -17.01 -2.59 -14.43
N GLU A 9 -17.78 -3.59 -14.81
CA GLU A 9 -18.94 -4.00 -14.01
C GLU A 9 -18.99 -5.51 -13.85
N PRO A 10 -19.19 -5.97 -12.60
CA PRO A 10 -19.26 -7.40 -12.28
C PRO A 10 -20.53 -8.05 -12.83
N HIS A 11 -20.58 -9.38 -12.77
CA HIS A 11 -21.74 -10.12 -13.26
C HIS A 11 -22.20 -11.14 -12.22
N LYS A 12 -23.37 -10.89 -11.64
CA LYS A 12 -23.92 -11.80 -10.63
C LYS A 12 -22.96 -11.96 -9.46
N VAL A 13 -22.33 -10.86 -9.06
CA VAL A 13 -21.39 -10.88 -7.95
C VAL A 13 -20.98 -9.47 -7.53
N VAL A 14 -20.99 -9.21 -6.23
CA VAL A 14 -20.63 -7.90 -5.71
C VAL A 14 -19.28 -7.95 -4.99
N PRO A 15 -18.26 -7.34 -5.60
CA PRO A 15 -16.91 -7.30 -5.03
C PRO A 15 -16.82 -6.42 -3.79
N LEU A 16 -15.72 -6.54 -3.06
CA LEU A 16 -15.53 -5.74 -1.85
C LEU A 16 -15.14 -4.32 -2.19
N SER A 17 -15.31 -3.42 -1.23
CA SER A 17 -14.97 -2.01 -1.43
C SER A 17 -13.48 -1.84 -1.70
N LYS A 18 -13.09 -0.63 -2.09
CA LYS A 18 -11.70 -0.33 -2.39
C LYS A 18 -10.95 0.10 -1.13
N PRO A 19 -9.72 -0.42 -0.96
CA PRO A 19 -8.89 -0.10 0.20
C PRO A 19 -8.39 1.35 0.17
N HIS A 20 -7.91 1.82 1.32
CA HIS A 20 -7.41 3.19 1.43
C HIS A 20 -5.88 3.21 1.36
N PRO A 21 -5.32 4.37 0.98
CA PRO A 21 -3.87 4.55 0.87
C PRO A 21 -3.17 4.53 2.22
N PRO A 22 -2.02 3.85 2.28
CA PRO A 22 -1.22 3.75 3.52
C PRO A 22 -0.59 5.08 3.91
N VAL A 23 -0.58 5.36 5.21
CA VAL A 23 0.01 6.60 5.72
C VAL A 23 1.51 6.45 5.94
N VAL A 24 2.23 7.57 5.81
CA VAL A 24 3.68 7.56 6.01
C VAL A 24 4.06 8.30 7.28
N GLY A 25 4.39 7.55 8.32
CA GLY A 25 4.78 8.15 9.58
C GLY A 25 6.20 8.66 9.56
N LYS A 26 7.15 7.78 9.87
CA LYS A 26 8.56 8.15 9.89
C LYS A 26 9.16 8.05 8.49
N VAL A 27 9.87 9.10 8.08
CA VAL A 27 10.50 9.14 6.77
C VAL A 27 12.01 9.31 6.89
N THR A 28 12.76 8.31 6.43
CA THR A 28 14.21 8.36 6.49
C THR A 28 14.82 8.30 5.09
N HIS A 29 16.10 8.65 4.99
CA HIS A 29 16.79 8.64 3.71
C HIS A 29 17.31 7.24 3.39
N HIS A 30 16.93 6.28 4.22
CA HIS A 30 17.34 4.89 4.01
C HIS A 30 16.13 3.97 3.93
N SER A 31 14.99 4.44 4.43
CA SER A 31 13.76 3.66 4.42
C SER A 31 12.54 4.56 4.53
N ILE A 32 11.36 3.95 4.54
CA ILE A 32 10.11 4.69 4.64
C ILE A 32 9.08 3.94 5.48
N GLU A 33 8.55 4.60 6.49
CA GLU A 33 7.56 4.00 7.38
C GLU A 33 6.17 4.07 6.75
N LEU A 34 5.41 2.99 6.88
CA LEU A 34 4.06 2.94 6.34
C LEU A 34 3.14 2.13 7.25
N TYR A 35 1.95 2.68 7.51
CA TYR A 35 0.98 2.01 8.37
C TYR A 35 -0.44 2.20 7.84
N TRP A 36 -1.10 1.09 7.51
CA TRP A 36 -2.46 1.13 7.00
C TRP A 36 -3.43 0.49 7.97
N ASP A 37 -3.21 0.73 9.26
CA ASP A 37 -4.07 0.19 10.30
C ASP A 37 -5.33 1.04 10.47
N LEU A 38 -5.71 1.73 9.40
CA LEU A 38 -6.90 2.58 9.43
C LEU A 38 -8.10 1.87 8.81
N GLU A 39 -7.86 0.68 8.28
CA GLU A 39 -8.93 -0.11 7.65
C GLU A 39 -9.43 -1.19 8.61
N GLN A 40 -8.49 -1.84 9.29
CA GLN A 40 -8.84 -2.90 10.24
C GLN A 40 -8.94 -2.36 11.65
N LYS A 41 -9.32 -1.09 11.77
CA LYS A 41 -9.44 -0.45 13.08
C LYS A 41 -10.40 -1.22 13.96
N GLU A 42 -11.62 -1.44 13.48
CA GLU A 42 -12.63 -2.18 14.24
C GLU A 42 -12.04 -3.45 14.84
N LYS A 43 -12.83 -4.13 15.65
CA LYS A 43 -12.39 -5.36 16.30
C LYS A 43 -11.92 -6.38 15.26
N ARG A 44 -11.42 -7.52 15.74
CA ARG A 44 -10.94 -8.57 14.85
C ARG A 44 -11.89 -9.76 14.86
N GLN A 45 -12.88 -9.73 13.97
CA GLN A 45 -13.86 -10.81 13.88
C GLN A 45 -13.18 -12.17 14.00
N GLY A 46 -13.73 -13.02 14.86
CA GLY A 46 -13.15 -14.34 15.06
C GLY A 46 -11.64 -14.32 15.19
N PRO A 47 -11.00 -15.48 15.00
CA PRO A 47 -9.55 -15.61 15.10
C PRO A 47 -8.83 -14.91 13.95
N GLN A 48 -7.54 -15.20 13.80
CA GLN A 48 -6.74 -14.60 12.73
C GLN A 48 -7.15 -15.13 11.37
N GLU A 49 -7.77 -16.31 11.36
CA GLU A 49 -8.22 -16.93 10.12
C GLU A 49 -9.30 -16.09 9.45
N GLN A 50 -9.96 -15.25 10.24
CA GLN A 50 -11.03 -14.40 9.72
C GLN A 50 -10.52 -12.98 9.49
N TRP A 51 -9.23 -12.85 9.20
CA TRP A 51 -8.62 -11.55 8.96
C TRP A 51 -8.43 -11.30 7.47
N LEU A 52 -8.24 -10.04 7.09
CA LEU A 52 -8.04 -9.68 5.70
C LEU A 52 -6.56 -9.63 5.36
N ARG A 53 -6.26 -9.87 4.07
CA ARG A 53 -4.87 -9.86 3.61
C ARG A 53 -4.46 -8.46 3.16
N PHE A 54 -3.18 -8.14 3.34
CA PHE A 54 -2.66 -6.84 2.95
C PHE A 54 -1.29 -6.98 2.27
N SER A 55 -1.24 -6.68 0.98
CA SER A 55 -0.01 -6.77 0.22
C SER A 55 0.46 -5.39 -0.23
N ILE A 56 1.75 -5.13 -0.04
CA ILE A 56 2.34 -3.84 -0.42
C ILE A 56 3.22 -3.98 -1.65
N GLU A 57 2.89 -3.26 -2.71
CA GLU A 57 3.66 -3.30 -3.94
C GLU A 57 4.30 -1.94 -4.23
N GLU A 58 5.14 -1.90 -5.27
CA GLU A 58 5.81 -0.67 -5.65
C GLU A 58 6.16 -0.67 -7.13
N GLU A 59 6.30 0.53 -7.71
CA GLU A 59 6.62 0.65 -9.11
C GLU A 59 8.12 0.46 -9.36
N ASP A 60 8.46 0.00 -10.56
CA ASP A 60 9.86 -0.23 -10.91
C ASP A 60 10.31 0.75 -12.00
N PRO A 61 11.29 1.60 -11.66
CA PRO A 61 11.83 2.59 -12.60
C PRO A 61 12.64 1.95 -13.71
N LYS A 62 13.15 0.75 -13.47
CA LYS A 62 13.94 0.02 -14.45
C LYS A 62 13.08 -1.01 -15.18
N MET A 63 12.04 -1.49 -14.51
CA MET A 63 11.15 -2.48 -15.10
C MET A 63 9.83 -1.85 -15.51
N HIS A 64 9.67 -0.57 -15.19
CA HIS A 64 8.44 0.15 -15.54
C HIS A 64 7.21 -0.69 -15.25
N SER A 65 7.26 -1.45 -14.16
CA SER A 65 6.15 -2.32 -13.77
C SER A 65 6.06 -2.45 -12.25
N TYR A 66 4.96 -3.01 -11.78
CA TYR A 66 4.75 -3.18 -10.34
C TYR A 66 4.90 -4.64 -9.95
N GLY A 67 5.13 -4.89 -8.66
CA GLY A 67 5.29 -6.25 -8.17
C GLY A 67 4.73 -6.43 -6.78
N VAL A 68 5.57 -6.90 -5.86
CA VAL A 68 5.14 -7.13 -4.49
C VAL A 68 6.32 -7.13 -3.54
N ILE A 69 6.45 -6.06 -2.76
CA ILE A 69 7.54 -5.93 -1.81
C ILE A 69 7.21 -6.61 -0.48
N TYR A 70 5.92 -6.59 -0.13
CA TYR A 70 5.46 -7.20 1.11
C TYR A 70 4.10 -7.87 0.92
N THR A 71 3.89 -8.97 1.63
CA THR A 71 2.63 -9.70 1.54
C THR A 71 2.29 -10.38 2.86
N GLY A 72 1.33 -9.81 3.59
CA GLY A 72 0.92 -10.38 4.86
C GLY A 72 -0.34 -9.76 5.41
N TYR A 73 -0.60 -9.97 6.69
CA TYR A 73 -1.79 -9.42 7.33
C TYR A 73 -1.44 -8.21 8.18
N ALA A 74 -0.14 -7.96 8.34
CA ALA A 74 0.32 -6.82 9.13
C ALA A 74 -0.23 -5.51 8.59
N THR A 75 -0.16 -4.46 9.41
CA THR A 75 -0.67 -3.15 9.01
C THR A 75 0.48 -2.19 8.75
N ARG A 76 1.62 -2.43 9.39
CA ARG A 76 2.79 -1.57 9.23
C ARG A 76 3.81 -2.22 8.29
N HIS A 77 4.60 -1.39 7.63
CA HIS A 77 5.61 -1.88 6.70
C HIS A 77 6.64 -0.80 6.39
N VAL A 78 7.86 -0.97 6.89
CA VAL A 78 8.92 0.00 6.67
C VAL A 78 9.82 -0.43 5.51
N VAL A 79 9.60 0.18 4.35
CA VAL A 79 10.40 -0.14 3.16
C VAL A 79 11.87 0.13 3.40
N GLU A 80 12.64 -0.94 3.57
CA GLU A 80 14.08 -0.82 3.81
C GLU A 80 14.84 -0.71 2.49
N GLY A 81 16.14 -0.44 2.59
CA GLY A 81 16.95 -0.32 1.39
C GLY A 81 16.40 0.69 0.42
N LEU A 82 16.58 1.97 0.72
CA LEU A 82 16.09 3.05 -0.15
C LEU A 82 17.15 4.12 -0.33
N GLU A 83 17.02 4.90 -1.39
CA GLU A 83 17.98 5.97 -1.68
C GLU A 83 17.42 7.32 -1.23
N PRO A 84 18.34 8.25 -0.93
CA PRO A 84 17.98 9.60 -0.47
C PRO A 84 17.35 10.44 -1.58
N ARG A 85 16.37 11.26 -1.22
CA ARG A 85 15.69 12.12 -2.19
C ARG A 85 15.25 11.31 -3.41
N THR A 86 14.52 10.22 -3.15
CA THR A 86 14.04 9.36 -4.22
C THR A 86 12.57 9.00 -4.02
N LEU A 87 11.75 9.23 -5.04
CA LEU A 87 10.33 8.94 -4.97
C LEU A 87 10.09 7.43 -4.95
N TYR A 88 9.10 7.01 -4.16
CA TYR A 88 8.77 5.59 -4.05
C TYR A 88 7.26 5.39 -3.99
N LYS A 89 6.71 4.77 -5.03
CA LYS A 89 5.28 4.51 -5.10
C LYS A 89 4.93 3.17 -4.47
N PHE A 90 3.87 3.15 -3.67
CA PHE A 90 3.44 1.92 -3.00
C PHE A 90 1.92 1.79 -3.06
N ARG A 91 1.45 0.62 -3.50
CA ARG A 91 0.02 0.37 -3.59
C ARG A 91 -0.41 -0.71 -2.60
N LEU A 92 -1.46 -0.41 -1.83
CA LEU A 92 -1.96 -1.35 -0.84
C LEU A 92 -3.04 -2.25 -1.44
N LYS A 93 -2.88 -3.55 -1.25
CA LYS A 93 -3.83 -4.53 -1.77
C LYS A 93 -4.58 -5.21 -0.63
N VAL A 94 -5.80 -5.67 -0.93
CA VAL A 94 -6.61 -6.35 0.07
C VAL A 94 -7.47 -7.45 -0.57
N THR A 95 -7.56 -8.58 0.11
CA THR A 95 -8.34 -9.71 -0.39
C THR A 95 -9.23 -10.29 0.69
N SER A 96 -10.55 -10.15 0.51
CA SER A 96 -11.52 -10.66 1.48
C SER A 96 -11.34 -12.15 1.70
N PRO A 97 -11.83 -12.65 2.84
CA PRO A 97 -11.74 -14.06 3.20
C PRO A 97 -12.63 -14.94 2.32
N SER A 98 -13.33 -14.31 1.38
CA SER A 98 -14.22 -15.04 0.48
C SER A 98 -13.58 -15.23 -0.89
N GLY A 99 -12.75 -14.27 -1.29
CA GLY A 99 -12.08 -14.34 -2.57
C GLY A 99 -11.93 -12.99 -3.24
N GLU A 100 -12.84 -12.08 -2.92
CA GLU A 100 -12.81 -10.73 -3.49
C GLU A 100 -11.50 -10.02 -3.12
N TYR A 101 -11.09 -9.09 -3.97
CA TYR A 101 -9.86 -8.33 -3.74
C TYR A 101 -9.91 -6.98 -4.46
N GLU A 102 -9.34 -5.96 -3.83
CA GLU A 102 -9.31 -4.63 -4.41
C GLU A 102 -7.91 -4.04 -4.35
N TYR A 103 -7.75 -2.86 -4.94
CA TYR A 103 -6.45 -2.19 -4.96
C TYR A 103 -6.58 -0.75 -4.47
N SER A 104 -5.59 -0.30 -3.70
CA SER A 104 -5.59 1.06 -3.16
C SER A 104 -4.86 2.01 -4.10
N PRO A 105 -5.12 3.32 -3.96
CA PRO A 105 -4.49 4.36 -4.77
C PRO A 105 -3.00 4.52 -4.46
N VAL A 106 -2.17 4.21 -5.43
CA VAL A 106 -0.72 4.32 -5.27
C VAL A 106 -0.36 5.60 -4.51
N VAL A 107 0.60 5.49 -3.61
CA VAL A 107 1.05 6.64 -2.82
C VAL A 107 2.54 6.90 -3.02
N SER A 108 2.86 7.90 -3.83
CA SER A 108 4.25 8.26 -4.10
C SER A 108 4.84 9.07 -2.96
N VAL A 109 5.92 8.57 -2.38
CA VAL A 109 6.59 9.25 -1.27
C VAL A 109 8.09 9.35 -1.50
N ALA A 110 8.63 10.56 -1.41
CA ALA A 110 10.05 10.78 -1.61
C ALA A 110 10.80 10.79 -0.29
N THR A 111 11.80 9.92 -0.18
CA THR A 111 12.60 9.82 1.04
C THR A 111 13.25 11.15 1.38
N THR A 112 13.99 11.18 2.49
CA THR A 112 14.67 12.39 2.93
C THR A 112 16.10 12.44 2.39
N ARG A 113 16.80 13.53 2.70
CA ARG A 113 18.17 13.70 2.25
C ARG A 113 19.15 13.21 3.32
N GLU A 114 20.18 12.48 2.88
CA GLU A 114 21.19 11.96 3.80
C GLU A 114 21.66 13.04 4.77
N SER A 115 22.35 12.62 5.83
CA SER A 115 22.85 13.56 6.82
C SER A 115 24.33 13.30 7.11
N GLY A 116 25.16 14.30 6.84
CA GLY A 116 26.59 14.17 7.07
C GLY A 116 27.39 15.24 6.36
N PRO A 117 28.72 15.05 6.30
CA PRO A 117 29.63 16.00 5.66
C PRO A 117 29.45 16.03 4.14
N SER A 118 29.16 17.21 3.61
CA SER A 118 28.96 17.37 2.17
C SER A 118 30.30 17.32 1.43
N SER A 119 31.18 18.26 1.76
CA SER A 119 32.49 18.32 1.11
C SER A 119 33.36 17.13 1.53
N GLY A 120 33.59 17.01 2.83
CA GLY A 120 34.40 15.91 3.33
C GLY A 120 35.89 16.19 3.22
N GLY A 1 -19.13 13.79 -31.52
CA GLY A 1 -18.70 13.56 -30.16
C GLY A 1 -17.20 13.29 -30.07
N SER A 2 -16.51 14.12 -29.29
CA SER A 2 -15.06 13.96 -29.12
C SER A 2 -14.74 12.75 -28.28
N SER A 3 -15.12 12.80 -27.01
CA SER A 3 -14.86 11.69 -26.09
C SER A 3 -15.69 11.84 -24.81
N GLY A 4 -16.64 10.93 -24.63
CA GLY A 4 -17.50 10.98 -23.46
C GLY A 4 -18.27 9.69 -23.26
N SER A 5 -17.75 8.81 -22.40
CA SER A 5 -18.39 7.53 -22.13
C SER A 5 -17.65 6.78 -21.02
N SER A 6 -18.35 6.51 -19.93
CA SER A 6 -17.76 5.80 -18.80
C SER A 6 -18.65 4.63 -18.37
N GLY A 7 -18.03 3.62 -17.78
CA GLY A 7 -18.78 2.46 -17.33
C GLY A 7 -17.92 1.22 -17.20
N MET A 8 -17.45 0.96 -15.98
CA MET A 8 -16.61 -0.20 -15.72
C MET A 8 -17.10 -0.97 -14.50
N GLU A 9 -18.42 -1.13 -14.41
CA GLU A 9 -19.02 -1.85 -13.29
C GLU A 9 -19.26 -3.32 -13.66
N PRO A 10 -19.27 -4.19 -12.64
CA PRO A 10 -19.48 -5.62 -12.82
C PRO A 10 -20.92 -5.95 -13.24
N HIS A 11 -21.21 -7.23 -13.44
CA HIS A 11 -22.53 -7.67 -13.85
C HIS A 11 -23.38 -8.03 -12.63
N LYS A 12 -23.00 -9.10 -11.95
CA LYS A 12 -23.73 -9.54 -10.77
C LYS A 12 -22.82 -9.59 -9.56
N VAL A 13 -21.51 -9.73 -9.80
CA VAL A 13 -20.53 -9.79 -8.72
C VAL A 13 -20.12 -8.39 -8.29
N VAL A 14 -20.02 -8.19 -6.98
CA VAL A 14 -19.63 -6.90 -6.43
C VAL A 14 -18.55 -7.05 -5.37
N PRO A 15 -17.36 -6.51 -5.65
CA PRO A 15 -16.22 -6.58 -4.73
C PRO A 15 -16.43 -5.72 -3.48
N LEU A 16 -15.60 -5.94 -2.47
CA LEU A 16 -15.69 -5.17 -1.23
C LEU A 16 -15.28 -3.72 -1.44
N SER A 17 -15.39 -2.91 -0.39
CA SER A 17 -15.03 -1.51 -0.46
C SER A 17 -13.55 -1.33 -0.79
N LYS A 18 -13.25 -0.37 -1.65
CA LYS A 18 -11.87 -0.10 -2.05
C LYS A 18 -11.04 0.33 -0.85
N PRO A 19 -9.82 -0.24 -0.74
CA PRO A 19 -8.91 0.08 0.35
C PRO A 19 -8.33 1.49 0.25
N HIS A 20 -8.06 2.10 1.40
CA HIS A 20 -7.51 3.45 1.43
C HIS A 20 -5.99 3.42 1.35
N PRO A 21 -5.40 4.56 0.94
CA PRO A 21 -3.95 4.69 0.80
C PRO A 21 -3.23 4.69 2.14
N PRO A 22 -2.09 4.00 2.21
CA PRO A 22 -1.28 3.91 3.44
C PRO A 22 -0.62 5.24 3.79
N VAL A 23 -0.58 5.54 5.08
CA VAL A 23 0.03 6.78 5.56
C VAL A 23 1.53 6.62 5.76
N VAL A 24 2.25 7.72 5.70
CA VAL A 24 3.71 7.70 5.87
C VAL A 24 4.11 8.32 7.21
N GLY A 25 4.54 7.48 8.14
CA GLY A 25 4.96 7.96 9.44
C GLY A 25 6.36 8.52 9.44
N LYS A 26 7.36 7.65 9.56
CA LYS A 26 8.75 8.08 9.55
C LYS A 26 9.25 8.29 8.14
N VAL A 27 9.80 9.48 7.88
CA VAL A 27 10.33 9.81 6.56
C VAL A 27 11.85 9.97 6.60
N THR A 28 12.56 8.85 6.36
CA THR A 28 14.01 8.87 6.38
C THR A 28 14.58 8.85 4.96
N HIS A 29 15.71 9.51 4.76
CA HIS A 29 16.34 9.57 3.45
C HIS A 29 16.96 8.22 3.09
N HIS A 30 16.76 7.23 3.96
CA HIS A 30 17.30 5.90 3.74
C HIS A 30 16.18 4.87 3.66
N SER A 31 15.06 5.17 4.31
CA SER A 31 13.91 4.28 4.33
C SER A 31 12.60 5.06 4.38
N ILE A 32 11.49 4.35 4.29
CA ILE A 32 10.18 4.98 4.33
C ILE A 32 9.17 4.11 5.08
N GLU A 33 8.75 4.58 6.25
CA GLU A 33 7.79 3.84 7.07
C GLU A 33 6.36 4.12 6.60
N LEU A 34 5.49 3.12 6.75
CA LEU A 34 4.10 3.25 6.34
C LEU A 34 3.18 2.49 7.29
N TYR A 35 1.93 2.92 7.38
CA TYR A 35 0.96 2.28 8.25
C TYR A 35 -0.46 2.47 7.72
N TRP A 36 -1.11 1.37 7.38
CA TRP A 36 -2.47 1.41 6.86
C TRP A 36 -3.44 0.72 7.81
N ASP A 37 -3.24 0.92 9.10
CA ASP A 37 -4.10 0.31 10.12
C ASP A 37 -5.41 1.09 10.25
N LEU A 38 -5.69 1.96 9.29
CA LEU A 38 -6.90 2.77 9.31
C LEU A 38 -8.05 2.04 8.63
N GLU A 39 -7.87 0.73 8.40
CA GLU A 39 -8.89 -0.08 7.75
C GLU A 39 -9.32 -1.23 8.66
N GLN A 40 -8.38 -2.15 8.91
CA GLN A 40 -8.67 -3.30 9.77
C GLN A 40 -8.60 -2.93 11.24
N LYS A 41 -9.16 -1.76 11.57
CA LYS A 41 -9.17 -1.28 12.94
C LYS A 41 -10.33 -1.88 13.72
N GLU A 42 -10.82 -3.02 13.25
CA GLU A 42 -11.93 -3.71 13.90
C GLU A 42 -11.44 -4.87 14.74
N LYS A 43 -12.16 -5.17 15.82
CA LYS A 43 -11.79 -6.26 16.72
C LYS A 43 -11.57 -7.55 15.93
N ARG A 44 -11.23 -8.62 16.65
CA ARG A 44 -11.00 -9.92 16.02
C ARG A 44 -11.92 -10.99 16.61
N GLN A 45 -13.20 -10.66 16.74
CA GLN A 45 -14.17 -11.59 17.28
C GLN A 45 -13.86 -13.02 16.87
N GLY A 46 -13.65 -13.21 15.56
CA GLY A 46 -13.35 -14.54 15.04
C GLY A 46 -11.86 -14.85 15.09
N PRO A 47 -11.50 -16.05 14.61
CA PRO A 47 -10.11 -16.49 14.59
C PRO A 47 -9.27 -15.73 13.57
N GLN A 48 -7.96 -15.98 13.57
CA GLN A 48 -7.05 -15.31 12.65
C GLN A 48 -7.50 -15.51 11.20
N GLU A 49 -7.96 -16.71 10.89
CA GLU A 49 -8.43 -17.03 9.54
C GLU A 49 -9.44 -15.98 9.06
N GLN A 50 -10.05 -15.28 10.00
CA GLN A 50 -11.03 -14.25 9.67
C GLN A 50 -10.37 -12.88 9.54
N TRP A 51 -9.09 -12.89 9.22
CA TRP A 51 -8.33 -11.63 9.07
C TRP A 51 -8.24 -11.23 7.61
N LEU A 52 -7.93 -9.96 7.37
CA LEU A 52 -7.81 -9.44 6.01
C LEU A 52 -6.34 -9.43 5.57
N ARG A 53 -6.11 -9.78 4.30
CA ARG A 53 -4.77 -9.81 3.75
C ARG A 53 -4.36 -8.43 3.23
N PHE A 54 -3.06 -8.13 3.31
CA PHE A 54 -2.55 -6.85 2.84
C PHE A 54 -1.26 -7.04 2.06
N SER A 55 -1.32 -6.76 0.75
CA SER A 55 -0.16 -6.91 -0.11
C SER A 55 0.30 -5.55 -0.63
N ILE A 56 1.55 -5.19 -0.33
CA ILE A 56 2.12 -3.93 -0.76
C ILE A 56 3.04 -4.11 -1.95
N GLU A 57 2.86 -3.27 -2.97
CA GLU A 57 3.69 -3.35 -4.17
C GLU A 57 4.38 -2.02 -4.44
N GLU A 58 5.47 -2.06 -5.19
CA GLU A 58 6.24 -0.87 -5.52
C GLU A 58 6.48 -0.76 -7.02
N GLU A 59 6.26 0.43 -7.57
CA GLU A 59 6.44 0.66 -9.00
C GLU A 59 7.83 1.23 -9.27
N ASP A 60 8.30 1.05 -10.50
CA ASP A 60 9.62 1.54 -10.91
C ASP A 60 9.49 2.62 -11.97
N PRO A 61 10.18 3.75 -11.74
CA PRO A 61 10.17 4.89 -12.67
C PRO A 61 10.89 4.59 -13.97
N LYS A 62 11.72 3.55 -13.95
CA LYS A 62 12.47 3.15 -15.14
C LYS A 62 11.90 1.88 -15.76
N MET A 63 11.40 0.99 -14.91
CA MET A 63 10.82 -0.26 -15.37
C MET A 63 9.30 -0.14 -15.49
N HIS A 64 8.77 1.00 -15.05
CA HIS A 64 7.33 1.23 -15.10
C HIS A 64 6.56 -0.03 -14.74
N SER A 65 7.14 -0.84 -13.86
CA SER A 65 6.50 -2.07 -13.43
C SER A 65 6.39 -2.13 -11.91
N TYR A 66 5.45 -2.94 -11.42
CA TYR A 66 5.25 -3.08 -9.98
C TYR A 66 5.86 -4.37 -9.46
N GLY A 67 5.89 -4.52 -8.14
CA GLY A 67 6.45 -5.72 -7.55
C GLY A 67 6.08 -5.86 -6.08
N VAL A 68 5.49 -7.00 -5.73
CA VAL A 68 5.08 -7.27 -4.36
C VAL A 68 6.28 -7.22 -3.41
N ILE A 69 6.42 -6.11 -2.69
CA ILE A 69 7.52 -5.95 -1.75
C ILE A 69 7.20 -6.61 -0.41
N TYR A 70 5.93 -6.63 -0.06
CA TYR A 70 5.49 -7.23 1.19
C TYR A 70 4.16 -7.96 1.02
N THR A 71 4.01 -9.08 1.73
CA THR A 71 2.79 -9.87 1.65
C THR A 71 2.52 -10.61 2.96
N GLY A 72 1.46 -10.21 3.66
CA GLY A 72 1.12 -10.84 4.92
C GLY A 72 -0.20 -10.36 5.47
N TYR A 73 -0.33 -10.37 6.79
CA TYR A 73 -1.56 -9.92 7.45
C TYR A 73 -1.29 -8.76 8.38
N ALA A 74 -0.19 -8.05 8.14
CA ALA A 74 0.18 -6.91 8.96
C ALA A 74 -0.40 -5.61 8.39
N THR A 75 -0.13 -4.50 9.08
CA THR A 75 -0.62 -3.20 8.65
C THR A 75 0.52 -2.22 8.44
N ARG A 76 1.52 -2.29 9.31
CA ARG A 76 2.67 -1.40 9.22
C ARG A 76 3.73 -1.98 8.29
N HIS A 77 4.40 -1.11 7.53
CA HIS A 77 5.43 -1.54 6.60
C HIS A 77 6.35 -0.38 6.25
N VAL A 78 7.66 -0.59 6.44
CA VAL A 78 8.65 0.44 6.14
C VAL A 78 9.66 -0.05 5.12
N VAL A 79 9.48 0.36 3.87
CA VAL A 79 10.39 -0.05 2.80
C VAL A 79 11.84 0.17 3.20
N GLU A 80 12.53 -0.92 3.53
CA GLU A 80 13.92 -0.85 3.93
C GLU A 80 14.83 -0.73 2.71
N GLY A 81 15.99 -0.09 2.91
CA GLY A 81 16.93 0.08 1.82
C GLY A 81 16.41 1.02 0.74
N LEU A 82 16.57 2.32 0.95
CA LEU A 82 16.11 3.32 0.00
C LEU A 82 17.16 4.41 -0.19
N GLU A 83 17.07 5.12 -1.33
CA GLU A 83 18.01 6.18 -1.63
C GLU A 83 17.43 7.55 -1.28
N PRO A 84 18.31 8.49 -0.93
CA PRO A 84 17.91 9.85 -0.57
C PRO A 84 17.38 10.65 -1.75
N ARG A 85 16.36 11.46 -1.51
CA ARG A 85 15.76 12.27 -2.57
C ARG A 85 15.28 11.39 -3.71
N THR A 86 14.62 10.29 -3.39
CA THR A 86 14.12 9.36 -4.39
C THR A 86 12.64 9.06 -4.16
N LEU A 87 11.87 9.07 -5.24
CA LEU A 87 10.44 8.79 -5.16
C LEU A 87 10.18 7.29 -5.09
N TYR A 88 9.17 6.91 -4.31
CA TYR A 88 8.83 5.50 -4.16
C TYR A 88 7.31 5.32 -4.10
N LYS A 89 6.75 4.67 -5.11
CA LYS A 89 5.31 4.42 -5.18
C LYS A 89 4.95 3.13 -4.46
N PHE A 90 3.88 3.19 -3.68
CA PHE A 90 3.42 2.02 -2.93
C PHE A 90 1.90 1.87 -3.02
N ARG A 91 1.44 0.66 -3.28
CA ARG A 91 0.02 0.39 -3.39
C ARG A 91 -0.44 -0.61 -2.32
N LEU A 92 -1.64 -0.40 -1.81
CA LEU A 92 -2.19 -1.28 -0.77
C LEU A 92 -3.31 -2.13 -1.33
N LYS A 93 -3.15 -3.45 -1.25
CA LYS A 93 -4.15 -4.39 -1.75
C LYS A 93 -4.79 -5.16 -0.60
N VAL A 94 -6.08 -5.46 -0.73
CA VAL A 94 -6.80 -6.20 0.29
C VAL A 94 -7.65 -7.31 -0.33
N THR A 95 -7.72 -8.44 0.36
CA THR A 95 -8.51 -9.57 -0.12
C THR A 95 -9.37 -10.16 0.99
N SER A 96 -10.69 -10.02 0.85
CA SER A 96 -11.61 -10.54 1.85
C SER A 96 -11.40 -12.03 2.08
N PRO A 97 -11.79 -12.52 3.26
CA PRO A 97 -11.65 -13.92 3.64
C PRO A 97 -12.59 -14.83 2.84
N SER A 98 -13.31 -14.24 1.90
CA SER A 98 -14.25 -14.99 1.07
C SER A 98 -13.71 -15.17 -0.34
N GLY A 99 -12.93 -14.20 -0.80
CA GLY A 99 -12.36 -14.25 -2.13
C GLY A 99 -12.25 -12.88 -2.78
N GLU A 100 -13.20 -12.00 -2.46
CA GLU A 100 -13.19 -10.66 -3.03
C GLU A 100 -11.93 -9.90 -2.63
N TYR A 101 -11.52 -8.97 -3.48
CA TYR A 101 -10.32 -8.18 -3.22
C TYR A 101 -10.34 -6.88 -4.01
N GLU A 102 -9.58 -5.88 -3.54
CA GLU A 102 -9.51 -4.59 -4.20
C GLU A 102 -8.09 -4.04 -4.18
N TYR A 103 -7.93 -2.81 -4.67
CA TYR A 103 -6.63 -2.18 -4.71
C TYR A 103 -6.73 -0.70 -4.32
N SER A 104 -5.73 -0.23 -3.56
CA SER A 104 -5.71 1.16 -3.11
C SER A 104 -4.92 2.03 -4.09
N PRO A 105 -5.16 3.34 -4.02
CA PRO A 105 -4.48 4.31 -4.89
C PRO A 105 -3.00 4.46 -4.55
N VAL A 106 -2.15 4.12 -5.52
CA VAL A 106 -0.71 4.21 -5.33
C VAL A 106 -0.33 5.52 -4.65
N VAL A 107 0.55 5.42 -3.66
CA VAL A 107 1.01 6.60 -2.93
C VAL A 107 2.51 6.83 -3.12
N SER A 108 2.84 7.79 -3.98
CA SER A 108 4.24 8.11 -4.26
C SER A 108 4.81 9.04 -3.19
N VAL A 109 5.91 8.63 -2.59
CA VAL A 109 6.57 9.42 -1.55
C VAL A 109 8.07 9.48 -1.76
N ALA A 110 8.61 10.69 -1.78
CA ALA A 110 10.05 10.88 -1.98
C ALA A 110 10.76 11.09 -0.65
N THR A 111 11.73 10.24 -0.37
CA THR A 111 12.49 10.32 0.88
C THR A 111 13.15 11.69 1.02
N THR A 112 13.73 11.94 2.20
CA THR A 112 14.40 13.21 2.47
C THR A 112 15.86 13.16 2.03
N ARG A 113 16.59 14.25 2.28
CA ARG A 113 17.99 14.33 1.92
C ARG A 113 18.88 13.96 3.11
N GLU A 114 19.91 13.17 2.84
CA GLU A 114 20.83 12.75 3.89
C GLU A 114 21.28 13.95 4.74
N SER A 115 20.80 14.00 5.98
CA SER A 115 21.14 15.08 6.88
C SER A 115 22.56 14.92 7.42
N GLY A 116 22.98 13.66 7.58
CA GLY A 116 24.31 13.40 8.08
C GLY A 116 24.98 12.25 7.35
N PRO A 117 26.20 11.90 7.77
CA PRO A 117 26.98 10.81 7.18
C PRO A 117 26.38 9.43 7.47
N SER A 118 26.50 8.52 6.51
CA SER A 118 25.97 7.17 6.68
C SER A 118 26.71 6.43 7.78
N SER A 119 26.16 5.28 8.19
CA SER A 119 26.77 4.47 9.23
C SER A 119 27.48 3.27 8.64
N GLY A 120 28.18 3.49 7.53
CA GLY A 120 28.91 2.42 6.88
C GLY A 120 28.01 1.57 5.98
N GLY A 1 -8.33 19.27 -24.88
CA GLY A 1 -9.48 18.41 -24.70
C GLY A 1 -9.23 17.31 -23.68
N SER A 2 -9.10 16.08 -24.17
CA SER A 2 -8.86 14.93 -23.30
C SER A 2 -10.09 14.63 -22.45
N SER A 3 -11.26 14.70 -23.08
CA SER A 3 -12.52 14.43 -22.39
C SER A 3 -12.34 13.31 -21.36
N GLY A 4 -11.99 12.12 -21.85
CA GLY A 4 -11.81 10.99 -20.97
C GLY A 4 -13.00 10.04 -20.99
N SER A 5 -12.94 9.01 -20.14
CA SER A 5 -14.02 8.03 -20.06
C SER A 5 -14.26 7.60 -18.62
N SER A 6 -15.50 7.27 -18.31
CA SER A 6 -15.87 6.84 -16.97
C SER A 6 -17.15 6.01 -16.99
N GLY A 7 -17.36 5.22 -15.94
CA GLY A 7 -18.54 4.38 -15.87
C GLY A 7 -18.20 2.90 -15.84
N MET A 8 -17.49 2.47 -14.79
CA MET A 8 -17.10 1.08 -14.64
C MET A 8 -17.74 0.46 -13.41
N GLU A 9 -18.52 -0.59 -13.61
CA GLU A 9 -19.19 -1.27 -12.50
C GLU A 9 -18.94 -2.77 -12.57
N PRO A 10 -18.79 -3.38 -11.38
CA PRO A 10 -18.54 -4.84 -11.27
C PRO A 10 -19.77 -5.66 -11.66
N HIS A 11 -19.60 -6.98 -11.70
CA HIS A 11 -20.69 -7.87 -12.06
C HIS A 11 -21.88 -7.69 -11.12
N LYS A 12 -22.93 -8.47 -11.34
CA LYS A 12 -24.12 -8.39 -10.52
C LYS A 12 -23.77 -8.32 -9.03
N VAL A 13 -22.62 -8.90 -8.69
CA VAL A 13 -22.16 -8.89 -7.31
C VAL A 13 -21.41 -7.62 -6.97
N VAL A 14 -21.62 -7.11 -5.76
CA VAL A 14 -20.96 -5.88 -5.31
C VAL A 14 -19.74 -6.20 -4.45
N PRO A 15 -18.55 -5.89 -4.98
CA PRO A 15 -17.28 -6.12 -4.27
C PRO A 15 -17.11 -5.20 -3.08
N LEU A 16 -16.14 -5.51 -2.22
CA LEU A 16 -15.87 -4.71 -1.04
C LEU A 16 -15.35 -3.33 -1.43
N SER A 17 -15.42 -2.39 -0.49
CA SER A 17 -14.97 -1.03 -0.73
C SER A 17 -13.46 -0.99 -0.98
N LYS A 18 -13.04 -0.15 -1.91
CA LYS A 18 -11.62 -0.01 -2.23
C LYS A 18 -10.82 0.48 -1.02
N PRO A 19 -9.65 -0.12 -0.81
CA PRO A 19 -8.77 0.23 0.31
C PRO A 19 -8.14 1.62 0.14
N HIS A 20 -8.09 2.38 1.22
CA HIS A 20 -7.52 3.72 1.19
C HIS A 20 -5.99 3.65 1.15
N PRO A 21 -5.37 4.77 0.75
CA PRO A 21 -3.90 4.86 0.66
C PRO A 21 -3.24 4.87 2.04
N PRO A 22 -2.10 4.18 2.15
CA PRO A 22 -1.35 4.09 3.40
C PRO A 22 -0.69 5.42 3.78
N VAL A 23 -0.62 5.69 5.07
CA VAL A 23 -0.02 6.93 5.56
C VAL A 23 1.49 6.75 5.79
N VAL A 24 2.21 7.86 5.78
CA VAL A 24 3.66 7.83 6.00
C VAL A 24 4.04 8.59 7.27
N GLY A 25 4.39 7.83 8.31
CA GLY A 25 4.77 8.44 9.57
C GLY A 25 6.23 8.88 9.59
N LYS A 26 7.13 7.92 9.74
CA LYS A 26 8.56 8.21 9.77
C LYS A 26 9.14 8.24 8.36
N VAL A 27 9.89 9.28 8.05
CA VAL A 27 10.51 9.42 6.74
C VAL A 27 12.03 9.45 6.84
N THR A 28 12.66 8.30 6.58
CA THR A 28 14.10 8.19 6.65
C THR A 28 14.72 8.20 5.26
N HIS A 29 15.94 8.71 5.16
CA HIS A 29 16.65 8.79 3.88
C HIS A 29 17.16 7.40 3.47
N HIS A 30 16.80 6.38 4.25
CA HIS A 30 17.22 5.02 3.96
C HIS A 30 16.02 4.09 3.85
N SER A 31 14.86 4.58 4.27
CA SER A 31 13.63 3.79 4.22
C SER A 31 12.40 4.69 4.32
N ILE A 32 11.23 4.08 4.26
CA ILE A 32 9.98 4.82 4.35
C ILE A 32 8.96 4.07 5.20
N GLU A 33 8.46 4.73 6.24
CA GLU A 33 7.48 4.13 7.13
C GLU A 33 6.07 4.24 6.54
N LEU A 34 5.30 3.16 6.64
CA LEU A 34 3.95 3.14 6.12
C LEU A 34 3.02 2.36 7.05
N TYR A 35 1.83 2.89 7.26
CA TYR A 35 0.84 2.24 8.13
C TYR A 35 -0.58 2.46 7.61
N TRP A 36 -1.26 1.36 7.32
CA TRP A 36 -2.63 1.44 6.82
C TRP A 36 -3.63 0.95 7.87
N ASP A 37 -3.15 0.82 9.11
CA ASP A 37 -4.00 0.37 10.20
C ASP A 37 -5.42 0.93 10.07
N LEU A 38 -5.53 2.09 9.42
CA LEU A 38 -6.83 2.73 9.21
C LEU A 38 -7.89 1.70 8.84
N GLU A 39 -7.59 0.90 7.82
CA GLU A 39 -8.52 -0.12 7.36
C GLU A 39 -9.10 -0.91 8.54
N GLN A 40 -8.26 -1.73 9.17
CA GLN A 40 -8.69 -2.53 10.32
C GLN A 40 -9.03 -1.64 11.50
N LYS A 41 -8.00 -1.12 12.17
CA LYS A 41 -8.19 -0.26 13.33
C LYS A 41 -9.44 -0.65 14.11
N GLU A 42 -9.59 -1.94 14.38
CA GLU A 42 -10.74 -2.44 15.11
C GLU A 42 -10.43 -3.78 15.78
N LYS A 43 -11.07 -4.04 16.91
CA LYS A 43 -10.86 -5.28 17.64
C LYS A 43 -10.61 -6.44 16.68
N ARG A 44 -9.58 -7.22 16.97
CA ARG A 44 -9.23 -8.36 16.14
C ARG A 44 -10.04 -9.59 16.54
N GLN A 45 -11.36 -9.43 16.60
CA GLN A 45 -12.24 -10.53 16.97
C GLN A 45 -12.09 -11.70 16.00
N GLY A 46 -12.52 -12.87 16.43
CA GLY A 46 -12.43 -14.05 15.60
C GLY A 46 -10.99 -14.53 15.41
N PRO A 47 -10.82 -15.74 14.87
CA PRO A 47 -9.50 -16.33 14.64
C PRO A 47 -8.74 -15.61 13.52
N GLN A 48 -7.46 -15.96 13.38
CA GLN A 48 -6.63 -15.35 12.36
C GLN A 48 -7.22 -15.57 10.97
N GLU A 49 -7.82 -16.73 10.76
CA GLU A 49 -8.43 -17.06 9.48
C GLU A 49 -9.53 -16.07 9.13
N GLN A 50 -10.03 -15.37 10.13
CA GLN A 50 -11.09 -14.38 9.94
C GLN A 50 -10.51 -12.98 9.77
N TRP A 51 -9.20 -12.91 9.49
CA TRP A 51 -8.53 -11.63 9.30
C TRP A 51 -8.49 -11.25 7.83
N LEU A 52 -7.82 -10.15 7.53
CA LEU A 52 -7.69 -9.67 6.15
C LEU A 52 -6.24 -9.68 5.69
N ARG A 53 -6.03 -10.02 4.43
CA ARG A 53 -4.69 -10.07 3.87
C ARG A 53 -4.33 -8.74 3.20
N PHE A 54 -3.10 -8.29 3.43
CA PHE A 54 -2.63 -7.03 2.86
C PHE A 54 -1.31 -7.23 2.11
N SER A 55 -1.31 -6.87 0.83
CA SER A 55 -0.12 -7.01 -0.01
C SER A 55 0.32 -5.66 -0.57
N ILE A 56 1.53 -5.24 -0.21
CA ILE A 56 2.07 -3.97 -0.68
C ILE A 56 3.03 -4.17 -1.85
N GLU A 57 2.86 -3.37 -2.89
CA GLU A 57 3.71 -3.45 -4.07
C GLU A 57 4.36 -2.11 -4.37
N GLU A 58 5.33 -2.13 -5.29
CA GLU A 58 6.04 -0.90 -5.67
C GLU A 58 6.30 -0.88 -7.17
N GLU A 59 6.28 0.32 -7.74
CA GLU A 59 6.52 0.49 -9.17
C GLU A 59 8.00 0.72 -9.46
N ASP A 60 8.46 0.25 -10.60
CA ASP A 60 9.86 0.40 -11.00
C ASP A 60 10.00 1.40 -12.14
N PRO A 61 10.84 2.42 -11.94
CA PRO A 61 11.07 3.46 -12.94
C PRO A 61 11.84 2.94 -14.15
N LYS A 62 12.55 1.83 -13.96
CA LYS A 62 13.32 1.21 -15.04
C LYS A 62 12.57 0.04 -15.66
N MET A 63 11.97 -0.79 -14.80
CA MET A 63 11.22 -1.95 -15.26
C MET A 63 9.78 -1.56 -15.59
N HIS A 64 9.37 -0.37 -15.17
CA HIS A 64 8.02 0.12 -15.42
C HIS A 64 6.99 -0.94 -15.04
N SER A 65 7.32 -1.75 -14.04
CA SER A 65 6.42 -2.80 -13.58
C SER A 65 6.27 -2.77 -12.07
N TYR A 66 5.30 -3.51 -11.55
CA TYR A 66 5.05 -3.56 -10.12
C TYR A 66 5.52 -4.89 -9.53
N GLY A 67 5.86 -4.88 -8.25
CA GLY A 67 6.32 -6.09 -7.59
C GLY A 67 5.92 -6.14 -6.13
N VAL A 68 5.52 -7.32 -5.67
CA VAL A 68 5.11 -7.50 -4.29
C VAL A 68 6.30 -7.36 -3.34
N ILE A 69 6.41 -6.20 -2.70
CA ILE A 69 7.50 -5.93 -1.77
C ILE A 69 7.20 -6.54 -0.41
N TYR A 70 5.93 -6.51 -0.01
CA TYR A 70 5.52 -7.06 1.28
C TYR A 70 4.18 -7.77 1.17
N THR A 71 4.03 -8.85 1.92
CA THR A 71 2.80 -9.63 1.90
C THR A 71 2.54 -10.30 3.26
N GLY A 72 1.33 -10.15 3.78
CA GLY A 72 0.99 -10.74 5.05
C GLY A 72 -0.32 -10.22 5.61
N TYR A 73 -0.41 -10.17 6.94
CA TYR A 73 -1.62 -9.68 7.60
C TYR A 73 -1.29 -8.55 8.56
N ALA A 74 -0.19 -7.85 8.29
CA ALA A 74 0.23 -6.74 9.13
C ALA A 74 -0.41 -5.43 8.69
N THR A 75 -0.10 -4.35 9.38
CA THR A 75 -0.65 -3.04 9.05
C THR A 75 0.46 -2.06 8.66
N ARG A 76 1.58 -2.13 9.36
CA ARG A 76 2.71 -1.26 9.09
C ARG A 76 3.68 -1.91 8.10
N HIS A 77 4.50 -1.09 7.46
CA HIS A 77 5.48 -1.58 6.50
C HIS A 77 6.52 -0.52 6.19
N VAL A 78 7.75 -0.77 6.62
CA VAL A 78 8.85 0.17 6.39
C VAL A 78 9.71 -0.28 5.22
N VAL A 79 9.45 0.30 4.05
CA VAL A 79 10.20 -0.02 2.84
C VAL A 79 11.70 0.17 3.06
N GLU A 80 12.42 -0.93 3.22
CA GLU A 80 13.87 -0.88 3.44
C GLU A 80 14.61 -0.84 2.11
N GLY A 81 15.89 -0.47 2.16
CA GLY A 81 16.69 -0.40 0.96
C GLY A 81 16.24 0.71 0.02
N LEU A 82 16.36 1.95 0.47
CA LEU A 82 15.96 3.10 -0.33
C LEU A 82 17.12 4.09 -0.46
N GLU A 83 16.93 5.10 -1.33
CA GLU A 83 17.95 6.11 -1.54
C GLU A 83 17.49 7.47 -1.04
N PRO A 84 18.46 8.31 -0.65
CA PRO A 84 18.18 9.66 -0.13
C PRO A 84 17.65 10.60 -1.22
N ARG A 85 16.61 11.36 -0.88
CA ARG A 85 16.02 12.29 -1.83
C ARG A 85 15.47 11.57 -3.05
N THR A 86 14.84 10.41 -2.82
CA THR A 86 14.28 9.61 -3.90
C THR A 86 12.80 9.34 -3.67
N LEU A 87 12.03 9.37 -4.75
CA LEU A 87 10.59 9.12 -4.67
C LEU A 87 10.27 7.64 -4.90
N TYR A 88 9.23 7.15 -4.24
CA TYR A 88 8.83 5.77 -4.38
C TYR A 88 7.31 5.64 -4.37
N LYS A 89 6.78 4.81 -5.27
CA LYS A 89 5.35 4.60 -5.37
C LYS A 89 4.96 3.21 -4.86
N PHE A 90 3.89 3.16 -4.07
CA PHE A 90 3.42 1.88 -3.52
C PHE A 90 1.90 1.81 -3.55
N ARG A 91 1.38 0.62 -3.82
CA ARG A 91 -0.06 0.41 -3.89
C ARG A 91 -0.51 -0.62 -2.84
N LEU A 92 -1.51 -0.24 -2.05
CA LEU A 92 -2.03 -1.13 -1.01
C LEU A 92 -3.17 -2.00 -1.55
N LYS A 93 -3.09 -3.30 -1.29
CA LYS A 93 -4.12 -4.22 -1.74
C LYS A 93 -4.68 -5.03 -0.58
N VAL A 94 -5.91 -5.51 -0.73
CA VAL A 94 -6.56 -6.29 0.31
C VAL A 94 -7.46 -7.37 -0.29
N THR A 95 -7.65 -8.45 0.45
CA THR A 95 -8.49 -9.56 -0.02
C THR A 95 -9.35 -10.10 1.11
N SER A 96 -10.66 -9.93 0.99
CA SER A 96 -11.59 -10.41 2.00
C SER A 96 -11.43 -11.91 2.23
N PRO A 97 -11.85 -12.37 3.42
CA PRO A 97 -11.75 -13.78 3.80
C PRO A 97 -12.71 -14.66 3.02
N SER A 98 -13.42 -14.05 2.06
CA SER A 98 -14.38 -14.77 1.23
C SER A 98 -13.87 -14.90 -0.20
N GLY A 99 -13.13 -13.90 -0.65
CA GLY A 99 -12.60 -13.92 -2.00
C GLY A 99 -12.47 -12.53 -2.60
N GLU A 100 -13.39 -11.65 -2.22
CA GLU A 100 -13.38 -10.28 -2.73
C GLU A 100 -12.04 -9.61 -2.47
N TYR A 101 -11.66 -8.68 -3.34
CA TYR A 101 -10.39 -7.97 -3.21
C TYR A 101 -10.44 -6.65 -3.97
N GLU A 102 -9.69 -5.67 -3.46
CA GLU A 102 -9.64 -4.35 -4.10
C GLU A 102 -8.22 -3.77 -4.02
N TYR A 103 -7.95 -2.78 -4.87
CA TYR A 103 -6.65 -2.15 -4.90
C TYR A 103 -6.74 -0.68 -4.48
N SER A 104 -5.71 -0.20 -3.79
CA SER A 104 -5.68 1.19 -3.33
C SER A 104 -4.93 2.07 -4.31
N PRO A 105 -5.18 3.39 -4.24
CA PRO A 105 -4.53 4.37 -5.11
C PRO A 105 -3.05 4.54 -4.81
N VAL A 106 -2.22 4.27 -5.80
CA VAL A 106 -0.77 4.39 -5.65
C VAL A 106 -0.41 5.65 -4.89
N VAL A 107 0.59 5.54 -4.01
CA VAL A 107 1.04 6.68 -3.21
C VAL A 107 2.53 6.91 -3.39
N SER A 108 2.87 8.09 -3.91
CA SER A 108 4.27 8.44 -4.14
C SER A 108 4.82 9.26 -2.96
N VAL A 109 5.97 8.83 -2.44
CA VAL A 109 6.60 9.52 -1.33
C VAL A 109 8.11 9.62 -1.53
N ALA A 110 8.68 10.77 -1.16
CA ALA A 110 10.11 10.99 -1.30
C ALA A 110 10.79 11.03 0.06
N THR A 111 11.81 10.19 0.23
CA THR A 111 12.54 10.12 1.48
C THR A 111 13.24 11.44 1.79
N THR A 112 14.03 11.46 2.85
CA THR A 112 14.75 12.67 3.25
C THR A 112 16.20 12.62 2.77
N ARG A 113 16.92 13.70 3.04
CA ARG A 113 18.32 13.78 2.63
C ARG A 113 19.24 13.14 3.67
N GLU A 114 20.29 12.47 3.20
CA GLU A 114 21.24 11.81 4.09
C GLU A 114 21.57 12.70 5.28
N SER A 115 21.07 12.32 6.45
CA SER A 115 21.32 13.08 7.67
C SER A 115 22.76 12.89 8.16
N GLY A 116 23.52 13.98 8.16
CA GLY A 116 24.91 13.90 8.60
C GLY A 116 25.21 14.90 9.69
N PRO A 117 26.51 15.23 9.85
CA PRO A 117 26.97 16.18 10.86
C PRO A 117 26.54 17.61 10.55
N SER A 118 26.91 18.54 11.44
CA SER A 118 26.56 19.94 11.25
C SER A 118 27.81 20.82 11.27
N SER A 119 27.90 21.74 10.32
CA SER A 119 29.04 22.63 10.23
C SER A 119 29.50 23.08 11.61
N GLY A 120 28.59 23.75 12.33
CA GLY A 120 28.92 24.22 13.67
C GLY A 120 28.43 23.28 14.75
#